data_9EMC
#
_entry.id   9EMC
#
_cell.length_a   1.00
_cell.length_b   1.00
_cell.length_c   1.00
_cell.angle_alpha   90.00
_cell.angle_beta   90.00
_cell.angle_gamma   90.00
#
_symmetry.space_group_name_H-M   'P 1'
#
loop_
_entity.id
_entity.type
_entity.pdbx_description
1 polymer 'RuvB-like 1'
2 polymer 'RuvB-like 2'
3 non-polymer "ADENOSINE-5'-TRIPHOSPHATE"
4 non-polymer 'MAGNESIUM ION'
#
loop_
_entity_poly.entity_id
_entity_poly.type
_entity_poly.pdbx_seq_one_letter_code
_entity_poly.pdbx_strand_id
1 'polypeptide(L)'
;GSHMKIEEVKSTTKTQRIASHSHVKGLGLDESGLAKQAASGLVGQENAREACGVIVELIKSKKMAGRAVLLAGPPGTGKT
ALALAIAQELGSKVPFCPMVGSEVYSTEIKKTEVLMENFRRAIGLRIKETKEVYEGEVTELTPCETENPMGGYGKTISHV
IIGLKTAKGTKQLKLDPSIFESLQKERVEAGDVIYIEANSGAVKRQGRCDTYATEFDLEAEEYVPLPKGDVHKKKEIIQD
VTLHDLDVANARPQGGQDILSMMGQLMKPKKTEITDKLRGEINKVVNKYIDQGIAELVPGVLFVDEVHMLDIECFTYLHR
ALESSIAPIVIFASNRGNCVIRGTEDITSPHGIPLDLLDRVMIIRTMLYTPQEMKQIIKIRAQTEGINISEEALNHLGEI
GTKTTLRYSVQLLTPANLLAKINGKDSIEKEHVEEISELFYDAKSSAKILADQQDKYMK
;
A,B,C
2 'polypeptide(L)'
;MADLNWISAGHAIADVGTMATVTATTKVPEIRDVTRIERIGAHSHIRGLGLDDALEPRQASQGMVGQLAARRAAGVVLEM
IREGKIAGRAVLIAGQPGTGKTAIAMGMAQALGPDTPFTAIAGSEIFSLEMSKTEALTQAFRRSIGVRIKEETEIIEGEV
VEIQIDRPATGTGSKVGKLTLKTTEMETIYDLGTKMIESLTKDKVQAGDVITIDKATGKISKLGRSFTRARDYDAMGSQT
KFVQCPDGELQKRKEVVHTVSLHEIDVINSRTQGFLALFSGDTGEIKSEVREQINAKVAEWREEGKAEIIPGVLFIDEVH
MLDIESFSFLNRALESDMAPVLIMATNRGITRIRGTSYQSPHGIPIDLLDRLLIVSTTPYSEKDTKQILRIRCEEEDVEM
SEDAYTVLTRIGLETSLRYAIQLITAASLVCRKRKGTEVQVDDIKRVYSLFLDESRSTQYMKEYQDAFLFNELKGETMDT
S
;
D,F,E
#
# COMPACT_ATOMS: atom_id res chain seq x y z
N THR A 15 -43.85 -14.24 4.30
CA THR A 15 -44.01 -12.80 4.19
C THR A 15 -42.66 -12.13 3.94
N GLN A 16 -42.70 -11.02 3.20
CA GLN A 16 -41.50 -10.23 2.94
C GLN A 16 -41.07 -9.50 4.22
N ARG A 17 -39.76 -9.35 4.39
CA ARG A 17 -39.21 -8.62 5.51
C ARG A 17 -39.46 -7.13 5.34
N ILE A 18 -39.63 -6.43 6.46
CA ILE A 18 -39.93 -5.00 6.46
C ILE A 18 -38.66 -4.30 6.92
N ALA A 19 -38.12 -3.44 6.08
CA ALA A 19 -36.87 -2.78 6.39
C ALA A 19 -37.12 -1.30 6.58
N SER A 20 -36.04 -0.54 6.70
CA SER A 20 -36.13 0.90 6.54
C SER A 20 -36.43 1.24 5.08
N HIS A 21 -37.15 2.37 4.91
CA HIS A 21 -37.76 2.86 3.66
C HIS A 21 -38.69 1.83 2.99
N SER A 22 -39.37 0.99 3.77
CA SER A 22 -40.31 0.07 3.16
C SER A 22 -41.67 0.71 2.93
N HIS A 23 -41.95 1.80 3.61
CA HIS A 23 -43.17 2.59 3.46
C HIS A 23 -43.10 3.59 2.31
N VAL A 24 -41.93 3.78 1.72
CA VAL A 24 -41.75 4.76 0.66
C VAL A 24 -42.25 4.16 -0.64
N LYS A 25 -43.31 4.75 -1.21
CA LYS A 25 -43.90 4.22 -2.43
C LYS A 25 -43.95 5.28 -3.52
N GLY A 26 -43.01 6.21 -3.51
CA GLY A 26 -42.97 7.29 -4.47
C GLY A 26 -43.13 8.65 -3.82
N LEU A 27 -42.86 9.67 -4.61
CA LEU A 27 -43.05 11.04 -4.18
C LEU A 27 -44.54 11.35 -4.14
N GLY A 28 -44.95 12.19 -3.19
CA GLY A 28 -46.37 12.48 -3.08
C GLY A 28 -46.83 13.71 -3.84
N LEU A 29 -46.82 13.66 -5.16
CA LEU A 29 -47.18 14.82 -5.96
C LEU A 29 -48.51 14.62 -6.66
N ASP A 30 -49.20 15.74 -6.94
CA ASP A 30 -50.44 15.65 -7.70
C ASP A 30 -50.13 15.83 -9.19
N GLU A 31 -51.17 16.12 -9.98
CA GLU A 31 -51.02 16.45 -11.39
C GLU A 31 -50.27 17.77 -11.61
N SER A 32 -50.42 18.74 -10.71
CA SER A 32 -49.74 20.02 -10.88
C SER A 32 -48.26 19.99 -10.48
N GLY A 33 -47.80 18.93 -9.84
CA GLY A 33 -46.41 18.81 -9.44
C GLY A 33 -46.06 19.38 -8.08
N LEU A 34 -47.03 19.96 -7.38
CA LEU A 34 -46.83 20.41 -6.01
C LEU A 34 -46.84 19.21 -5.07
N ALA A 35 -46.16 19.34 -3.93
CA ALA A 35 -46.09 18.21 -3.02
C ALA A 35 -47.28 18.23 -2.07
N LYS A 36 -47.90 17.07 -1.88
CA LYS A 36 -48.87 16.93 -0.81
C LYS A 36 -48.16 16.85 0.54
N GLN A 37 -48.90 17.21 1.60
CA GLN A 37 -48.37 17.13 2.96
C GLN A 37 -48.14 15.69 3.41
N ALA A 38 -49.01 14.76 2.99
CA ALA A 38 -48.87 13.36 3.38
C ALA A 38 -49.44 12.50 2.27
N ALA A 39 -48.57 11.99 1.41
CA ALA A 39 -49.02 11.08 0.35
C ALA A 39 -47.90 10.12 0.03
N SER A 40 -48.29 8.86 -0.23
CA SER A 40 -47.45 7.73 -0.66
C SER A 40 -46.31 7.42 0.31
N GLY A 41 -46.53 7.61 1.60
CA GLY A 41 -45.55 7.32 2.62
C GLY A 41 -44.58 8.44 2.89
N LEU A 42 -44.66 9.56 2.16
CA LEU A 42 -43.79 10.71 2.38
C LEU A 42 -44.55 11.79 3.12
N VAL A 43 -43.92 12.37 4.14
CA VAL A 43 -44.54 13.38 4.99
C VAL A 43 -43.59 14.57 5.07
N GLY A 44 -44.12 15.76 4.76
CA GLY A 44 -43.36 16.98 4.86
C GLY A 44 -42.41 17.11 3.70
N GLN A 45 -41.48 18.06 3.86
CA GLN A 45 -40.32 18.32 3.00
C GLN A 45 -40.73 18.65 1.56
N GLU A 46 -41.64 19.63 1.45
CA GLU A 46 -42.34 19.85 0.21
C GLU A 46 -41.48 20.48 -0.88
N ASN A 47 -40.46 21.28 -0.51
CA ASN A 47 -39.57 21.91 -1.49
C ASN A 47 -38.65 20.87 -2.12
N ALA A 48 -38.16 19.94 -1.31
CA ALA A 48 -37.34 18.85 -1.79
C ALA A 48 -38.14 17.84 -2.61
N ARG A 49 -39.44 17.72 -2.35
CA ARG A 49 -40.23 16.78 -3.12
C ARG A 49 -40.66 17.34 -4.48
N GLU A 50 -40.96 18.67 -4.58
CA GLU A 50 -41.17 19.25 -5.90
C GLU A 50 -39.89 19.32 -6.72
N ALA A 51 -38.74 19.52 -6.05
CA ALA A 51 -37.47 19.52 -6.76
C ALA A 51 -37.09 18.11 -7.24
N CYS A 52 -37.42 17.08 -6.44
CA CYS A 52 -37.19 15.71 -6.89
C CYS A 52 -38.21 15.30 -7.95
N GLY A 53 -39.38 15.92 -8.00
CA GLY A 53 -40.31 15.61 -9.06
C GLY A 53 -39.93 16.22 -10.40
N VAL A 54 -39.28 17.39 -10.36
CA VAL A 54 -38.69 17.98 -11.57
C VAL A 54 -37.51 17.13 -12.05
N ILE A 55 -36.77 16.51 -11.13
CA ILE A 55 -35.67 15.58 -11.53
C ILE A 55 -36.25 14.30 -12.16
N VAL A 56 -37.36 13.78 -11.62
CA VAL A 56 -38.01 12.55 -12.18
C VAL A 56 -38.42 12.82 -13.64
N GLU A 57 -38.96 14.00 -13.94
CA GLU A 57 -39.37 14.36 -15.30
C GLU A 57 -38.15 14.37 -16.23
N LEU A 58 -36.99 14.82 -15.73
CA LEU A 58 -35.73 14.82 -16.53
C LEU A 58 -35.34 13.37 -16.87
N ILE A 59 -35.39 12.47 -15.89
CA ILE A 59 -34.94 11.06 -16.13
C ILE A 59 -35.88 10.42 -17.16
N LYS A 60 -37.13 10.86 -17.22
CA LYS A 60 -38.13 10.28 -18.15
C LYS A 60 -38.04 10.92 -19.55
N SER A 61 -37.63 12.19 -19.63
CA SER A 61 -37.50 12.91 -20.93
C SER A 61 -36.46 12.18 -21.77
N LYS A 62 -35.64 11.37 -21.12
CA LYS A 62 -34.54 10.63 -21.78
C LYS A 62 -33.77 11.47 -22.80
N LYS A 63 -33.65 12.76 -22.56
CA LYS A 63 -33.04 13.69 -23.50
C LYS A 63 -31.68 14.18 -23.05
N MET A 64 -31.45 14.27 -21.74
CA MET A 64 -30.24 14.80 -21.18
C MET A 64 -29.35 13.66 -20.69
N ALA A 65 -28.07 13.98 -20.51
CA ALA A 65 -27.12 12.99 -20.09
C ALA A 65 -26.12 13.62 -19.16
N GLY A 66 -25.79 12.93 -18.08
CA GLY A 66 -24.73 13.40 -17.21
C GLY A 66 -25.11 14.53 -16.28
N ARG A 67 -26.39 14.82 -16.11
CA ARG A 67 -26.77 15.81 -15.12
C ARG A 67 -26.63 15.23 -13.72
N ALA A 68 -26.31 16.09 -12.77
CA ALA A 68 -25.97 15.62 -11.44
C ALA A 68 -26.72 16.39 -10.37
N VAL A 69 -27.27 15.65 -9.42
CA VAL A 69 -28.09 16.18 -8.34
C VAL A 69 -27.39 15.83 -7.04
N LEU A 70 -27.29 16.79 -6.12
CA LEU A 70 -26.85 16.54 -4.77
C LEU A 70 -28.02 16.73 -3.81
N LEU A 71 -28.34 15.71 -3.04
CA LEU A 71 -29.21 15.87 -1.88
C LEU A 71 -28.34 16.20 -0.69
N ALA A 72 -28.67 17.27 0.02
CA ALA A 72 -27.84 17.71 1.13
C ALA A 72 -28.72 18.01 2.34
N GLY A 73 -28.17 17.79 3.51
CA GLY A 73 -28.89 18.09 4.73
C GLY A 73 -28.35 17.38 5.96
N PRO A 74 -29.04 17.57 7.10
CA PRO A 74 -28.70 16.82 8.31
C PRO A 74 -29.05 15.35 8.18
N PRO A 75 -28.38 14.48 8.95
CA PRO A 75 -28.78 13.07 9.01
C PRO A 75 -30.15 12.84 9.63
N GLY A 76 -30.93 11.99 8.95
CA GLY A 76 -32.31 11.75 9.41
C GLY A 76 -33.26 12.78 8.85
N THR A 77 -33.09 13.17 7.58
CA THR A 77 -33.93 14.26 7.03
C THR A 77 -34.49 13.89 5.68
N GLY A 78 -34.44 12.60 5.33
CA GLY A 78 -35.03 12.14 4.06
C GLY A 78 -34.13 12.42 2.88
N LYS A 79 -32.95 11.78 2.83
CA LYS A 79 -32.06 11.93 1.64
C LYS A 79 -32.06 10.60 0.89
N THR A 80 -31.92 9.49 1.62
CA THR A 80 -31.99 8.15 0.98
C THR A 80 -33.44 7.84 0.68
N ALA A 81 -34.35 8.44 1.43
CA ALA A 81 -35.79 8.16 1.26
C ALA A 81 -36.29 8.90 0.03
N LEU A 82 -35.74 10.08 -0.26
CA LEU A 82 -36.20 10.90 -1.40
C LEU A 82 -35.66 10.30 -2.70
N ALA A 83 -34.50 9.67 -2.67
CA ALA A 83 -33.99 9.01 -3.86
C ALA A 83 -34.62 7.65 -4.10
N LEU A 84 -35.07 6.98 -3.05
CA LEU A 84 -35.82 5.75 -3.26
C LEU A 84 -37.26 6.06 -3.66
N ALA A 85 -37.76 7.25 -3.32
CA ALA A 85 -39.03 7.70 -3.88
C ALA A 85 -38.92 8.04 -5.35
N ILE A 86 -37.73 8.51 -5.79
CA ILE A 86 -37.45 8.70 -7.21
C ILE A 86 -37.41 7.35 -7.93
N ALA A 87 -36.81 6.35 -7.28
CA ALA A 87 -36.75 4.99 -7.82
C ALA A 87 -38.11 4.30 -7.84
N GLN A 88 -39.01 4.65 -6.93
CA GLN A 88 -40.37 4.12 -7.02
C GLN A 88 -41.20 4.86 -8.06
N GLU A 89 -40.90 6.15 -8.30
CA GLU A 89 -41.66 6.88 -9.31
C GLU A 89 -41.21 6.53 -10.72
N LEU A 90 -40.00 6.02 -10.89
CA LEU A 90 -39.58 5.60 -12.22
C LEU A 90 -40.02 4.18 -12.53
N GLY A 91 -40.12 3.32 -11.52
CA GLY A 91 -40.47 1.93 -11.74
C GLY A 91 -39.29 1.07 -12.12
N SER A 92 -39.59 -0.19 -12.41
CA SER A 92 -38.56 -1.16 -12.76
C SER A 92 -38.15 -1.11 -14.22
N LYS A 93 -38.85 -0.32 -15.03
CA LYS A 93 -38.48 -0.13 -16.43
C LYS A 93 -37.23 0.72 -16.59
N VAL A 94 -37.15 1.82 -15.86
CA VAL A 94 -35.93 2.63 -15.80
C VAL A 94 -34.93 1.94 -14.87
N PRO A 95 -33.69 1.72 -15.30
CA PRO A 95 -32.65 1.20 -14.38
C PRO A 95 -32.30 2.17 -13.27
N PHE A 96 -31.97 1.60 -12.12
CA PHE A 96 -31.55 2.34 -10.94
C PHE A 96 -30.38 1.57 -10.35
N CYS A 97 -29.31 2.27 -10.02
CA CYS A 97 -28.09 1.63 -9.56
C CYS A 97 -27.69 2.30 -8.26
N PRO A 98 -28.20 1.84 -7.10
CA PRO A 98 -27.67 2.31 -5.83
C PRO A 98 -26.23 1.88 -5.61
N MET A 99 -25.47 2.76 -4.98
CA MET A 99 -24.04 2.57 -4.83
C MET A 99 -23.56 3.40 -3.65
N VAL A 100 -22.90 2.77 -2.71
CA VAL A 100 -22.27 3.49 -1.61
C VAL A 100 -20.98 4.08 -2.16
N GLY A 101 -20.56 5.24 -1.66
CA GLY A 101 -19.35 5.86 -2.17
C GLY A 101 -18.06 5.26 -1.67
N SER A 102 -18.13 4.39 -0.68
CA SER A 102 -16.98 3.63 -0.19
C SER A 102 -16.76 2.33 -0.94
N GLU A 103 -17.54 2.05 -1.96
CA GLU A 103 -17.39 0.82 -2.73
C GLU A 103 -16.30 0.91 -3.79
N VAL A 104 -15.69 2.08 -3.99
CA VAL A 104 -14.72 2.25 -5.07
C VAL A 104 -13.34 1.72 -4.72
N TYR A 105 -13.09 1.36 -3.47
CA TYR A 105 -11.75 0.91 -3.06
C TYR A 105 -11.63 -0.60 -3.14
N SER A 106 -11.83 -1.11 -4.35
CA SER A 106 -11.67 -2.53 -4.64
C SER A 106 -10.20 -2.89 -4.70
N THR A 107 -9.90 -4.13 -4.34
CA THR A 107 -8.54 -4.64 -4.45
C THR A 107 -8.21 -5.16 -5.85
N GLU A 108 -9.22 -5.32 -6.70
CA GLU A 108 -9.04 -5.91 -8.02
C GLU A 108 -8.84 -4.89 -9.12
N ILE A 109 -9.54 -3.75 -9.06
CA ILE A 109 -9.49 -2.74 -10.11
C ILE A 109 -9.35 -1.37 -9.48
N LYS A 110 -8.95 -0.41 -10.31
CA LYS A 110 -8.79 0.98 -9.90
C LYS A 110 -10.15 1.63 -9.67
N LYS A 111 -10.16 2.70 -8.87
CA LYS A 111 -11.40 3.29 -8.37
C LYS A 111 -12.20 4.02 -9.45
N THR A 112 -11.53 4.52 -10.49
CA THR A 112 -12.23 5.11 -11.61
C THR A 112 -12.89 4.05 -12.48
N GLU A 113 -12.38 2.81 -12.44
CA GLU A 113 -13.03 1.72 -13.14
C GLU A 113 -14.28 1.27 -12.42
N VAL A 114 -14.32 1.38 -11.08
CA VAL A 114 -15.53 1.07 -10.32
C VAL A 114 -16.60 2.12 -10.55
N LEU A 115 -16.18 3.38 -10.70
CA LEU A 115 -17.10 4.45 -11.11
C LEU A 115 -17.57 4.29 -12.54
N MET A 116 -16.70 3.87 -13.46
CA MET A 116 -17.09 3.70 -14.85
C MET A 116 -17.97 2.47 -15.07
N GLU A 117 -17.74 1.41 -14.30
CA GLU A 117 -18.59 0.22 -14.35
C GLU A 117 -19.96 0.50 -13.74
N ASN A 118 -20.01 1.37 -12.74
CA ASN A 118 -21.31 1.79 -12.22
C ASN A 118 -22.02 2.77 -13.14
N PHE A 119 -21.27 3.60 -13.87
CA PHE A 119 -21.85 4.50 -14.87
C PHE A 119 -22.44 3.73 -16.05
N ARG A 120 -21.82 2.61 -16.42
CA ARG A 120 -22.35 1.80 -17.51
C ARG A 120 -23.42 0.83 -17.04
N ARG A 121 -23.47 0.54 -15.74
CA ARG A 121 -24.54 -0.29 -15.19
C ARG A 121 -25.88 0.43 -15.14
N ALA A 122 -25.87 1.76 -15.20
CA ALA A 122 -27.11 2.55 -15.01
C ALA A 122 -27.77 2.94 -16.33
N ILE A 123 -27.18 2.56 -17.46
CA ILE A 123 -27.79 2.83 -18.79
C ILE A 123 -28.29 1.47 -19.30
N GLY A 124 -29.57 1.36 -19.62
CA GLY A 124 -30.13 0.05 -20.00
C GLY A 124 -30.45 -0.07 -21.46
N LEU A 125 -30.54 -1.31 -21.95
CA LEU A 125 -30.91 -1.56 -23.36
C LEU A 125 -31.94 -2.69 -23.35
N ARG A 126 -33.07 -2.51 -24.04
CA ARG A 126 -34.08 -3.58 -24.13
C ARG A 126 -34.04 -4.19 -25.53
N ILE A 127 -33.33 -5.31 -25.70
CA ILE A 127 -33.18 -5.97 -27.04
C ILE A 127 -34.33 -6.97 -27.23
N LYS A 128 -35.01 -6.91 -28.38
CA LYS A 128 -36.18 -7.80 -28.64
C LYS A 128 -35.85 -8.75 -29.80
N ILE A 237 -39.13 -13.01 -25.78
CA ILE A 237 -38.34 -12.40 -26.84
C ILE A 237 -37.76 -11.07 -26.34
N ILE A 238 -38.44 -10.48 -25.35
CA ILE A 238 -38.01 -9.24 -24.71
C ILE A 238 -36.91 -9.56 -23.72
N GLN A 239 -35.78 -8.86 -23.80
CA GLN A 239 -34.75 -9.05 -22.80
C GLN A 239 -34.25 -7.68 -22.35
N ASP A 240 -33.81 -7.64 -21.09
CA ASP A 240 -33.30 -6.45 -20.41
C ASP A 240 -31.82 -6.64 -20.14
N VAL A 241 -31.01 -5.71 -20.64
CA VAL A 241 -29.57 -5.81 -20.46
C VAL A 241 -29.06 -4.41 -20.18
N THR A 242 -27.89 -4.28 -19.54
CA THR A 242 -27.27 -2.97 -19.39
C THR A 242 -26.09 -2.86 -20.33
N LEU A 243 -25.48 -1.67 -20.39
CA LEU A 243 -24.24 -1.51 -21.14
C LEU A 243 -23.06 -2.22 -20.49
N HIS A 244 -23.06 -2.33 -19.16
CA HIS A 244 -22.01 -3.07 -18.47
C HIS A 244 -22.11 -4.57 -18.66
N ASP A 245 -23.34 -5.09 -18.87
CA ASP A 245 -23.51 -6.50 -19.20
C ASP A 245 -22.95 -6.84 -20.57
N LEU A 246 -23.09 -5.93 -21.53
CA LEU A 246 -22.44 -6.10 -22.82
C LEU A 246 -20.94 -5.86 -22.75
N ASP A 247 -20.49 -5.05 -21.77
CA ASP A 247 -19.07 -4.80 -21.56
C ASP A 247 -18.38 -6.02 -21.03
N VAL A 248 -18.99 -6.72 -20.06
CA VAL A 248 -18.37 -7.92 -19.54
C VAL A 248 -18.61 -9.12 -20.46
N ALA A 249 -19.62 -9.07 -21.33
CA ALA A 249 -19.83 -10.16 -22.27
C ALA A 249 -18.86 -10.12 -23.43
N ASN A 250 -18.46 -8.93 -23.88
CA ASN A 250 -17.48 -8.83 -24.95
C ASN A 250 -16.05 -8.70 -24.49
N ALA A 251 -15.78 -8.67 -23.20
CA ALA A 251 -14.40 -8.57 -22.73
C ALA A 251 -13.75 -9.95 -22.71
N MET A 267 -9.85 -21.27 -14.07
CA MET A 267 -9.25 -20.00 -13.68
C MET A 267 -10.09 -19.24 -12.66
N LYS A 268 -9.44 -18.44 -11.82
CA LYS A 268 -10.19 -17.57 -10.93
C LYS A 268 -10.69 -16.38 -11.74
N PRO A 269 -11.99 -16.07 -11.70
CA PRO A 269 -12.46 -14.81 -12.28
C PRO A 269 -11.92 -13.61 -11.53
N LYS A 270 -11.71 -12.54 -12.29
CA LYS A 270 -11.19 -11.31 -11.72
C LYS A 270 -11.82 -10.17 -12.49
N LYS A 271 -12.09 -9.08 -11.79
CA LYS A 271 -12.48 -7.85 -12.45
C LYS A 271 -11.28 -7.27 -13.19
N THR A 272 -11.54 -6.71 -14.36
CA THR A 272 -10.46 -6.20 -15.20
C THR A 272 -10.74 -4.74 -15.52
N GLU A 273 -9.67 -3.97 -15.69
CA GLU A 273 -9.82 -2.57 -16.02
C GLU A 273 -10.11 -2.47 -17.52
N ILE A 274 -11.39 -2.35 -17.83
CA ILE A 274 -11.89 -2.40 -19.20
C ILE A 274 -11.57 -1.09 -19.90
N THR A 275 -10.90 -1.19 -21.05
CA THR A 275 -10.43 -0.03 -21.81
C THR A 275 -11.58 0.67 -22.50
N ASP A 276 -11.33 1.91 -22.94
CA ASP A 276 -12.37 2.64 -23.72
C ASP A 276 -12.43 2.04 -25.12
N LYS A 277 -11.30 1.49 -25.59
CA LYS A 277 -11.28 0.83 -26.90
C LYS A 277 -12.42 -0.16 -27.06
N LEU A 278 -12.79 -0.85 -25.97
CA LEU A 278 -13.92 -1.76 -26.02
C LEU A 278 -15.23 -1.00 -25.95
N ARG A 279 -15.26 0.05 -25.13
CA ARG A 279 -16.48 0.79 -24.84
C ARG A 279 -16.95 1.62 -26.03
N GLY A 280 -16.03 2.05 -26.90
CA GLY A 280 -16.45 2.76 -28.10
C GLY A 280 -17.07 1.87 -29.17
N GLU A 281 -16.58 0.64 -29.33
CA GLU A 281 -17.21 -0.23 -30.31
C GLU A 281 -18.45 -0.92 -29.77
N ILE A 282 -18.58 -1.07 -28.45
CA ILE A 282 -19.86 -1.46 -27.86
C ILE A 282 -20.90 -0.34 -28.02
N ASN A 283 -20.47 0.92 -27.97
CA ASN A 283 -21.36 2.05 -28.23
C ASN A 283 -21.77 2.12 -29.70
N LYS A 284 -20.88 1.74 -30.62
CA LYS A 284 -21.25 1.60 -32.03
C LYS A 284 -22.16 0.42 -32.32
N VAL A 285 -22.00 -0.69 -31.57
CA VAL A 285 -22.83 -1.87 -31.76
C VAL A 285 -24.25 -1.65 -31.22
N VAL A 286 -24.37 -0.96 -30.08
CA VAL A 286 -25.67 -0.56 -29.53
C VAL A 286 -26.36 0.49 -30.43
N ASN A 287 -25.57 1.37 -31.07
CA ASN A 287 -26.12 2.34 -32.03
C ASN A 287 -26.63 1.67 -33.31
N LYS A 288 -25.94 0.61 -33.76
CA LYS A 288 -26.45 -0.16 -34.88
C LYS A 288 -27.65 -1.02 -34.48
N TYR A 289 -27.74 -1.41 -33.21
CA TYR A 289 -28.89 -2.18 -32.73
C TYR A 289 -30.12 -1.30 -32.61
N ILE A 290 -29.92 0.00 -32.38
CA ILE A 290 -31.04 0.93 -32.36
C ILE A 290 -31.50 1.21 -33.79
N ASP A 291 -30.54 1.38 -34.73
CA ASP A 291 -30.85 1.74 -36.12
C ASP A 291 -31.53 0.62 -36.91
N GLN A 292 -31.31 -0.64 -36.57
CA GLN A 292 -32.10 -1.71 -37.17
C GLN A 292 -33.35 -2.02 -36.35
N GLY A 293 -33.55 -1.34 -35.22
CA GLY A 293 -34.79 -1.48 -34.47
C GLY A 293 -34.87 -2.66 -33.54
N ILE A 294 -33.78 -3.42 -33.38
CA ILE A 294 -33.79 -4.58 -32.49
C ILE A 294 -33.74 -4.14 -31.02
N ALA A 295 -33.22 -2.96 -30.72
CA ALA A 295 -32.99 -2.56 -29.35
C ALA A 295 -33.59 -1.19 -29.09
N GLU A 296 -33.87 -0.92 -27.82
CA GLU A 296 -34.33 0.40 -27.40
C GLU A 296 -33.59 0.77 -26.13
N LEU A 297 -32.98 1.96 -26.09
CA LEU A 297 -32.17 2.39 -24.93
C LEU A 297 -33.05 2.95 -23.83
N VAL A 298 -32.77 2.63 -22.57
CA VAL A 298 -33.52 3.19 -21.42
C VAL A 298 -32.51 3.78 -20.44
N PRO A 299 -32.01 5.03 -20.64
CA PRO A 299 -31.02 5.61 -19.76
C PRO A 299 -31.60 5.65 -18.37
N GLY A 300 -30.78 5.50 -17.32
CA GLY A 300 -31.35 5.41 -15.96
C GLY A 300 -30.75 6.39 -15.00
N VAL A 301 -30.52 5.97 -13.75
CA VAL A 301 -30.00 6.88 -12.70
C VAL A 301 -28.98 6.14 -11.82
N LEU A 302 -27.90 6.81 -11.43
CA LEU A 302 -26.90 6.22 -10.50
C LEU A 302 -27.02 6.97 -9.17
N PHE A 303 -27.29 6.26 -8.07
CA PHE A 303 -27.32 6.93 -6.74
C PHE A 303 -25.99 6.66 -6.06
N VAL A 304 -25.14 7.68 -5.96
CA VAL A 304 -23.86 7.50 -5.21
C VAL A 304 -24.09 8.01 -3.78
N ASP A 305 -24.83 7.26 -2.99
CA ASP A 305 -24.98 7.59 -1.60
C ASP A 305 -23.61 7.58 -0.93
N GLU A 306 -23.48 8.41 0.12
CA GLU A 306 -22.26 8.69 0.89
C GLU A 306 -21.10 9.14 -0.01
N VAL A 307 -21.29 10.28 -0.66
CA VAL A 307 -20.34 10.74 -1.67
C VAL A 307 -19.10 11.36 -1.05
N HIS A 308 -19.11 11.65 0.26
CA HIS A 308 -17.96 12.17 0.97
C HIS A 308 -16.89 11.11 1.21
N MET A 309 -17.20 9.83 1.05
CA MET A 309 -16.24 8.75 1.18
C MET A 309 -15.44 8.51 -0.09
N LEU A 310 -15.79 9.16 -1.20
CA LEU A 310 -14.88 9.19 -2.35
C LEU A 310 -13.66 10.04 -2.02
N ASP A 311 -12.52 9.67 -2.58
CA ASP A 311 -11.36 10.52 -2.48
C ASP A 311 -11.32 11.47 -3.67
N ILE A 312 -10.30 12.34 -3.68
CA ILE A 312 -10.18 13.47 -4.59
C ILE A 312 -9.95 13.05 -6.05
N GLU A 313 -9.37 11.86 -6.26
CA GLU A 313 -9.22 11.28 -7.59
C GLU A 313 -10.57 10.85 -8.16
N CYS A 314 -11.48 10.37 -7.29
CA CYS A 314 -12.80 9.96 -7.76
C CYS A 314 -13.67 11.14 -8.13
N PHE A 315 -13.52 12.27 -7.43
CA PHE A 315 -14.23 13.50 -7.79
C PHE A 315 -13.68 14.09 -9.08
N THR A 316 -12.37 13.97 -9.28
CA THR A 316 -11.77 14.55 -10.47
C THR A 316 -12.02 13.67 -11.71
N TYR A 317 -12.23 12.36 -11.51
CA TYR A 317 -12.67 11.55 -12.65
C TYR A 317 -14.16 11.76 -12.90
N LEU A 318 -14.93 12.11 -11.86
CA LEU A 318 -16.35 12.38 -12.01
C LEU A 318 -16.64 13.67 -12.78
N HIS A 319 -15.67 14.58 -12.85
CA HIS A 319 -15.72 15.73 -13.76
C HIS A 319 -15.82 15.30 -15.22
N ARG A 320 -14.91 14.43 -15.66
CA ARG A 320 -14.93 13.88 -17.01
C ARG A 320 -16.09 12.92 -17.23
N ALA A 321 -16.54 12.24 -16.17
CA ALA A 321 -17.62 11.28 -16.31
C ALA A 321 -18.97 11.97 -16.48
N LEU A 322 -19.19 13.07 -15.76
CA LEU A 322 -20.43 13.82 -15.94
C LEU A 322 -20.43 14.68 -17.18
N GLU A 323 -19.29 14.82 -17.85
CA GLU A 323 -19.25 15.73 -19.02
C GLU A 323 -19.57 14.96 -20.32
N SER A 324 -19.73 13.64 -20.23
CA SER A 324 -19.98 12.79 -21.42
C SER A 324 -21.45 12.85 -21.85
N SER A 325 -21.75 12.44 -23.08
CA SER A 325 -23.13 12.50 -23.62
C SER A 325 -23.81 11.15 -23.47
N ILE A 326 -23.12 10.19 -22.84
CA ILE A 326 -23.67 8.83 -22.65
C ILE A 326 -23.89 8.61 -21.15
N ALA A 327 -23.39 9.48 -20.29
CA ALA A 327 -23.45 9.26 -18.82
C ALA A 327 -24.89 9.21 -18.31
N PRO A 328 -25.20 8.43 -17.25
CA PRO A 328 -26.52 8.43 -16.66
C PRO A 328 -26.75 9.65 -15.78
N ILE A 329 -28.01 9.97 -15.49
CA ILE A 329 -28.28 11.08 -14.52
C ILE A 329 -27.85 10.59 -13.13
N VAL A 330 -26.97 11.31 -12.44
CA VAL A 330 -26.44 10.78 -11.14
C VAL A 330 -27.02 11.59 -9.97
N ILE A 331 -27.48 10.91 -8.92
CA ILE A 331 -28.01 11.60 -7.71
C ILE A 331 -27.01 11.31 -6.58
N PHE A 332 -26.36 12.35 -6.07
CA PHE A 332 -25.34 12.16 -5.01
C PHE A 332 -25.99 12.52 -3.70
N ALA A 333 -25.46 11.98 -2.60
CA ALA A 333 -26.00 12.28 -1.27
C ALA A 333 -24.88 12.38 -0.26
N SER A 334 -25.00 13.35 0.64
CA SER A 334 -24.00 13.60 1.67
C SER A 334 -24.67 14.32 2.83
N ASN A 335 -24.10 14.15 4.01
CA ASN A 335 -24.58 14.78 5.23
C ASN A 335 -23.42 15.29 6.07
N ARG A 336 -22.29 15.56 5.42
CA ARG A 336 -21.02 15.75 6.09
C ARG A 336 -20.47 17.15 5.81
N GLY A 337 -21.32 18.18 6.03
CA GLY A 337 -20.98 19.56 5.71
C GLY A 337 -19.80 20.20 6.40
N ASN A 338 -18.97 20.87 5.59
CA ASN A 338 -17.68 21.49 5.92
C ASN A 338 -16.71 20.52 6.57
N CYS A 339 -16.36 19.48 5.83
CA CYS A 339 -15.37 18.50 6.24
C CYS A 339 -14.32 18.40 5.15
N VAL A 340 -13.14 17.85 5.51
CA VAL A 340 -12.03 17.74 4.57
C VAL A 340 -12.30 16.67 3.52
N ILE A 341 -11.81 16.91 2.30
CA ILE A 341 -11.82 15.89 1.27
C ILE A 341 -10.82 14.80 1.66
N ARG A 342 -11.20 13.55 1.49
CA ARG A 342 -10.27 12.45 1.65
C ARG A 342 -9.29 12.44 0.49
N GLY A 343 -8.06 12.06 0.76
CA GLY A 343 -7.02 12.11 -0.24
C GLY A 343 -6.30 13.43 -0.36
N THR A 344 -6.72 14.44 0.40
CA THR A 344 -6.03 15.72 0.50
C THR A 344 -5.59 15.89 1.95
N GLU A 345 -4.49 16.64 2.13
CA GLU A 345 -4.02 16.94 3.48
C GLU A 345 -4.62 18.27 3.94
N ASP A 346 -5.85 18.15 4.48
CA ASP A 346 -6.61 19.17 5.20
C ASP A 346 -6.90 20.45 4.41
N ILE A 347 -7.57 20.29 3.26
CA ILE A 347 -8.27 21.43 2.66
C ILE A 347 -9.76 21.18 2.82
N THR A 348 -10.52 22.25 3.08
CA THR A 348 -11.91 22.18 3.53
C THR A 348 -12.87 22.77 2.52
N SER A 349 -13.91 22.02 2.19
CA SER A 349 -14.95 22.42 1.25
C SER A 349 -16.27 21.97 1.84
N PRO A 350 -17.39 22.63 1.49
CA PRO A 350 -18.71 22.14 1.94
C PRO A 350 -19.09 20.77 1.39
N HIS A 351 -19.82 20.02 2.23
CA HIS A 351 -20.43 18.70 2.04
C HIS A 351 -19.42 17.56 1.81
N GLY A 352 -18.12 17.79 1.97
CA GLY A 352 -17.13 16.80 1.62
C GLY A 352 -16.79 16.72 0.15
N ILE A 353 -17.33 17.63 -0.66
CA ILE A 353 -17.25 17.60 -2.11
C ILE A 353 -16.50 18.86 -2.50
N PRO A 354 -15.53 18.80 -3.42
CA PRO A 354 -14.82 19.99 -3.86
C PRO A 354 -15.69 20.95 -4.66
N LEU A 355 -15.26 22.21 -4.68
CA LEU A 355 -16.01 23.31 -5.27
C LEU A 355 -16.09 23.20 -6.78
N ASP A 356 -15.12 22.55 -7.40
CA ASP A 356 -15.18 22.27 -8.82
C ASP A 356 -16.14 21.15 -9.19
N LEU A 357 -16.53 20.29 -8.25
CA LEU A 357 -17.63 19.35 -8.51
C LEU A 357 -18.98 19.93 -8.09
N LEU A 358 -18.98 20.82 -7.10
CA LEU A 358 -20.19 21.49 -6.64
C LEU A 358 -20.70 22.52 -7.63
N ASP A 359 -19.83 22.99 -8.54
CA ASP A 359 -20.25 23.79 -9.68
C ASP A 359 -21.13 22.99 -10.65
N ARG A 360 -20.87 21.70 -10.78
CA ARG A 360 -21.54 20.87 -11.77
C ARG A 360 -22.84 20.23 -11.29
N VAL A 361 -23.16 20.32 -10.00
CA VAL A 361 -24.35 19.67 -9.46
C VAL A 361 -25.42 20.70 -9.14
N MET A 362 -26.65 20.24 -8.99
CA MET A 362 -27.73 21.07 -8.46
C MET A 362 -28.00 20.63 -7.03
N ILE A 363 -28.16 21.59 -6.13
CA ILE A 363 -28.30 21.30 -4.70
C ILE A 363 -29.78 21.21 -4.37
N ILE A 364 -30.18 20.16 -3.65
CA ILE A 364 -31.49 20.11 -3.01
C ILE A 364 -31.24 19.98 -1.51
N ARG A 365 -31.54 21.05 -0.77
CA ARG A 365 -31.43 21.00 0.68
C ARG A 365 -32.64 20.30 1.27
N THR A 366 -32.46 19.71 2.45
CA THR A 366 -33.52 19.02 3.18
C THR A 366 -33.60 19.58 4.60
N MET A 367 -34.58 20.44 4.84
CA MET A 367 -34.78 21.09 6.13
C MET A 367 -35.35 20.14 7.18
N LEU A 368 -34.88 20.29 8.42
CA LEU A 368 -35.25 19.34 9.51
C LEU A 368 -36.77 19.26 9.70
N TYR A 369 -37.24 18.25 10.44
CA TYR A 369 -38.70 18.03 10.58
C TYR A 369 -39.21 18.72 11.83
N THR A 370 -40.49 19.06 11.84
CA THR A 370 -41.12 19.68 13.01
C THR A 370 -41.61 18.58 13.92
N PRO A 371 -41.95 18.85 15.20
CA PRO A 371 -42.52 17.84 16.07
C PRO A 371 -43.71 17.13 15.45
N GLN A 372 -44.59 17.86 14.78
CA GLN A 372 -45.83 17.26 14.22
C GLN A 372 -45.48 16.22 13.14
N GLU A 373 -44.52 16.52 12.28
CA GLU A 373 -44.16 15.59 11.16
C GLU A 373 -43.40 14.39 11.72
N MET A 374 -42.67 14.56 12.82
CA MET A 374 -42.00 13.40 13.46
C MET A 374 -43.08 12.41 13.89
N LYS A 375 -44.16 12.89 14.50
CA LYS A 375 -45.27 12.00 14.94
C LYS A 375 -45.91 11.34 13.72
N GLN A 376 -46.02 12.04 12.60
CA GLN A 376 -46.57 11.41 11.40
C GLN A 376 -45.66 10.32 10.84
N ILE A 377 -44.33 10.46 11.02
CA ILE A 377 -43.41 9.40 10.60
C ILE A 377 -43.51 8.19 11.54
N ILE A 378 -43.72 8.46 12.85
CA ILE A 378 -43.93 7.37 13.82
C ILE A 378 -45.25 6.64 13.58
N LYS A 379 -46.29 7.39 13.14
CA LYS A 379 -47.56 6.79 12.75
C LYS A 379 -47.46 5.95 11.48
N ILE A 380 -46.66 6.39 10.49
CA ILE A 380 -46.54 5.65 9.23
C ILE A 380 -45.66 4.41 9.40
N ARG A 381 -44.61 4.50 10.22
CA ARG A 381 -43.81 3.34 10.56
C ARG A 381 -44.56 2.34 11.45
N ALA A 382 -45.54 2.81 12.24
CA ALA A 382 -46.36 1.87 12.98
C ALA A 382 -47.35 1.12 12.08
N GLN A 383 -47.95 1.79 11.08
CA GLN A 383 -48.80 1.05 10.14
C GLN A 383 -48.01 0.16 9.18
N THR A 384 -46.75 0.51 8.89
CA THR A 384 -45.95 -0.29 7.97
C THR A 384 -45.48 -1.58 8.64
N GLU A 385 -45.11 -1.51 9.90
CA GLU A 385 -44.67 -2.67 10.65
C GLU A 385 -45.83 -3.44 11.27
N GLY A 386 -47.07 -3.03 11.05
CA GLY A 386 -48.21 -3.77 11.55
C GLY A 386 -48.53 -3.50 12.99
N ILE A 387 -47.96 -2.46 13.56
CA ILE A 387 -48.04 -2.17 14.99
C ILE A 387 -49.21 -1.24 15.28
N ASN A 388 -50.15 -1.71 16.09
CA ASN A 388 -51.17 -0.85 16.68
C ASN A 388 -50.56 -0.02 17.81
N ILE A 389 -51.03 1.21 17.95
CA ILE A 389 -50.47 2.12 18.94
C ILE A 389 -51.58 3.05 19.45
N SER A 390 -51.58 3.27 20.76
CA SER A 390 -52.47 4.23 21.39
C SER A 390 -51.94 5.65 21.14
N GLU A 391 -52.86 6.62 21.22
CA GLU A 391 -52.52 8.02 20.95
C GLU A 391 -51.63 8.63 22.02
N GLU A 392 -51.72 8.15 23.27
CA GLU A 392 -50.86 8.67 24.33
C GLU A 392 -49.45 8.15 24.21
N ALA A 393 -49.28 6.91 23.74
CA ALA A 393 -47.97 6.38 23.43
C ALA A 393 -47.38 7.02 22.19
N LEU A 394 -48.25 7.45 21.26
CA LEU A 394 -47.82 8.23 20.10
C LEU A 394 -47.32 9.61 20.49
N ASN A 395 -47.98 10.25 21.47
CA ASN A 395 -47.50 11.54 21.98
C ASN A 395 -46.20 11.39 22.78
N HIS A 396 -46.03 10.25 23.46
CA HIS A 396 -44.80 10.01 24.19
C HIS A 396 -43.64 9.67 23.26
N LEU A 397 -43.91 8.91 22.19
CA LEU A 397 -42.88 8.65 21.20
C LEU A 397 -42.57 9.87 20.35
N GLY A 398 -43.51 10.80 20.20
CA GLY A 398 -43.19 12.07 19.56
C GLY A 398 -42.34 12.97 20.43
N GLU A 399 -42.55 12.95 21.75
CA GLU A 399 -41.69 13.70 22.65
C GLU A 399 -40.31 13.07 22.77
N ILE A 400 -40.22 11.74 22.64
CA ILE A 400 -38.94 11.05 22.62
C ILE A 400 -38.20 11.35 21.33
N GLY A 401 -38.93 11.43 20.21
CA GLY A 401 -38.29 11.71 18.94
C GLY A 401 -37.90 13.15 18.72
N THR A 402 -38.54 14.09 19.43
CA THR A 402 -37.99 15.44 19.45
C THR A 402 -36.96 15.61 20.56
N LYS A 403 -36.90 14.66 21.49
CA LYS A 403 -35.90 14.78 22.55
C LYS A 403 -34.55 14.33 22.06
N THR A 404 -34.48 13.23 21.32
CA THR A 404 -33.20 12.67 20.88
C THR A 404 -32.99 12.84 19.38
N THR A 405 -33.77 12.13 18.55
CA THR A 405 -33.71 12.06 17.09
C THR A 405 -34.90 11.27 16.58
N LEU A 406 -35.17 11.41 15.28
CA LEU A 406 -36.27 10.71 14.62
C LEU A 406 -36.05 9.21 14.55
N ARG A 407 -34.79 8.77 14.41
CA ARG A 407 -34.54 7.37 14.13
C ARG A 407 -34.59 6.53 15.39
N TYR A 408 -34.28 7.12 16.55
CA TYR A 408 -34.34 6.38 17.81
C TYR A 408 -35.77 6.10 18.20
N SER A 409 -36.67 7.03 17.90
CA SER A 409 -38.07 6.79 18.21
C SER A 409 -38.72 5.83 17.24
N VAL A 410 -38.22 5.69 15.99
CA VAL A 410 -38.84 4.69 15.13
C VAL A 410 -38.24 3.29 15.34
N GLN A 411 -37.08 3.18 15.98
CA GLN A 411 -36.66 1.86 16.46
C GLN A 411 -37.08 1.56 17.88
N LEU A 412 -37.85 2.43 18.52
CA LEU A 412 -38.50 2.05 19.76
C LEU A 412 -39.87 1.42 19.54
N LEU A 413 -40.29 1.22 18.30
CA LEU A 413 -41.63 0.72 18.02
C LEU A 413 -41.72 -0.79 18.18
N THR A 414 -40.93 -1.53 17.39
CA THR A 414 -40.87 -3.00 17.47
C THR A 414 -40.44 -3.59 18.83
N PRO A 415 -39.41 -3.10 19.58
CA PRO A 415 -39.24 -3.57 20.98
C PRO A 415 -40.39 -3.28 21.94
N ALA A 416 -41.11 -2.16 21.79
CA ALA A 416 -42.29 -1.93 22.61
C ALA A 416 -43.46 -2.82 22.19
N ASN A 417 -43.51 -3.20 20.91
CA ASN A 417 -44.52 -4.13 20.44
C ASN A 417 -44.25 -5.55 20.95
N LEU A 418 -42.98 -5.94 21.01
CA LEU A 418 -42.62 -7.25 21.56
C LEU A 418 -42.83 -7.31 23.07
N LEU A 419 -42.63 -6.17 23.75
CA LEU A 419 -42.96 -6.09 25.17
C LEU A 419 -44.47 -6.11 25.40
N ALA A 420 -45.25 -5.57 24.45
CA ALA A 420 -46.70 -5.62 24.57
C ALA A 420 -47.25 -7.04 24.33
N LYS A 421 -46.65 -7.79 23.41
CA LYS A 421 -47.08 -9.18 23.24
C LYS A 421 -46.52 -10.08 24.34
N ILE A 422 -45.46 -9.67 25.02
CA ILE A 422 -45.01 -10.39 26.21
C ILE A 422 -46.02 -10.17 27.34
N ASN A 423 -46.52 -8.94 27.48
CA ASN A 423 -47.59 -8.67 28.44
C ASN A 423 -48.97 -9.11 27.91
N GLY A 424 -49.10 -9.46 26.64
CA GLY A 424 -50.33 -9.97 26.08
C GLY A 424 -51.31 -8.94 25.55
N LYS A 425 -50.97 -7.66 25.63
CA LYS A 425 -51.83 -6.60 25.14
C LYS A 425 -51.51 -6.34 23.67
N ASP A 426 -52.56 -6.13 22.88
CA ASP A 426 -52.39 -6.03 21.43
C ASP A 426 -51.89 -4.66 20.98
N SER A 427 -51.95 -3.65 21.84
CA SER A 427 -51.56 -2.30 21.49
C SER A 427 -50.55 -1.79 22.50
N ILE A 428 -49.72 -0.85 22.07
CA ILE A 428 -48.71 -0.26 22.94
C ILE A 428 -49.34 0.88 23.73
N GLU A 429 -49.11 0.89 25.04
CA GLU A 429 -49.44 2.01 25.91
C GLU A 429 -48.15 2.73 26.32
N LYS A 430 -48.30 3.75 27.18
CA LYS A 430 -47.17 4.59 27.58
C LYS A 430 -46.16 3.87 28.47
N GLU A 431 -46.61 2.85 29.22
CA GLU A 431 -45.71 2.11 30.10
C GLU A 431 -44.75 1.21 29.33
N HIS A 432 -45.13 0.80 28.11
CA HIS A 432 -44.28 -0.02 27.28
C HIS A 432 -43.19 0.80 26.62
N VAL A 433 -43.51 2.05 26.23
CA VAL A 433 -42.52 2.97 25.67
C VAL A 433 -41.59 3.48 26.75
N GLU A 434 -42.13 3.69 27.96
CA GLU A 434 -41.33 4.15 29.08
C GLU A 434 -40.37 3.08 29.58
N GLU A 435 -40.76 1.80 29.53
CA GLU A 435 -39.88 0.74 29.98
C GLU A 435 -38.82 0.41 28.93
N ILE A 436 -39.20 0.44 27.64
CA ILE A 436 -38.26 0.14 26.57
C ILE A 436 -37.26 1.29 26.40
N SER A 437 -37.69 2.52 26.70
CA SER A 437 -36.80 3.67 26.65
C SER A 437 -35.82 3.68 27.82
N GLU A 438 -36.14 2.97 28.92
CA GLU A 438 -35.13 2.76 29.94
C GLU A 438 -34.18 1.64 29.57
N LEU A 439 -34.61 0.70 28.72
CA LEU A 439 -33.73 -0.43 28.38
C LEU A 439 -32.69 -0.06 27.33
N PHE A 440 -33.06 0.75 26.33
CA PHE A 440 -32.18 1.13 25.25
C PHE A 440 -31.86 2.61 25.31
N TYR A 441 -30.64 2.97 24.95
CA TYR A 441 -30.19 4.35 25.03
C TYR A 441 -30.03 4.96 23.65
N ASP A 442 -30.21 6.27 23.58
CA ASP A 442 -29.83 7.04 22.43
C ASP A 442 -28.36 7.39 22.51
N ALA A 443 -27.83 7.92 21.40
CA ALA A 443 -26.40 8.22 21.32
C ALA A 443 -25.98 9.40 22.18
N LYS A 444 -26.89 10.33 22.48
CA LYS A 444 -26.54 11.48 23.29
C LYS A 444 -26.46 11.13 24.77
N SER A 445 -27.38 10.26 25.23
CA SER A 445 -27.35 9.80 26.61
C SER A 445 -26.18 8.86 26.85
N SER A 446 -25.81 8.08 25.84
CA SER A 446 -24.63 7.23 25.93
C SER A 446 -23.35 8.05 25.89
N ALA A 447 -23.36 9.18 25.17
CA ALA A 447 -22.22 10.08 25.18
C ALA A 447 -22.11 10.83 26.51
N LYS A 448 -23.24 11.06 27.18
CA LYS A 448 -23.21 11.67 28.51
C LYS A 448 -22.67 10.69 29.56
N ILE A 449 -22.95 9.39 29.36
CA ILE A 449 -22.38 8.34 30.20
C ILE A 449 -20.89 8.20 29.94
N LEU A 450 -20.46 8.38 28.69
CA LEU A 450 -19.05 8.36 28.32
C LEU A 450 -18.29 9.59 28.82
N ALA A 451 -18.97 10.72 28.95
CA ALA A 451 -18.29 11.91 29.43
C ALA A 451 -18.18 11.90 30.95
N ASP A 452 -19.19 11.36 31.64
CA ASP A 452 -19.15 11.28 33.10
C ASP A 452 -18.15 10.24 33.61
N GLN A 453 -17.89 9.19 32.83
CA GLN A 453 -17.05 8.10 33.29
C GLN A 453 -15.92 7.82 32.31
N GLN A 454 -15.22 8.89 31.90
CA GLN A 454 -14.21 8.78 30.87
C GLN A 454 -12.90 8.17 31.35
N ASP A 455 -12.67 8.11 32.65
CA ASP A 455 -11.46 7.49 33.16
C ASP A 455 -11.55 5.97 33.18
N LYS A 456 -12.76 5.41 33.12
CA LYS A 456 -12.93 3.96 33.15
C LYS A 456 -12.86 3.32 31.77
N TYR A 457 -13.35 3.99 30.74
CA TYR A 457 -13.36 3.45 29.38
C TYR A 457 -11.98 3.53 28.75
N MET A 458 -11.73 2.62 27.81
CA MET A 458 -10.46 2.62 27.09
C MET A 458 -10.40 3.75 26.08
N LYS A 459 -9.18 4.20 25.79
CA LYS A 459 -8.99 5.26 24.82
C LYS A 459 -8.40 4.75 23.52
N THR B 35 -32.85 8.26 -27.43
CA THR B 35 -33.05 7.23 -28.48
C THR B 35 -31.75 6.54 -28.74
N ARG B 36 -30.70 7.31 -29.06
CA ARG B 36 -29.37 6.72 -29.38
C ARG B 36 -28.51 6.73 -28.12
N ILE B 37 -27.35 6.10 -28.20
CA ILE B 37 -26.41 6.11 -27.04
C ILE B 37 -25.99 7.57 -26.72
N GLU B 38 -26.01 8.48 -27.70
CA GLU B 38 -25.52 9.86 -27.40
C GLU B 38 -26.71 10.78 -27.13
N ARG B 39 -26.52 11.82 -26.31
CA ARG B 39 -27.58 12.71 -25.87
C ARG B 39 -26.94 14.06 -25.62
N ILE B 40 -27.71 14.98 -25.05
CA ILE B 40 -27.23 16.35 -24.86
C ILE B 40 -26.35 16.37 -23.61
N GLY B 41 -25.04 16.36 -23.82
CA GLY B 41 -24.08 16.47 -22.75
C GLY B 41 -23.70 17.92 -22.51
N ALA B 42 -22.62 18.11 -21.77
CA ALA B 42 -22.16 19.46 -21.47
C ALA B 42 -21.41 20.10 -22.63
N HIS B 43 -20.92 19.31 -23.58
CA HIS B 43 -20.15 19.82 -24.71
C HIS B 43 -20.73 19.37 -26.04
N SER B 44 -22.02 19.04 -26.09
CA SER B 44 -22.60 18.49 -27.31
C SER B 44 -22.99 19.56 -28.30
N HIS B 45 -22.99 20.83 -27.90
CA HIS B 45 -23.29 21.93 -28.79
C HIS B 45 -22.08 22.39 -29.58
N ILE B 46 -20.89 21.92 -29.24
CA ILE B 46 -19.64 22.43 -29.79
C ILE B 46 -19.28 21.57 -30.99
N ARG B 47 -19.44 22.12 -32.18
CA ARG B 47 -19.06 21.44 -33.41
C ARG B 47 -17.61 21.67 -33.79
N GLY B 48 -16.92 22.56 -33.11
CA GLY B 48 -15.53 22.83 -33.44
C GLY B 48 -15.19 24.26 -33.08
N LEU B 49 -13.91 24.62 -33.27
CA LEU B 49 -13.47 26.01 -32.98
C LEU B 49 -13.94 26.87 -34.15
N GLY B 50 -14.55 28.03 -33.89
CA GLY B 50 -15.11 28.82 -35.00
C GLY B 50 -14.05 29.68 -35.65
N LEU B 51 -13.04 29.06 -36.26
CA LEU B 51 -11.90 29.82 -36.83
C LEU B 51 -12.03 29.90 -38.35
N ASP B 52 -11.60 31.02 -38.94
CA ASP B 52 -11.66 31.20 -40.41
C ASP B 52 -10.39 30.66 -41.06
N ASP B 53 -10.15 31.02 -42.33
CA ASP B 53 -8.93 30.57 -43.05
C ASP B 53 -7.65 31.07 -42.38
N ALA B 54 -7.68 32.31 -41.86
CA ALA B 54 -6.48 32.91 -41.22
C ALA B 54 -6.47 32.60 -39.72
N LEU B 55 -7.11 31.50 -39.31
CA LEU B 55 -7.10 31.08 -37.88
C LEU B 55 -7.79 32.11 -36.99
N GLU B 56 -8.19 33.26 -37.54
CA GLU B 56 -8.84 34.33 -36.73
C GLU B 56 -10.20 33.83 -36.23
N PRO B 57 -10.52 33.92 -34.92
CA PRO B 57 -11.77 33.39 -34.42
C PRO B 57 -13.00 34.24 -34.68
N ARG B 58 -14.12 33.59 -35.04
CA ARG B 58 -15.39 34.32 -35.28
C ARG B 58 -16.11 34.49 -33.94
N GLN B 59 -16.88 35.58 -33.77
CA GLN B 59 -17.48 35.84 -32.46
C GLN B 59 -18.42 34.73 -32.01
N ALA B 60 -19.16 34.12 -32.93
CA ALA B 60 -20.04 33.01 -32.58
C ALA B 60 -20.14 32.10 -33.79
N SER B 61 -19.37 31.01 -33.78
CA SER B 61 -19.41 30.05 -34.87
C SER B 61 -19.04 28.67 -34.35
N GLN B 62 -19.70 27.64 -34.90
CA GLN B 62 -19.52 26.21 -34.62
C GLN B 62 -19.72 25.86 -33.15
N GLY B 63 -20.67 26.52 -32.50
CA GLY B 63 -20.98 26.24 -31.12
C GLY B 63 -20.05 26.86 -30.11
N MET B 64 -19.15 27.73 -30.53
CA MET B 64 -18.18 28.36 -29.65
C MET B 64 -18.35 29.87 -29.73
N VAL B 65 -18.18 30.53 -28.59
CA VAL B 65 -18.40 31.98 -28.49
C VAL B 65 -17.46 32.52 -27.40
N GLY B 66 -16.82 33.66 -27.71
CA GLY B 66 -15.83 34.21 -26.81
C GLY B 66 -14.51 33.51 -26.98
N GLN B 67 -13.56 33.89 -26.10
CA GLN B 67 -12.21 33.32 -25.94
C GLN B 67 -11.38 33.41 -27.21
N LEU B 68 -11.19 34.63 -27.70
CA LEU B 68 -10.66 34.83 -29.04
C LEU B 68 -9.16 34.57 -29.13
N ALA B 69 -8.40 34.97 -28.12
CA ALA B 69 -6.97 34.63 -28.12
C ALA B 69 -6.74 33.17 -27.80
N ALA B 70 -7.62 32.57 -27.00
CA ALA B 70 -7.47 31.15 -26.66
C ALA B 70 -7.86 30.23 -27.81
N ARG B 71 -8.89 30.60 -28.58
CA ARG B 71 -9.24 29.80 -29.76
C ARG B 71 -8.27 30.02 -30.91
N ARG B 72 -7.64 31.20 -30.99
CA ARG B 72 -6.62 31.41 -32.03
C ARG B 72 -5.34 30.63 -31.72
N ALA B 73 -4.94 30.60 -30.43
CA ALA B 73 -3.82 29.78 -30.00
C ALA B 73 -4.14 28.28 -30.10
N ALA B 74 -5.41 27.91 -29.90
CA ALA B 74 -5.85 26.54 -30.12
C ALA B 74 -5.83 26.15 -31.59
N GLY B 75 -6.06 27.11 -32.48
CA GLY B 75 -6.00 26.81 -33.89
C GLY B 75 -4.60 26.73 -34.46
N VAL B 76 -3.68 27.49 -33.85
CA VAL B 76 -2.26 27.37 -34.21
C VAL B 76 -1.72 26.01 -33.76
N VAL B 77 -2.17 25.54 -32.59
CA VAL B 77 -1.86 24.18 -32.12
C VAL B 77 -2.56 23.13 -32.99
N LEU B 78 -3.74 23.45 -33.54
CA LEU B 78 -4.44 22.56 -34.47
C LEU B 78 -3.73 22.41 -35.81
N GLU B 79 -3.10 23.49 -36.31
CA GLU B 79 -2.28 23.34 -37.51
C GLU B 79 -0.96 22.63 -37.22
N MET B 80 -0.48 22.72 -35.98
CA MET B 80 0.71 21.98 -35.58
C MET B 80 0.43 20.48 -35.47
N ILE B 81 -0.77 20.11 -35.04
CA ILE B 81 -1.17 18.71 -34.96
C ILE B 81 -1.43 18.14 -36.36
N ARG B 82 -2.07 18.94 -37.24
CA ARG B 82 -2.35 18.47 -38.60
C ARG B 82 -1.12 18.39 -39.47
N GLU B 83 -0.06 19.17 -39.19
CA GLU B 83 1.12 19.02 -40.02
C GLU B 83 1.95 17.80 -39.60
N GLY B 84 1.93 17.43 -38.33
CA GLY B 84 2.47 16.16 -37.85
C GLY B 84 3.98 16.07 -37.79
N LYS B 85 4.69 17.17 -38.00
CA LYS B 85 6.13 17.11 -38.17
C LYS B 85 6.90 17.11 -36.86
N ILE B 86 6.52 17.96 -35.91
CA ILE B 86 7.29 18.15 -34.69
C ILE B 86 6.75 17.24 -33.60
N ALA B 87 7.63 16.43 -33.02
CA ALA B 87 7.25 15.48 -31.99
C ALA B 87 7.33 16.08 -30.60
N GLY B 88 6.39 15.68 -29.74
CA GLY B 88 6.49 15.96 -28.34
C GLY B 88 6.20 17.37 -27.89
N ARG B 89 5.45 18.13 -28.66
CA ARG B 89 5.04 19.45 -28.22
C ARG B 89 3.96 19.35 -27.16
N ALA B 90 3.91 20.36 -26.29
CA ALA B 90 2.98 20.32 -25.18
C ALA B 90 2.44 21.72 -24.90
N VAL B 91 1.13 21.77 -24.62
CA VAL B 91 0.40 23.03 -24.42
C VAL B 91 -0.50 22.84 -23.21
N LEU B 92 -0.39 23.75 -22.24
CA LEU B 92 -1.31 23.79 -21.10
C LEU B 92 -2.42 24.79 -21.39
N ILE B 93 -3.67 24.41 -21.16
CA ILE B 93 -4.78 25.35 -21.15
C ILE B 93 -5.08 25.71 -19.69
N ALA B 94 -4.66 26.89 -19.25
CA ALA B 94 -4.91 27.34 -17.90
C ALA B 94 -6.01 28.40 -17.85
N GLY B 95 -6.64 28.52 -16.70
CA GLY B 95 -7.62 29.57 -16.50
C GLY B 95 -8.60 29.20 -15.42
N GLN B 96 -9.55 30.12 -15.19
CA GLN B 96 -10.56 29.96 -14.15
C GLN B 96 -11.58 28.88 -14.51
N PRO B 97 -12.20 28.23 -13.51
CA PRO B 97 -13.30 27.30 -13.80
C PRO B 97 -14.50 27.97 -14.45
N GLY B 98 -15.13 27.25 -15.38
CA GLY B 98 -16.23 27.75 -16.15
C GLY B 98 -15.86 28.59 -17.35
N THR B 99 -14.57 28.78 -17.61
CA THR B 99 -14.11 29.59 -18.74
C THR B 99 -13.94 28.81 -20.03
N GLY B 100 -14.10 27.50 -20.00
CA GLY B 100 -14.06 26.73 -21.23
C GLY B 100 -12.72 26.22 -21.70
N LYS B 101 -11.96 25.65 -20.78
CA LYS B 101 -10.72 24.96 -21.15
C LYS B 101 -11.03 23.63 -21.82
N THR B 102 -11.94 22.87 -21.22
CA THR B 102 -12.39 21.59 -21.75
C THR B 102 -13.21 21.79 -23.01
N ALA B 103 -13.97 22.90 -23.10
CA ALA B 103 -14.77 23.19 -24.29
C ALA B 103 -13.93 23.52 -25.50
N ILE B 104 -12.76 24.15 -25.29
CA ILE B 104 -11.78 24.35 -26.36
C ILE B 104 -11.16 23.03 -26.77
N ALA B 105 -10.98 22.12 -25.81
CA ALA B 105 -10.39 20.81 -26.14
C ALA B 105 -11.36 19.87 -26.86
N MET B 106 -12.66 19.89 -26.54
CA MET B 106 -13.59 19.15 -27.39
C MET B 106 -13.91 19.87 -28.69
N GLY B 107 -13.66 21.18 -28.78
CA GLY B 107 -13.73 21.85 -30.06
C GLY B 107 -12.62 21.45 -30.99
N MET B 108 -11.42 21.27 -30.46
CA MET B 108 -10.32 20.80 -31.28
C MET B 108 -10.41 19.29 -31.53
N ALA B 109 -11.12 18.56 -30.66
CA ALA B 109 -11.34 17.13 -30.84
C ALA B 109 -12.32 16.87 -31.98
N GLN B 110 -13.39 17.68 -32.09
CA GLN B 110 -14.23 17.54 -33.28
C GLN B 110 -13.65 18.23 -34.50
N ALA B 111 -12.68 19.13 -34.32
CA ALA B 111 -12.09 19.73 -35.51
C ALA B 111 -11.01 18.85 -36.13
N LEU B 112 -10.50 17.85 -35.41
CA LEU B 112 -9.53 16.95 -36.03
C LEU B 112 -10.20 15.92 -36.92
N GLY B 113 -11.35 15.41 -36.52
CA GLY B 113 -11.98 14.34 -37.25
C GLY B 113 -11.52 12.97 -36.75
N PRO B 114 -12.11 11.90 -37.27
CA PRO B 114 -11.73 10.55 -36.83
C PRO B 114 -10.46 10.00 -37.47
N ASP B 115 -9.85 10.72 -38.41
CA ASP B 115 -8.63 10.24 -39.07
C ASP B 115 -7.42 10.34 -38.15
N THR B 116 -7.27 11.47 -37.47
CA THR B 116 -6.22 11.71 -36.50
C THR B 116 -6.68 11.24 -35.13
N PRO B 117 -5.92 10.37 -34.44
CA PRO B 117 -6.29 9.94 -33.09
C PRO B 117 -6.28 11.05 -32.04
N PHE B 118 -7.19 10.93 -31.08
CA PHE B 118 -7.35 11.88 -29.98
C PHE B 118 -7.65 11.05 -28.74
N THR B 119 -6.64 10.72 -27.96
CA THR B 119 -6.87 10.03 -26.69
C THR B 119 -7.19 11.08 -25.66
N ALA B 120 -8.36 10.99 -25.06
CA ALA B 120 -8.81 11.94 -24.05
C ALA B 120 -8.95 11.19 -22.73
N ILE B 121 -8.01 11.44 -21.81
CA ILE B 121 -8.01 10.79 -20.51
C ILE B 121 -8.16 11.84 -19.42
N ALA B 122 -8.59 11.37 -18.25
CA ALA B 122 -8.55 12.14 -17.03
C ALA B 122 -7.19 11.99 -16.37
N GLY B 123 -6.90 12.90 -15.45
CA GLY B 123 -5.65 12.80 -14.72
C GLY B 123 -5.62 11.78 -13.62
N SER B 124 -6.77 11.30 -13.18
CA SER B 124 -6.88 10.27 -12.17
C SER B 124 -6.87 8.87 -12.73
N GLU B 125 -6.85 8.72 -14.05
CA GLU B 125 -6.93 7.42 -14.70
C GLU B 125 -5.60 6.69 -14.73
N ILE B 126 -4.49 7.37 -14.40
CA ILE B 126 -3.17 6.75 -14.41
C ILE B 126 -2.92 5.90 -13.17
N PHE B 127 -3.75 6.07 -12.13
CA PHE B 127 -3.59 5.33 -10.87
C PHE B 127 -4.25 3.97 -11.01
N SER B 128 -3.57 3.07 -11.68
CA SER B 128 -4.07 1.73 -11.95
C SER B 128 -3.52 0.70 -10.98
N LEU B 129 -4.33 -0.31 -10.67
CA LEU B 129 -3.90 -1.42 -9.81
C LEU B 129 -3.16 -2.52 -10.57
N GLU B 130 -3.24 -2.55 -11.90
CA GLU B 130 -2.63 -3.62 -12.67
C GLU B 130 -1.36 -3.18 -13.39
N MET B 131 -1.07 -1.88 -13.39
CA MET B 131 0.12 -1.39 -14.05
C MET B 131 0.58 -0.13 -13.32
N SER B 132 1.84 0.21 -13.52
CA SER B 132 2.43 1.38 -12.90
C SER B 132 1.97 2.65 -13.60
N LYS B 133 2.17 3.79 -12.95
CA LYS B 133 1.81 5.09 -13.52
C LYS B 133 2.66 5.45 -14.74
N THR B 134 3.90 4.98 -14.76
CA THR B 134 4.77 5.12 -15.92
C THR B 134 4.26 4.27 -17.09
N GLU B 135 3.81 3.04 -16.80
CA GLU B 135 3.27 2.16 -17.83
C GLU B 135 1.92 2.63 -18.34
N ALA B 136 1.09 3.22 -17.47
CA ALA B 136 -0.20 3.77 -17.89
C ALA B 136 -0.04 5.04 -18.71
N LEU B 137 0.98 5.85 -18.42
CA LEU B 137 1.26 7.01 -19.27
C LEU B 137 1.91 6.61 -20.58
N THR B 138 2.70 5.52 -20.60
CA THR B 138 3.29 5.03 -21.84
C THR B 138 2.24 4.44 -22.77
N GLN B 139 1.22 3.78 -22.21
CA GLN B 139 0.13 3.26 -23.02
C GLN B 139 -0.77 4.39 -23.52
N ALA B 140 -0.97 5.44 -22.71
CA ALA B 140 -1.71 6.61 -23.18
C ALA B 140 -0.92 7.43 -24.19
N PHE B 141 0.42 7.36 -24.14
CA PHE B 141 1.24 8.02 -25.15
C PHE B 141 1.20 7.26 -26.47
N ARG B 142 1.27 5.93 -26.41
CA ARG B 142 1.37 5.14 -27.62
C ARG B 142 0.01 4.82 -28.23
N ARG B 143 -1.09 5.10 -27.54
CA ARG B 143 -2.41 5.00 -28.15
C ARG B 143 -2.67 6.09 -29.17
N SER B 144 -1.98 7.22 -29.08
CA SER B 144 -2.20 8.39 -29.92
C SER B 144 -1.28 8.45 -31.13
N ILE B 145 -0.53 7.39 -31.43
CA ILE B 145 0.28 7.36 -32.64
C ILE B 145 -0.30 6.29 -33.56
N GLY B 146 -1.04 6.75 -34.57
CA GLY B 146 -1.63 5.84 -35.52
C GLY B 146 -0.63 5.39 -36.57
N VAL B 147 -0.66 4.12 -36.89
CA VAL B 147 0.12 3.47 -37.92
C VAL B 147 -0.88 2.97 -38.95
N ARG B 148 -1.00 3.66 -40.09
CA ARG B 148 -1.88 3.23 -41.16
C ARG B 148 -1.15 2.21 -42.01
N ILE B 149 -1.53 0.93 -41.93
CA ILE B 149 -0.92 -0.08 -42.79
C ILE B 149 -1.85 -0.37 -43.95
N LYS B 150 -1.31 -0.43 -45.16
CA LYS B 150 -2.08 -0.83 -46.32
C LYS B 150 -1.60 -2.19 -46.81
N GLU B 151 -2.49 -2.93 -47.47
CA GLU B 151 -2.13 -4.24 -47.98
C GLU B 151 -2.89 -4.48 -49.28
N GLU B 152 -2.15 -4.78 -50.35
CA GLU B 152 -2.69 -4.94 -51.68
C GLU B 152 -3.39 -6.27 -51.91
N THR B 153 -3.18 -7.25 -51.01
CA THR B 153 -3.76 -8.62 -50.99
C THR B 153 -3.57 -9.43 -52.29
N LYS B 252 -9.45 -8.69 -58.23
CA LYS B 252 -8.18 -9.39 -58.26
C LYS B 252 -7.15 -8.70 -57.38
N ARG B 253 -7.27 -7.38 -57.24
CA ARG B 253 -6.36 -6.59 -56.42
C ARG B 253 -7.16 -5.53 -55.68
N LYS B 254 -7.12 -5.56 -54.35
CA LYS B 254 -7.86 -4.63 -53.53
C LYS B 254 -6.99 -4.23 -52.34
N GLU B 255 -6.87 -2.92 -52.12
CA GLU B 255 -6.03 -2.38 -51.05
C GLU B 255 -6.84 -2.27 -49.76
N VAL B 256 -6.77 -3.33 -48.93
CA VAL B 256 -7.35 -3.28 -47.61
C VAL B 256 -6.50 -2.37 -46.72
N VAL B 257 -7.17 -1.60 -45.86
CA VAL B 257 -6.54 -0.59 -45.01
C VAL B 257 -6.76 -0.99 -43.56
N HIS B 258 -5.67 -1.18 -42.82
CA HIS B 258 -5.70 -1.51 -41.41
C HIS B 258 -4.99 -0.41 -40.64
N THR B 259 -5.71 0.68 -40.39
CA THR B 259 -5.23 1.69 -39.48
C THR B 259 -5.25 1.11 -38.07
N VAL B 260 -4.19 1.33 -37.30
CA VAL B 260 -4.01 0.68 -36.01
C VAL B 260 -3.10 1.62 -35.25
N SER B 261 -3.12 1.54 -33.93
CA SER B 261 -2.22 2.41 -33.18
C SER B 261 -1.03 1.59 -32.70
N LEU B 262 -0.01 2.30 -32.18
CA LEU B 262 1.22 1.64 -31.74
C LEU B 262 1.01 0.80 -30.49
N HIS B 263 0.03 1.17 -29.67
CA HIS B 263 -0.30 0.42 -28.47
C HIS B 263 -0.91 -0.93 -28.81
N GLU B 264 -1.73 -0.99 -29.85
CA GLU B 264 -2.38 -2.27 -30.23
C GLU B 264 -1.28 -3.22 -30.75
N ILE B 265 -0.31 -2.69 -31.48
CA ILE B 265 0.81 -3.54 -32.02
C ILE B 265 1.60 -4.10 -30.83
N ASP B 266 1.79 -3.29 -29.77
CA ASP B 266 2.57 -3.72 -28.59
C ASP B 266 1.79 -4.71 -27.73
N VAL B 267 0.46 -4.69 -27.83
CA VAL B 267 -0.38 -5.65 -27.05
C VAL B 267 -0.50 -6.96 -27.84
N ILE B 268 -0.63 -6.89 -29.17
CA ILE B 268 -0.71 -8.11 -30.02
C ILE B 268 0.60 -8.90 -29.91
N ASN B 269 1.76 -8.22 -29.92
CA ASN B 269 3.07 -8.92 -29.93
C ASN B 269 3.58 -9.17 -28.51
N SER B 270 2.80 -8.84 -27.49
CA SER B 270 3.24 -9.00 -26.09
C SER B 270 3.08 -10.47 -25.66
N ARG B 271 2.14 -11.18 -26.25
CA ARG B 271 1.86 -12.56 -25.89
C ARG B 271 0.94 -13.17 -26.94
N THR B 272 0.89 -14.50 -26.94
CA THR B 272 -0.14 -15.20 -27.69
C THR B 272 -1.49 -14.97 -27.02
N GLN B 273 -2.52 -14.84 -27.87
CA GLN B 273 -3.89 -14.36 -27.54
C GLN B 273 -3.88 -13.02 -26.80
N GLY B 274 -2.99 -12.12 -27.24
CA GLY B 274 -2.91 -10.80 -26.66
C GLY B 274 -3.82 -9.79 -27.29
N PHE B 275 -4.53 -10.17 -28.34
CA PHE B 275 -5.44 -9.25 -28.99
C PHE B 275 -6.76 -9.10 -28.25
N LEU B 276 -7.07 -10.01 -27.33
CA LEU B 276 -8.23 -9.82 -26.48
C LEU B 276 -7.91 -8.95 -25.27
N ALA B 277 -6.63 -8.68 -25.01
CA ALA B 277 -6.23 -7.82 -23.92
C ALA B 277 -6.29 -6.34 -24.25
N LEU B 278 -6.54 -5.99 -25.51
CA LEU B 278 -7.03 -4.65 -25.83
C LEU B 278 -8.47 -4.47 -25.40
N PHE B 279 -9.23 -5.56 -25.42
CA PHE B 279 -10.67 -5.54 -25.21
C PHE B 279 -10.97 -5.59 -23.71
N SER B 280 -10.52 -6.65 -23.04
CA SER B 280 -10.69 -6.81 -21.60
C SER B 280 -9.80 -5.87 -20.80
N GLY B 281 -8.69 -5.41 -21.37
CA GLY B 281 -7.81 -4.52 -20.67
C GLY B 281 -6.90 -5.15 -19.65
N ASP B 282 -6.67 -6.46 -19.72
CA ASP B 282 -5.88 -7.18 -18.73
C ASP B 282 -4.43 -7.33 -19.13
N THR B 283 -3.90 -6.40 -19.92
CA THR B 283 -2.47 -6.32 -20.12
C THR B 283 -1.79 -5.84 -18.85
N GLY B 284 -0.61 -6.38 -18.60
CA GLY B 284 0.15 -5.97 -17.43
C GLY B 284 1.05 -4.80 -17.77
N GLU B 285 2.33 -4.97 -17.51
CA GLU B 285 3.35 -4.07 -18.03
C GLU B 285 3.98 -4.75 -19.23
N ILE B 286 3.82 -4.13 -20.40
CA ILE B 286 4.53 -4.56 -21.59
C ILE B 286 6.01 -4.24 -21.40
N LYS B 287 6.87 -5.16 -21.83
CA LYS B 287 8.30 -5.00 -21.65
C LYS B 287 8.81 -3.90 -22.58
N SER B 288 9.83 -3.17 -22.11
CA SER B 288 10.41 -2.08 -22.90
C SER B 288 11.19 -2.59 -24.10
N GLU B 289 11.73 -3.81 -23.99
CA GLU B 289 12.45 -4.49 -25.06
C GLU B 289 11.53 -4.82 -26.23
N VAL B 290 10.27 -5.13 -25.92
CA VAL B 290 9.25 -5.42 -26.93
C VAL B 290 8.89 -4.14 -27.68
N ARG B 291 8.83 -3.00 -26.97
CA ARG B 291 8.52 -1.71 -27.56
C ARG B 291 9.63 -1.18 -28.46
N GLU B 292 10.89 -1.54 -28.19
CA GLU B 292 11.95 -1.20 -29.14
C GLU B 292 11.88 -2.06 -30.39
N GLN B 293 11.44 -3.33 -30.27
CA GLN B 293 11.27 -4.14 -31.48
C GLN B 293 10.07 -3.71 -32.34
N ILE B 294 9.01 -3.16 -31.72
CA ILE B 294 7.93 -2.56 -32.51
C ILE B 294 8.35 -1.21 -33.09
N ASN B 295 9.09 -0.40 -32.36
CA ASN B 295 9.43 0.94 -32.89
C ASN B 295 10.36 0.78 -34.09
N ALA B 296 11.27 -0.20 -34.03
CA ALA B 296 12.25 -0.44 -35.14
C ALA B 296 11.53 -1.00 -36.37
N LYS B 297 10.63 -1.95 -36.18
CA LYS B 297 9.84 -2.53 -37.29
C LYS B 297 9.01 -1.43 -37.96
N VAL B 298 8.40 -0.54 -37.15
CA VAL B 298 7.54 0.52 -37.72
C VAL B 298 8.43 1.52 -38.48
N ALA B 299 9.62 1.81 -37.97
CA ALA B 299 10.56 2.68 -38.71
C ALA B 299 10.93 2.02 -40.04
N GLU B 300 11.20 0.72 -40.00
CA GLU B 300 11.55 -0.02 -41.23
C GLU B 300 10.38 0.07 -42.21
N TRP B 301 9.19 -0.34 -41.78
CA TRP B 301 8.00 -0.20 -42.67
C TRP B 301 7.89 1.22 -43.19
N ARG B 302 8.03 2.23 -42.32
CA ARG B 302 7.79 3.59 -42.79
C ARG B 302 8.78 3.95 -43.89
N GLU B 303 10.03 3.49 -43.78
CA GLU B 303 10.99 3.76 -44.86
C GLU B 303 10.74 2.88 -46.08
N GLU B 304 10.12 1.71 -45.91
CA GLU B 304 9.75 0.90 -47.06
C GLU B 304 8.42 1.31 -47.67
N GLY B 305 7.67 2.20 -47.02
CA GLY B 305 6.42 2.70 -47.55
C GLY B 305 5.21 1.84 -47.26
N LYS B 306 5.35 0.79 -46.45
CA LYS B 306 4.21 -0.05 -46.12
C LYS B 306 3.32 0.59 -45.06
N ALA B 307 3.81 1.58 -44.32
CA ALA B 307 3.05 2.18 -43.24
C ALA B 307 3.17 3.69 -43.30
N GLU B 308 2.11 4.37 -42.86
CA GLU B 308 2.08 5.82 -42.77
C GLU B 308 1.79 6.24 -41.34
N ILE B 309 2.69 6.99 -40.74
CA ILE B 309 2.53 7.44 -39.36
C ILE B 309 1.65 8.67 -39.30
N ILE B 310 0.58 8.57 -38.51
CA ILE B 310 -0.32 9.72 -38.31
C ILE B 310 -0.26 10.08 -36.82
N PRO B 311 0.61 11.02 -36.41
CA PRO B 311 0.76 11.35 -35.00
C PRO B 311 -0.51 12.02 -34.54
N GLY B 312 -0.82 11.95 -33.26
CA GLY B 312 -2.11 12.48 -32.79
C GLY B 312 -1.99 13.27 -31.52
N VAL B 313 -3.09 13.40 -30.77
CA VAL B 313 -3.07 14.24 -29.55
C VAL B 313 -3.34 13.38 -28.31
N LEU B 314 -2.91 13.85 -27.14
CA LEU B 314 -3.23 13.18 -25.86
C LEU B 314 -3.76 14.30 -24.97
N PHE B 315 -5.05 14.28 -24.65
CA PHE B 315 -5.63 15.30 -23.75
C PHE B 315 -5.64 14.77 -22.35
N ILE B 316 -4.80 15.31 -21.47
CA ILE B 316 -4.82 14.93 -20.05
C ILE B 316 -5.55 16.06 -19.31
N ASP B 317 -6.84 15.89 -19.06
CA ASP B 317 -7.64 16.93 -18.36
C ASP B 317 -7.36 16.83 -16.86
N GLU B 318 -7.63 17.89 -16.10
CA GLU B 318 -7.30 17.82 -14.65
C GLU B 318 -5.94 17.16 -14.52
N VAL B 319 -4.91 17.73 -15.13
CA VAL B 319 -3.53 17.16 -15.07
C VAL B 319 -3.00 17.35 -13.63
N HIS B 320 -3.52 18.33 -12.90
CA HIS B 320 -3.05 18.60 -11.52
C HIS B 320 -3.14 17.34 -10.67
N MET B 321 -3.90 16.33 -11.11
CA MET B 321 -4.12 15.11 -10.29
C MET B 321 -2.98 14.10 -10.52
N LEU B 322 -1.91 14.48 -11.20
CA LEU B 322 -0.73 13.58 -11.38
C LEU B 322 0.27 13.90 -10.27
N ASP B 323 1.13 12.95 -9.91
CA ASP B 323 2.12 13.14 -8.83
C ASP B 323 3.49 13.50 -9.42
N ILE B 324 4.48 13.75 -8.57
CA ILE B 324 5.81 14.25 -9.05
C ILE B 324 6.51 13.20 -9.93
N GLU B 325 6.35 11.91 -9.66
CA GLU B 325 7.02 10.86 -10.43
C GLU B 325 6.46 10.74 -11.83
N SER B 326 5.16 10.95 -11.94
CA SER B 326 4.49 10.92 -13.23
C SER B 326 4.76 12.20 -14.03
N PHE B 327 4.94 13.32 -13.33
CA PHE B 327 5.35 14.56 -13.98
C PHE B 327 6.80 14.47 -14.47
N SER B 328 7.64 13.76 -13.72
CA SER B 328 9.02 13.58 -14.14
C SER B 328 9.13 12.56 -15.26
N PHE B 329 8.16 11.65 -15.35
CA PHE B 329 8.10 10.79 -16.53
C PHE B 329 7.67 11.57 -17.76
N LEU B 330 6.81 12.58 -17.58
CA LEU B 330 6.43 13.47 -18.68
C LEU B 330 7.58 14.35 -19.14
N ASN B 331 8.54 14.64 -18.25
CA ASN B 331 9.73 15.41 -18.61
C ASN B 331 10.62 14.70 -19.64
N ARG B 332 10.65 13.36 -19.61
CA ARG B 332 11.42 12.59 -20.59
C ARG B 332 10.60 11.91 -21.66
N ALA B 333 9.31 11.70 -21.46
CA ALA B 333 8.48 11.10 -22.50
C ALA B 333 8.18 12.06 -23.63
N LEU B 334 8.21 13.36 -23.38
CA LEU B 334 7.96 14.36 -24.40
C LEU B 334 9.18 14.60 -25.28
N GLU B 335 10.36 14.13 -24.88
CA GLU B 335 11.56 14.30 -25.68
C GLU B 335 11.77 13.16 -26.66
N SER B 336 10.91 12.15 -26.65
CA SER B 336 11.02 11.00 -27.54
C SER B 336 10.57 11.37 -28.94
N ASP B 337 11.09 10.62 -29.91
CA ASP B 337 10.78 10.83 -31.32
C ASP B 337 9.35 10.42 -31.69
N MET B 338 8.72 9.55 -30.91
CA MET B 338 7.38 9.07 -31.19
C MET B 338 6.32 9.65 -30.26
N ALA B 339 6.60 10.77 -29.62
CA ALA B 339 5.64 11.33 -28.69
C ALA B 339 4.52 12.08 -29.42
N PRO B 340 3.26 11.89 -29.02
CA PRO B 340 2.19 12.73 -29.53
C PRO B 340 2.21 14.12 -28.92
N VAL B 341 1.50 15.04 -29.57
CA VAL B 341 1.22 16.35 -29.01
C VAL B 341 0.33 16.18 -27.77
N LEU B 342 0.67 16.87 -26.69
CA LEU B 342 0.09 16.65 -25.37
C LEU B 342 -0.62 17.91 -24.90
N ILE B 343 -1.92 17.92 -25.00
CA ILE B 343 -2.71 19.02 -24.46
C ILE B 343 -3.15 18.65 -23.04
N MET B 344 -3.23 19.65 -22.18
CA MET B 344 -3.49 19.50 -20.76
C MET B 344 -4.30 20.70 -20.29
N ALA B 345 -5.14 20.50 -19.28
CA ALA B 345 -6.01 21.55 -18.78
C ALA B 345 -5.95 21.58 -17.27
N THR B 346 -5.85 22.79 -16.70
CA THR B 346 -5.78 22.94 -15.25
C THR B 346 -6.51 24.21 -14.84
N ASN B 347 -7.38 24.10 -13.85
CA ASN B 347 -7.98 25.26 -13.20
C ASN B 347 -7.28 25.67 -11.91
N ARG B 348 -6.23 24.97 -11.52
CA ARG B 348 -5.59 25.15 -10.23
C ARG B 348 -4.68 26.39 -10.24
N GLY B 349 -4.48 26.97 -9.05
CA GLY B 349 -3.57 28.09 -8.85
C GLY B 349 -2.20 27.66 -8.39
N ILE B 350 -1.53 28.53 -7.62
CA ILE B 350 -0.20 28.19 -7.10
C ILE B 350 -0.41 27.25 -5.92
N THR B 351 -0.38 25.95 -6.19
CA THR B 351 -0.72 24.93 -5.23
C THR B 351 0.40 23.93 -5.06
N ARG B 352 0.16 23.01 -4.13
CA ARG B 352 1.10 21.94 -3.83
C ARG B 352 0.97 20.82 -4.87
N ILE B 353 2.11 20.24 -5.28
CA ILE B 353 2.13 19.04 -6.12
C ILE B 353 1.68 17.85 -5.30
N ARG B 354 1.00 16.88 -5.95
CA ARG B 354 0.34 15.76 -5.27
C ARG B 354 1.31 14.76 -4.63
N GLY B 355 2.51 14.63 -5.15
CA GLY B 355 3.47 13.74 -4.52
C GLY B 355 4.41 14.37 -3.52
N THR B 356 4.49 15.69 -3.47
CA THR B 356 5.44 16.42 -2.64
C THR B 356 4.73 17.49 -1.82
N SER B 357 5.52 18.41 -1.25
CA SER B 357 5.00 19.48 -0.42
C SER B 357 5.31 20.87 -0.95
N TYR B 358 6.07 20.99 -2.03
CA TYR B 358 6.43 22.29 -2.59
C TYR B 358 5.25 22.90 -3.33
N GLN B 359 5.20 24.23 -3.35
CA GLN B 359 4.16 24.97 -4.06
C GLN B 359 4.71 25.48 -5.38
N SER B 360 3.96 25.25 -6.44
CA SER B 360 4.33 25.63 -7.80
C SER B 360 3.07 26.08 -8.51
N PRO B 361 3.19 26.93 -9.55
CA PRO B 361 2.01 27.28 -10.35
C PRO B 361 1.37 26.12 -11.08
N HIS B 362 0.02 26.15 -11.12
CA HIS B 362 -0.94 25.18 -11.67
C HIS B 362 -0.86 23.77 -11.06
N GLY B 363 -0.16 23.55 -9.94
CA GLY B 363 0.03 22.20 -9.45
C GLY B 363 1.07 21.39 -10.23
N ILE B 364 1.86 22.05 -11.07
CA ILE B 364 2.76 21.41 -12.03
C ILE B 364 4.13 22.00 -11.73
N PRO B 365 5.19 21.19 -11.63
CA PRO B 365 6.53 21.74 -11.39
C PRO B 365 7.08 22.56 -12.55
N ILE B 366 8.00 23.46 -12.20
CA ILE B 366 8.60 24.40 -13.14
C ILE B 366 9.55 23.70 -14.12
N ASP B 367 10.03 22.51 -13.76
CA ASP B 367 10.75 21.62 -14.65
C ASP B 367 9.89 21.10 -15.81
N LEU B 368 8.58 20.90 -15.58
CA LEU B 368 7.69 20.56 -16.68
C LEU B 368 7.10 21.79 -17.34
N LEU B 369 6.88 22.87 -16.58
CA LEU B 369 6.34 24.14 -17.09
C LEU B 369 7.31 24.88 -18.00
N ASP B 370 8.60 24.55 -17.93
CA ASP B 370 9.58 24.94 -18.93
C ASP B 370 9.30 24.36 -20.30
N ARG B 371 8.70 23.17 -20.37
CA ARG B 371 8.46 22.48 -21.63
C ARG B 371 7.13 22.79 -22.31
N LEU B 372 6.30 23.67 -21.76
CA LEU B 372 4.95 23.85 -22.29
C LEU B 372 4.76 25.22 -22.92
N LEU B 373 3.57 25.40 -23.53
CA LEU B 373 3.10 26.71 -23.98
C LEU B 373 1.72 26.97 -23.39
N ILE B 374 1.67 27.86 -22.39
CA ILE B 374 0.45 28.13 -21.64
C ILE B 374 -0.51 28.94 -22.51
N VAL B 375 -1.79 28.56 -22.50
CA VAL B 375 -2.88 29.28 -23.14
C VAL B 375 -3.84 29.68 -22.04
N SER B 376 -3.87 30.97 -21.72
CA SER B 376 -4.77 31.47 -20.70
C SER B 376 -6.19 31.59 -21.24
N THR B 377 -7.17 31.46 -20.35
CA THR B 377 -8.56 31.66 -20.73
C THR B 377 -9.21 32.71 -19.84
N THR B 378 -9.71 33.77 -20.46
CA THR B 378 -10.34 34.92 -19.83
C THR B 378 -11.73 34.57 -19.29
N PRO B 379 -12.13 35.11 -18.13
CA PRO B 379 -13.53 35.08 -17.72
C PRO B 379 -14.45 35.88 -18.64
N TYR B 380 -15.68 35.40 -18.76
CA TYR B 380 -16.68 35.94 -19.68
C TYR B 380 -17.32 37.23 -19.19
N SER B 381 -17.79 38.02 -20.14
CA SER B 381 -18.57 39.23 -19.90
C SER B 381 -20.06 38.90 -19.88
N GLU B 382 -20.91 39.93 -19.94
CA GLU B 382 -22.35 39.73 -19.89
C GLU B 382 -22.89 39.20 -21.22
N LYS B 383 -22.44 39.77 -22.33
CA LYS B 383 -22.92 39.36 -23.64
C LYS B 383 -22.40 37.99 -24.04
N ASP B 384 -21.21 37.61 -23.56
CA ASP B 384 -20.69 36.28 -23.83
C ASP B 384 -21.41 35.21 -23.03
N THR B 385 -21.81 35.53 -21.79
CA THR B 385 -22.60 34.63 -20.96
C THR B 385 -24.01 34.46 -21.52
N LYS B 386 -24.56 35.54 -22.07
CA LYS B 386 -25.88 35.49 -22.71
C LYS B 386 -25.84 34.68 -24.00
N GLN B 387 -24.74 34.74 -24.75
CA GLN B 387 -24.66 33.99 -25.99
C GLN B 387 -24.34 32.52 -25.77
N ILE B 388 -23.68 32.18 -24.64
CA ILE B 388 -23.55 30.76 -24.23
C ILE B 388 -24.93 30.19 -23.91
N LEU B 389 -25.81 31.01 -23.28
CA LEU B 389 -27.18 30.57 -23.01
C LEU B 389 -28.03 30.41 -24.28
N ARG B 390 -27.79 31.21 -25.34
CA ARG B 390 -28.61 31.01 -26.56
C ARG B 390 -28.15 29.80 -27.37
N ILE B 391 -26.83 29.54 -27.45
CA ILE B 391 -26.35 28.32 -28.09
C ILE B 391 -26.75 27.07 -27.30
N ARG B 392 -26.78 27.17 -25.96
CA ARG B 392 -27.26 26.02 -25.18
C ARG B 392 -28.77 25.86 -25.22
N CYS B 393 -29.55 26.94 -25.19
CA CYS B 393 -31.02 26.71 -25.23
C CYS B 393 -31.39 26.05 -26.57
N GLU B 394 -30.56 26.22 -27.60
CA GLU B 394 -30.81 25.55 -28.91
C GLU B 394 -30.48 24.05 -28.81
N GLU B 395 -29.34 23.68 -28.23
CA GLU B 395 -28.94 22.24 -28.16
C GLU B 395 -29.97 21.47 -27.33
N GLU B 396 -30.48 22.07 -26.25
CA GLU B 396 -31.49 21.42 -25.39
C GLU B 396 -32.88 21.63 -26.01
N ASP B 397 -32.95 22.40 -27.09
CA ASP B 397 -34.24 22.64 -27.81
C ASP B 397 -35.28 23.25 -26.85
N VAL B 398 -34.97 24.40 -26.26
CA VAL B 398 -35.94 25.11 -25.38
C VAL B 398 -36.10 26.54 -25.92
N GLU B 399 -37.34 27.00 -26.05
CA GLU B 399 -37.60 28.38 -26.54
C GLU B 399 -37.80 29.27 -25.31
N MET B 400 -36.93 30.26 -25.12
CA MET B 400 -37.04 31.11 -23.95
C MET B 400 -37.36 32.55 -24.35
N SER B 401 -38.09 33.24 -23.47
CA SER B 401 -38.38 34.65 -23.66
C SER B 401 -37.14 35.49 -23.37
N GLU B 402 -37.09 36.69 -23.98
CA GLU B 402 -35.94 37.58 -23.86
C GLU B 402 -35.77 38.17 -22.46
N ASP B 403 -36.88 38.34 -21.72
CA ASP B 403 -36.79 38.79 -20.33
C ASP B 403 -36.23 37.71 -19.43
N ALA B 404 -36.54 36.45 -19.76
CA ALA B 404 -35.95 35.32 -19.05
C ALA B 404 -34.50 35.12 -19.42
N TYR B 405 -34.09 35.55 -20.62
CA TYR B 405 -32.68 35.53 -21.01
C TYR B 405 -31.89 36.57 -20.23
N THR B 406 -32.50 37.71 -19.93
CA THR B 406 -31.80 38.76 -19.18
C THR B 406 -31.68 38.37 -17.70
N VAL B 407 -32.73 37.75 -17.16
CA VAL B 407 -32.73 37.31 -15.77
C VAL B 407 -31.79 36.11 -15.58
N LEU B 408 -31.75 35.20 -16.56
CA LEU B 408 -30.82 34.08 -16.51
C LEU B 408 -29.36 34.49 -16.75
N THR B 409 -29.12 35.56 -17.52
CA THR B 409 -27.77 36.10 -17.62
C THR B 409 -27.34 36.80 -16.33
N ARG B 410 -28.28 37.43 -15.63
CA ARG B 410 -27.98 38.03 -14.33
C ARG B 410 -27.71 36.98 -13.25
N ILE B 411 -28.42 35.85 -13.31
CA ILE B 411 -28.15 34.70 -12.45
C ILE B 411 -26.82 34.05 -12.82
N GLY B 412 -26.50 34.01 -14.13
CA GLY B 412 -25.26 33.40 -14.55
C GLY B 412 -24.03 34.26 -14.35
N LEU B 413 -24.22 35.55 -14.17
CA LEU B 413 -23.12 36.43 -13.79
C LEU B 413 -22.98 36.53 -12.29
N GLU B 414 -24.07 36.31 -11.54
CA GLU B 414 -24.00 36.48 -10.10
C GLU B 414 -23.37 35.27 -9.43
N THR B 415 -23.71 34.06 -9.87
CA THR B 415 -23.27 32.86 -9.19
C THR B 415 -22.24 32.07 -9.99
N SER B 416 -22.61 31.56 -11.16
CA SER B 416 -21.79 30.64 -11.94
C SER B 416 -22.42 30.50 -13.32
N LEU B 417 -21.61 30.14 -14.30
CA LEU B 417 -22.13 29.87 -15.64
C LEU B 417 -22.86 28.53 -15.70
N ARG B 418 -22.27 27.49 -15.09
CA ARG B 418 -22.80 26.13 -15.17
C ARG B 418 -24.09 25.93 -14.39
N TYR B 419 -24.31 26.75 -13.34
CA TYR B 419 -25.60 26.75 -12.66
C TYR B 419 -26.71 27.30 -13.55
N ALA B 420 -26.40 28.32 -14.33
CA ALA B 420 -27.36 28.86 -15.29
C ALA B 420 -27.54 27.96 -16.49
N ILE B 421 -26.57 27.08 -16.78
CA ILE B 421 -26.75 26.07 -17.82
C ILE B 421 -27.74 25.01 -17.35
N GLN B 422 -27.61 24.54 -16.10
CA GLN B 422 -28.55 23.51 -15.64
C GLN B 422 -29.90 24.06 -15.21
N LEU B 423 -30.07 25.37 -15.08
CA LEU B 423 -31.43 25.89 -14.87
C LEU B 423 -32.28 25.89 -16.13
N ILE B 424 -31.70 25.77 -17.32
CA ILE B 424 -32.44 25.88 -18.58
C ILE B 424 -33.35 24.67 -18.81
N THR B 425 -32.84 23.46 -18.57
CA THR B 425 -33.60 22.24 -18.82
C THR B 425 -34.69 22.02 -17.76
N ALA B 426 -34.37 22.27 -16.50
CA ALA B 426 -35.35 22.17 -15.43
C ALA B 426 -36.39 23.28 -15.50
N ALA B 427 -36.04 24.46 -16.06
CA ALA B 427 -37.03 25.50 -16.33
C ALA B 427 -37.93 25.11 -17.49
N SER B 428 -37.41 24.33 -18.44
CA SER B 428 -38.22 23.81 -19.54
C SER B 428 -39.21 22.76 -19.05
N LEU B 429 -38.85 22.00 -18.01
CA LEU B 429 -39.79 21.03 -17.49
C LEU B 429 -40.84 21.65 -16.57
N VAL B 430 -40.51 22.78 -15.94
CA VAL B 430 -41.53 23.54 -15.19
C VAL B 430 -42.50 24.20 -16.18
N CYS B 431 -41.98 24.65 -17.34
CA CYS B 431 -42.85 25.12 -18.41
C CYS B 431 -43.67 24.01 -19.07
N ARG B 432 -43.17 22.78 -19.08
CA ARG B 432 -43.98 21.69 -19.62
C ARG B 432 -45.07 21.24 -18.66
N LYS B 433 -44.84 21.34 -17.34
CA LYS B 433 -45.88 20.92 -16.40
C LYS B 433 -47.00 21.94 -16.24
N ARG B 434 -46.77 23.20 -16.58
CA ARG B 434 -47.86 24.18 -16.64
C ARG B 434 -48.58 24.18 -17.99
N LYS B 435 -48.12 23.33 -18.93
CA LYS B 435 -48.62 23.20 -20.32
C LYS B 435 -48.53 24.50 -21.10
N GLY B 436 -47.45 25.26 -20.87
CA GLY B 436 -47.09 26.35 -21.74
C GLY B 436 -46.13 25.92 -22.83
N THR B 437 -45.73 26.91 -23.62
CA THR B 437 -44.75 26.78 -24.70
C THR B 437 -43.52 27.63 -24.46
N GLU B 438 -43.71 28.92 -24.19
CA GLU B 438 -42.63 29.85 -23.91
C GLU B 438 -42.26 29.82 -22.44
N VAL B 439 -40.97 29.75 -22.16
CA VAL B 439 -40.47 29.75 -20.78
C VAL B 439 -40.44 31.19 -20.29
N GLN B 440 -41.16 31.45 -19.21
CA GLN B 440 -41.24 32.81 -18.69
C GLN B 440 -40.24 33.00 -17.55
N VAL B 441 -40.25 34.21 -17.00
CA VAL B 441 -39.37 34.59 -15.91
C VAL B 441 -39.80 33.91 -14.61
N ASP B 442 -41.09 33.60 -14.48
CA ASP B 442 -41.62 32.91 -13.30
C ASP B 442 -41.19 31.45 -13.22
N ASP B 443 -40.98 30.80 -14.37
CA ASP B 443 -40.40 29.46 -14.38
C ASP B 443 -38.93 29.47 -13.96
N ILE B 444 -38.22 30.55 -14.29
CA ILE B 444 -36.82 30.73 -13.89
C ILE B 444 -36.74 30.99 -12.39
N LYS B 445 -37.63 31.82 -11.87
CA LYS B 445 -37.65 32.14 -10.44
C LYS B 445 -38.14 30.98 -9.58
N ARG B 446 -39.03 30.14 -10.14
CA ARG B 446 -39.49 28.95 -9.42
C ARG B 446 -38.41 27.88 -9.36
N VAL B 447 -37.67 27.70 -10.46
CA VAL B 447 -36.59 26.72 -10.48
C VAL B 447 -35.37 27.25 -9.72
N TYR B 448 -35.20 28.58 -9.66
CA TYR B 448 -34.17 29.21 -8.85
C TYR B 448 -34.46 29.04 -7.36
N SER B 449 -35.74 28.94 -6.99
CA SER B 449 -36.07 28.61 -5.62
C SER B 449 -36.04 27.11 -5.37
N LEU B 450 -36.16 26.30 -6.42
CA LEU B 450 -36.18 24.85 -6.24
C LEU B 450 -34.79 24.27 -6.03
N PHE B 451 -33.84 24.68 -6.88
CA PHE B 451 -32.48 24.08 -6.83
C PHE B 451 -31.50 25.16 -6.41
N LEU B 452 -30.63 24.85 -5.45
CA LEU B 452 -29.70 25.89 -4.92
C LEU B 452 -28.35 25.79 -5.62
N ASP B 453 -27.43 26.70 -5.28
CA ASP B 453 -26.06 26.70 -5.84
C ASP B 453 -25.11 26.68 -4.64
N GLU B 454 -23.83 26.40 -4.85
CA GLU B 454 -22.91 26.28 -3.69
C GLU B 454 -23.07 27.52 -2.80
N SER B 455 -23.01 28.71 -3.36
CA SER B 455 -23.05 29.93 -2.52
C SER B 455 -24.23 29.88 -1.54
N ARG B 456 -25.45 29.69 -2.05
CA ARG B 456 -26.64 29.66 -1.17
C ARG B 456 -26.61 28.38 -0.34
N SER B 457 -26.18 27.27 -0.93
CA SER B 457 -26.08 25.98 -0.18
C SER B 457 -25.15 26.16 1.02
N THR B 458 -24.00 26.80 0.81
CA THR B 458 -23.03 26.94 1.93
C THR B 458 -23.62 27.80 3.02
N GLN B 459 -24.34 28.86 2.66
CA GLN B 459 -24.99 29.73 3.68
C GLN B 459 -25.91 28.90 4.56
N TYR B 460 -26.80 28.10 3.96
CA TYR B 460 -27.79 27.32 4.76
C TYR B 460 -27.05 26.34 5.67
N MET B 461 -25.89 25.86 5.22
CA MET B 461 -25.10 24.87 6.00
C MET B 461 -24.47 25.58 7.21
N LYS B 462 -24.34 26.91 7.15
CA LYS B 462 -23.68 27.65 8.26
C LYS B 462 -24.51 27.45 9.54
N GLU B 463 -25.84 27.44 9.42
CA GLU B 463 -26.72 27.32 10.61
C GLU B 463 -26.70 25.88 11.13
N TYR B 464 -26.80 24.88 10.24
CA TYR B 464 -26.87 23.46 10.69
C TYR B 464 -25.48 22.85 10.73
N GLN B 465 -24.44 23.69 10.82
CA GLN B 465 -23.04 23.21 10.89
C GLN B 465 -22.90 22.39 12.18
N ASP B 466 -23.77 22.65 13.16
CA ASP B 466 -23.78 21.81 14.39
C ASP B 466 -24.74 20.64 14.18
N ALA B 467 -25.50 20.63 13.08
CA ALA B 467 -26.41 19.51 12.75
C ALA B 467 -25.73 18.63 11.70
N PHE B 468 -24.94 19.25 10.84
CA PHE B 468 -24.21 18.51 9.78
C PHE B 468 -22.99 17.86 10.39
N LEU B 469 -22.60 16.71 9.87
CA LEU B 469 -21.43 15.98 10.40
C LEU B 469 -20.15 16.55 9.76
N THR C 15 8.72 11.28 -44.06
CA THR C 15 9.83 11.93 -43.36
C THR C 15 9.78 11.60 -41.88
N GLN C 16 10.95 11.53 -41.26
CA GLN C 16 11.08 11.29 -39.83
C GLN C 16 10.62 12.53 -39.07
N ARG C 17 10.00 12.31 -37.90
CA ARG C 17 9.57 13.40 -37.03
C ARG C 17 10.78 14.05 -36.38
N ILE C 18 10.68 15.35 -36.12
CA ILE C 18 11.76 16.12 -35.54
C ILE C 18 11.37 16.42 -34.10
N ALA C 19 12.17 15.96 -33.16
CA ALA C 19 11.83 16.10 -31.77
C ALA C 19 12.84 17.05 -31.12
N SER C 20 12.76 17.15 -29.80
CA SER C 20 13.84 17.74 -29.03
C SER C 20 15.06 16.81 -29.08
N HIS C 21 16.25 17.44 -29.02
CA HIS C 21 17.59 16.85 -29.23
C HIS C 21 17.73 16.14 -30.57
N SER C 22 17.05 16.59 -31.62
CA SER C 22 17.23 15.98 -32.92
C SER C 22 18.42 16.54 -33.66
N HIS C 23 18.89 17.71 -33.26
CA HIS C 23 20.08 18.36 -33.79
C HIS C 23 21.37 17.87 -33.16
N VAL C 24 21.29 17.10 -32.10
CA VAL C 24 22.48 16.65 -31.38
C VAL C 24 23.07 15.47 -32.13
N LYS C 25 24.28 15.63 -32.66
CA LYS C 25 24.93 14.58 -33.44
C LYS C 25 26.29 14.22 -32.86
N GLY C 26 26.44 14.36 -31.56
CA GLY C 26 27.71 14.07 -30.89
C GLY C 26 28.31 15.30 -30.26
N LEU C 27 29.31 15.06 -29.43
CA LEU C 27 30.07 16.13 -28.81
C LEU C 27 30.96 16.80 -29.85
N GLY C 28 31.15 18.10 -29.70
CA GLY C 28 31.94 18.80 -30.68
C GLY C 28 33.42 18.92 -30.35
N LEU C 29 34.15 17.81 -30.36
CA LEU C 29 35.55 17.84 -29.98
C LEU C 29 36.46 17.61 -31.19
N ASP C 30 37.69 18.14 -31.11
CA ASP C 30 38.65 17.90 -32.18
C ASP C 30 39.49 16.67 -31.81
N GLU C 31 40.63 16.50 -32.49
CA GLU C 31 41.60 15.46 -32.16
C GLU C 31 42.26 15.66 -30.79
N SER C 32 42.45 16.90 -30.36
CA SER C 32 43.07 17.15 -29.07
C SER C 32 42.13 16.98 -27.87
N GLY C 33 40.82 16.84 -28.11
CA GLY C 33 39.86 16.64 -27.05
C GLY C 33 39.29 17.90 -26.43
N LEU C 34 39.72 19.07 -26.90
CA LEU C 34 39.13 20.34 -26.48
C LEU C 34 37.79 20.53 -27.18
N ALA C 35 36.91 21.30 -26.57
CA ALA C 35 35.58 21.48 -27.15
C ALA C 35 35.61 22.67 -28.11
N LYS C 36 35.02 22.48 -29.29
CA LYS C 36 34.76 23.60 -30.18
C LYS C 36 33.60 24.42 -29.65
N GLN C 37 33.56 25.70 -30.04
CA GLN C 37 32.48 26.59 -29.66
C GLN C 37 31.16 26.20 -30.30
N ALA C 38 31.18 25.70 -31.54
CA ALA C 38 29.96 25.31 -32.24
C ALA C 38 30.31 24.18 -33.20
N ALA C 39 30.05 22.96 -32.78
CA ALA C 39 30.29 21.81 -33.66
C ALA C 39 29.30 20.72 -33.30
N SER C 40 28.80 20.04 -34.35
CA SER C 40 27.90 18.87 -34.31
C SER C 40 26.59 19.13 -33.57
N GLY C 41 26.08 20.35 -33.65
CA GLY C 41 24.84 20.72 -33.00
C GLY C 41 24.96 21.16 -31.57
N LEU C 42 26.15 21.12 -31.00
CA LEU C 42 26.40 21.55 -29.63
C LEU C 42 27.03 22.93 -29.62
N VAL C 43 26.53 23.82 -28.78
CA VAL C 43 27.00 25.19 -28.70
C VAL C 43 27.31 25.52 -27.24
N GLY C 44 28.53 26.01 -26.99
CA GLY C 44 28.92 26.41 -25.67
C GLY C 44 29.23 25.21 -24.81
N GLN C 45 29.32 25.49 -23.50
CA GLN C 45 29.45 24.52 -22.40
C GLN C 45 30.70 23.65 -22.54
N GLU C 46 31.83 24.32 -22.71
CA GLU C 46 33.04 23.64 -23.15
C GLU C 46 33.68 22.77 -22.09
N ASN C 47 33.51 23.12 -20.79
CA ASN C 47 34.08 22.32 -19.69
C ASN C 47 33.33 21.01 -19.55
N ALA C 48 32.00 21.06 -19.68
CA ALA C 48 31.17 19.88 -19.64
C ALA C 48 31.36 19.01 -20.87
N ARG C 49 31.74 19.58 -22.00
CA ARG C 49 31.94 18.77 -23.19
C ARG C 49 33.30 18.08 -23.22
N GLU C 50 34.37 18.72 -22.70
CA GLU C 50 35.64 18.00 -22.52
C GLU C 50 35.54 16.94 -21.43
N ALA C 51 34.75 17.19 -20.38
CA ALA C 51 34.56 16.18 -19.34
C ALA C 51 33.72 15.01 -19.85
N CYS C 52 32.74 15.28 -20.71
CA CYS C 52 31.98 14.19 -21.31
C CYS C 52 32.78 13.46 -22.38
N GLY C 53 33.79 14.11 -22.97
CA GLY C 53 34.63 13.40 -23.91
C GLY C 53 35.63 12.48 -23.25
N VAL C 54 36.09 12.85 -22.04
CA VAL C 54 36.90 11.95 -21.21
C VAL C 54 36.06 10.76 -20.74
N ILE C 55 34.77 10.96 -20.49
CA ILE C 55 33.86 9.83 -20.12
C ILE C 55 33.64 8.91 -21.33
N VAL C 56 33.51 9.47 -22.54
CA VAL C 56 33.33 8.64 -23.77
C VAL C 56 34.54 7.71 -23.96
N GLU C 57 35.75 8.22 -23.71
CA GLU C 57 36.99 7.41 -23.83
C GLU C 57 36.95 6.25 -22.82
N LEU C 58 36.42 6.49 -21.63
CA LEU C 58 36.28 5.42 -20.59
C LEU C 58 35.34 4.34 -21.11
N ILE C 59 34.19 4.71 -21.68
CA ILE C 59 33.18 3.71 -22.13
C ILE C 59 33.80 2.87 -23.26
N LYS C 60 34.72 3.45 -24.03
CA LYS C 60 35.34 2.74 -25.18
C LYS C 60 36.53 1.88 -24.72
N SER C 61 37.22 2.28 -23.65
CA SER C 61 38.40 1.52 -23.13
C SER C 61 37.91 0.14 -22.70
N LYS C 62 36.61 0.01 -22.48
CA LYS C 62 35.98 -1.24 -22.02
C LYS C 62 36.77 -1.94 -20.90
N LYS C 63 37.43 -1.16 -20.05
CA LYS C 63 38.29 -1.69 -19.02
C LYS C 63 37.72 -1.54 -17.63
N MET C 64 36.92 -0.50 -17.40
CA MET C 64 36.37 -0.20 -16.09
C MET C 64 34.92 -0.63 -16.03
N ALA C 65 34.42 -0.76 -14.81
CA ALA C 65 33.06 -1.21 -14.61
C ALA C 65 32.48 -0.48 -13.42
N GLY C 66 31.23 -0.04 -13.56
CA GLY C 66 30.55 0.54 -12.43
C GLY C 66 30.93 1.96 -12.09
N ARG C 67 31.63 2.66 -12.97
CA ARG C 67 31.89 4.07 -12.71
C ARG C 67 30.63 4.89 -12.94
N ALA C 68 30.50 5.96 -12.18
CA ALA C 68 29.25 6.71 -12.18
C ALA C 68 29.50 8.19 -12.34
N VAL C 69 28.73 8.80 -13.24
CA VAL C 69 28.83 10.21 -13.61
C VAL C 69 27.52 10.87 -13.22
N LEU C 70 27.58 12.04 -12.60
CA LEU C 70 26.41 12.88 -12.40
C LEU C 70 26.55 14.14 -13.24
N LEU C 71 25.57 14.39 -14.09
CA LEU C 71 25.41 15.69 -14.72
C LEU C 71 24.52 16.53 -13.82
N ALA C 72 24.98 17.73 -13.47
CA ALA C 72 24.24 18.58 -12.55
C ALA C 72 24.16 19.98 -13.10
N GLY C 73 23.07 20.67 -12.78
CA GLY C 73 22.90 22.03 -13.20
C GLY C 73 21.47 22.53 -13.18
N PRO C 74 21.26 23.76 -13.62
CA PRO C 74 19.90 24.28 -13.79
C PRO C 74 19.16 23.60 -14.92
N PRO C 75 17.82 23.58 -14.89
CA PRO C 75 17.04 23.09 -16.02
C PRO C 75 17.17 23.95 -17.28
N GLY C 76 17.37 23.25 -18.40
CA GLY C 76 17.60 23.96 -19.67
C GLY C 76 19.05 24.32 -19.84
N THR C 77 19.97 23.41 -19.48
CA THR C 77 21.40 23.76 -19.54
C THR C 77 22.20 22.66 -20.20
N GLY C 78 21.53 21.74 -20.90
CA GLY C 78 22.24 20.69 -21.65
C GLY C 78 22.68 19.56 -20.74
N LYS C 79 21.73 18.83 -20.15
CA LYS C 79 22.09 17.64 -19.33
C LYS C 79 21.64 16.39 -20.10
N THR C 80 20.42 16.41 -20.63
CA THR C 80 19.93 15.27 -21.45
C THR C 80 20.58 15.36 -22.81
N ALA C 81 20.98 16.57 -23.22
CA ALA C 81 21.58 16.78 -24.56
C ALA C 81 23.02 16.28 -24.54
N LEU C 82 23.69 16.43 -23.40
CA LEU C 82 25.12 16.05 -23.30
C LEU C 82 25.22 14.51 -23.20
N ALA C 83 24.23 13.86 -22.61
CA ALA C 83 24.25 12.39 -22.57
C ALA C 83 23.79 11.77 -23.88
N LEU C 84 22.93 12.46 -24.62
CA LEU C 84 22.61 11.96 -25.96
C LEU C 84 23.72 12.25 -26.94
N ALA C 85 24.56 13.26 -26.67
CA ALA C 85 25.78 13.44 -27.44
C ALA C 85 26.81 12.37 -27.14
N ILE C 86 26.82 11.84 -25.91
CA ILE C 86 27.63 10.67 -25.56
C ILE C 86 27.13 9.44 -26.31
N ALA C 87 25.79 9.29 -26.40
CA ALA C 87 25.18 8.18 -27.13
C ALA C 87 25.38 8.29 -28.64
N GLN C 88 25.51 9.51 -29.18
CA GLN C 88 25.84 9.62 -30.59
C GLN C 88 27.33 9.40 -30.83
N GLU C 89 28.19 9.73 -29.86
CA GLU C 89 29.62 9.50 -30.05
C GLU C 89 29.99 8.04 -29.88
N LEU C 90 29.19 7.25 -29.17
CA LEU C 90 29.47 5.83 -29.08
C LEU C 90 28.92 5.05 -30.25
N GLY C 91 27.80 5.49 -30.84
CA GLY C 91 27.17 4.78 -31.92
C GLY C 91 26.27 3.67 -31.45
N SER C 92 25.74 2.92 -32.42
CA SER C 92 24.80 1.84 -32.14
C SER C 92 25.51 0.54 -31.76
N LYS C 93 26.83 0.49 -31.88
CA LYS C 93 27.59 -0.68 -31.47
C LYS C 93 27.66 -0.82 -29.95
N VAL C 94 27.93 0.27 -29.25
CA VAL C 94 27.85 0.28 -27.79
C VAL C 94 26.38 0.39 -27.38
N PRO C 95 25.90 -0.48 -26.48
CA PRO C 95 24.53 -0.32 -25.95
C PRO C 95 24.37 0.93 -25.09
N PHE C 96 23.17 1.49 -25.16
CA PHE C 96 22.77 2.66 -24.39
C PHE C 96 21.38 2.39 -23.89
N CYS C 97 21.14 2.64 -22.61
CA CYS C 97 19.88 2.30 -21.99
C CYS C 97 19.37 3.54 -21.27
N PRO C 98 18.64 4.43 -21.97
CA PRO C 98 17.96 5.53 -21.27
C PRO C 98 16.88 5.01 -20.33
N MET C 99 16.73 5.69 -19.20
CA MET C 99 15.84 5.25 -18.15
C MET C 99 15.49 6.45 -17.28
N VAL C 100 14.21 6.70 -17.12
CA VAL C 100 13.76 7.73 -16.18
C VAL C 100 13.87 7.13 -14.79
N GLY C 101 14.15 7.96 -13.78
CA GLY C 101 14.28 7.43 -12.44
C GLY C 101 12.98 7.13 -11.73
N SER C 102 11.86 7.54 -12.29
CA SER C 102 10.54 7.21 -11.79
C SER C 102 10.01 5.90 -12.35
N GLU C 103 10.78 5.18 -13.15
CA GLU C 103 10.34 3.92 -13.74
C GLU C 103 10.49 2.74 -12.79
N VAL C 104 11.09 2.93 -11.61
CA VAL C 104 11.38 1.81 -10.73
C VAL C 104 10.17 1.38 -9.90
N TYR C 105 9.09 2.16 -9.90
CA TYR C 105 7.93 1.83 -9.08
C TYR C 105 6.91 1.00 -9.85
N SER C 106 7.36 -0.16 -10.30
CA SER C 106 6.52 -1.12 -10.99
C SER C 106 5.62 -1.83 -10.00
N THR C 107 4.44 -2.23 -10.47
CA THR C 107 3.53 -3.01 -9.65
C THR C 107 3.84 -4.50 -9.68
N GLU C 108 4.70 -4.95 -10.59
CA GLU C 108 4.99 -6.36 -10.78
C GLU C 108 6.21 -6.82 -10.02
N ILE C 109 7.27 -6.01 -9.94
CA ILE C 109 8.52 -6.41 -9.32
C ILE C 109 8.99 -5.29 -8.40
N LYS C 110 9.93 -5.63 -7.52
CA LYS C 110 10.54 -4.70 -6.59
C LYS C 110 11.48 -3.76 -7.33
N LYS C 111 11.73 -2.59 -6.72
CA LYS C 111 12.42 -1.48 -7.41
C LYS C 111 13.90 -1.75 -7.63
N THR C 112 14.51 -2.58 -6.79
CA THR C 112 15.89 -2.98 -7.02
C THR C 112 16.00 -3.98 -8.17
N GLU C 113 14.92 -4.71 -8.46
CA GLU C 113 14.91 -5.59 -9.62
C GLU C 113 14.78 -4.79 -10.91
N VAL C 114 14.09 -3.64 -10.88
CA VAL C 114 14.02 -2.76 -12.04
C VAL C 114 15.35 -2.09 -12.31
N LEU C 115 16.08 -1.75 -11.24
CA LEU C 115 17.46 -1.28 -11.38
C LEU C 115 18.42 -2.36 -11.85
N MET C 116 18.25 -3.60 -11.38
CA MET C 116 19.13 -4.69 -11.79
C MET C 116 18.85 -5.15 -13.22
N GLU C 117 17.59 -5.11 -13.64
CA GLU C 117 17.23 -5.43 -15.02
C GLU C 117 17.70 -4.35 -15.98
N ASN C 118 17.75 -3.09 -15.53
CA ASN C 118 18.33 -2.04 -16.36
C ASN C 118 19.84 -2.09 -16.36
N PHE C 119 20.46 -2.54 -15.27
CA PHE C 119 21.91 -2.74 -15.22
C PHE C 119 22.37 -3.87 -16.13
N ARG C 120 21.55 -4.91 -16.28
CA ARG C 120 21.90 -6.01 -17.17
C ARG C 120 21.49 -5.72 -18.61
N ARG C 121 20.56 -4.79 -18.83
CA ARG C 121 20.19 -4.38 -20.18
C ARG C 121 21.26 -3.56 -20.85
N ALA C 122 22.19 -2.97 -20.08
CA ALA C 122 23.18 -2.03 -20.65
C ALA C 122 24.52 -2.71 -20.94
N ILE C 123 24.64 -4.00 -20.67
CA ILE C 123 25.88 -4.76 -21.02
C ILE C 123 25.51 -5.65 -22.21
N GLY C 124 26.23 -5.54 -23.32
CA GLY C 124 25.84 -6.27 -24.53
C GLY C 124 26.76 -7.43 -24.85
N LEU C 125 26.26 -8.38 -25.63
CA LEU C 125 27.09 -9.53 -26.07
C LEU C 125 26.83 -9.72 -27.57
N ARG C 126 27.87 -9.81 -28.39
CA ARG C 126 27.68 -10.06 -29.84
C ARG C 126 28.08 -11.51 -30.15
N ILE C 127 27.09 -12.41 -30.21
CA ILE C 127 27.37 -13.86 -30.46
C ILE C 127 27.35 -14.12 -31.98
N LYS C 128 28.38 -14.79 -32.50
CA LYS C 128 28.49 -15.05 -33.96
C LYS C 128 28.37 -16.55 -34.24
N ILE C 237 24.76 -14.21 -39.39
CA ILE C 237 25.41 -15.04 -38.39
C ILE C 237 25.73 -14.20 -37.15
N ILE C 238 25.86 -12.89 -37.36
CA ILE C 238 26.12 -11.92 -36.31
C ILE C 238 24.80 -11.64 -35.59
N GLN C 239 24.80 -11.74 -34.27
CA GLN C 239 23.60 -11.35 -33.54
C GLN C 239 24.01 -10.51 -32.35
N ASP C 240 23.11 -9.60 -31.96
CA ASP C 240 23.26 -8.66 -30.86
C ASP C 240 22.28 -9.01 -29.77
N VAL C 241 22.80 -9.25 -28.57
CA VAL C 241 21.95 -9.63 -27.44
C VAL C 241 22.49 -8.91 -26.22
N THR C 242 21.65 -8.71 -25.20
CA THR C 242 22.13 -8.17 -23.93
C THR C 242 22.19 -9.28 -22.89
N LEU C 243 22.74 -8.96 -21.71
CA LEU C 243 22.69 -9.92 -20.61
C LEU C 243 21.28 -10.11 -20.06
N HIS C 244 20.44 -9.07 -20.13
CA HIS C 244 19.05 -9.20 -19.69
C HIS C 244 18.22 -10.05 -20.65
N ASP C 245 18.56 -10.06 -21.94
CA ASP C 245 17.91 -10.94 -22.91
C ASP C 245 18.20 -12.40 -22.63
N LEU C 246 19.44 -12.71 -22.21
CA LEU C 246 19.76 -14.06 -21.78
C LEU C 246 19.18 -14.38 -20.41
N ASP C 247 18.93 -13.34 -19.59
CA ASP C 247 18.31 -13.53 -18.28
C ASP C 247 16.85 -13.91 -18.43
N VAL C 248 16.13 -13.25 -19.33
CA VAL C 248 14.73 -13.60 -19.52
C VAL C 248 14.58 -14.83 -20.40
N ALA C 249 15.60 -15.19 -21.20
CA ALA C 249 15.51 -16.41 -21.99
C ALA C 249 15.75 -17.66 -21.17
N ASN C 250 16.62 -17.59 -20.16
CA ASN C 250 16.85 -18.74 -19.31
C ASN C 250 16.00 -18.78 -18.05
N ALA C 251 15.13 -17.80 -17.82
CA ALA C 251 14.28 -17.84 -16.63
C ALA C 251 13.04 -18.69 -16.90
N MET C 267 -1.33 -18.32 -20.27
CA MET C 267 -1.00 -17.59 -19.05
C MET C 267 -0.68 -16.12 -19.31
N LYS C 268 -0.95 -15.28 -18.32
CA LYS C 268 -0.53 -13.89 -18.42
C LYS C 268 0.96 -13.82 -18.15
N PRO C 269 1.76 -13.22 -19.03
CA PRO C 269 3.16 -12.93 -18.70
C PRO C 269 3.28 -11.93 -17.57
N LYS C 270 4.32 -12.09 -16.77
CA LYS C 270 4.56 -11.23 -15.64
C LYS C 270 6.06 -11.10 -15.49
N LYS C 271 6.50 -9.92 -15.09
CA LYS C 271 7.89 -9.75 -14.69
C LYS C 271 8.15 -10.46 -13.38
N THR C 272 9.31 -11.08 -13.26
CA THR C 272 9.63 -11.87 -12.08
C THR C 272 10.92 -11.35 -11.47
N GLU C 273 11.02 -11.47 -10.15
CA GLU C 273 12.22 -11.02 -9.45
C GLU C 273 13.28 -12.10 -9.63
N ILE C 274 14.15 -11.87 -10.60
CA ILE C 274 15.15 -12.86 -11.04
C ILE C 274 16.27 -12.91 -10.02
N THR C 275 16.56 -14.11 -9.52
CA THR C 275 17.54 -14.34 -8.48
C THR C 275 18.96 -14.17 -9.00
N ASP C 276 19.90 -14.02 -8.06
CA ASP C 276 21.34 -13.96 -8.37
C ASP C 276 21.91 -15.36 -8.67
N LYS C 277 21.15 -16.41 -8.29
CA LYS C 277 21.47 -17.79 -8.65
C LYS C 277 21.44 -18.01 -10.15
N LEU C 278 20.52 -17.33 -10.85
CA LEU C 278 20.48 -17.43 -12.31
C LEU C 278 21.57 -16.58 -12.93
N ARG C 279 21.80 -15.40 -12.36
CA ARG C 279 22.70 -14.41 -12.93
C ARG C 279 24.16 -14.82 -12.83
N GLY C 280 24.52 -15.64 -11.83
CA GLY C 280 25.88 -16.14 -11.76
C GLY C 280 26.21 -17.22 -12.77
N GLU C 281 25.25 -18.10 -13.09
CA GLU C 281 25.53 -19.10 -14.09
C GLU C 281 25.35 -18.58 -15.50
N ILE C 282 24.55 -17.53 -15.71
CA ILE C 282 24.56 -16.82 -16.98
C ILE C 282 25.87 -16.07 -17.18
N ASN C 283 26.48 -15.57 -16.10
CA ASN C 283 27.81 -14.96 -16.19
C ASN C 283 28.90 -15.97 -16.47
N LYS C 284 28.76 -17.20 -15.95
CA LYS C 284 29.66 -18.30 -16.33
C LYS C 284 29.46 -18.79 -17.76
N VAL C 285 28.23 -18.76 -18.26
CA VAL C 285 27.94 -19.21 -19.64
C VAL C 285 28.46 -18.19 -20.66
N VAL C 286 28.30 -16.89 -20.38
CA VAL C 286 28.86 -15.82 -21.20
C VAL C 286 30.40 -15.82 -21.16
N ASN C 287 30.99 -16.19 -20.00
CA ASN C 287 32.44 -16.33 -19.89
C ASN C 287 32.98 -17.52 -20.68
N LYS C 288 32.22 -18.62 -20.74
CA LYS C 288 32.59 -19.73 -21.59
C LYS C 288 32.36 -19.41 -23.06
N TYR C 289 31.40 -18.54 -23.37
CA TYR C 289 31.16 -18.12 -24.75
C TYR C 289 32.25 -17.20 -25.25
N ILE C 290 32.88 -16.46 -24.34
CA ILE C 290 34.03 -15.64 -24.72
C ILE C 290 35.26 -16.52 -24.92
N ASP C 291 35.46 -17.51 -24.04
CA ASP C 291 36.65 -18.37 -24.08
C ASP C 291 36.68 -19.32 -25.27
N GLN C 292 35.55 -19.73 -25.82
CA GLN C 292 35.56 -20.45 -27.10
C GLN C 292 35.47 -19.52 -28.29
N GLY C 293 35.35 -18.21 -28.07
CA GLY C 293 35.42 -17.26 -29.16
C GLY C 293 34.13 -17.03 -29.91
N ILE C 294 33.02 -17.62 -29.46
CA ILE C 294 31.74 -17.44 -30.14
C ILE C 294 31.16 -16.06 -29.86
N ALA C 295 31.52 -15.43 -28.75
CA ALA C 295 30.88 -14.19 -28.34
C ALA C 295 31.92 -13.13 -28.03
N GLU C 296 31.50 -11.87 -28.11
CA GLU C 296 32.35 -10.76 -27.72
C GLU C 296 31.50 -9.78 -26.92
N LEU C 297 31.98 -9.40 -25.73
CA LEU C 297 31.22 -8.51 -24.82
C LEU C 297 31.37 -7.04 -25.23
N VAL C 298 30.28 -6.28 -25.18
CA VAL C 298 30.35 -4.81 -25.49
C VAL C 298 29.70 -4.08 -24.31
N PRO C 299 30.41 -3.82 -23.19
CA PRO C 299 29.81 -3.15 -22.05
C PRO C 299 29.30 -1.81 -22.51
N GLY C 300 28.22 -1.30 -21.93
CA GLY C 300 27.64 -0.05 -22.45
C GLY C 300 27.44 1.01 -21.39
N VAL C 301 26.34 1.75 -21.46
CA VAL C 301 26.07 2.88 -20.50
C VAL C 301 24.60 2.90 -20.09
N LEU C 302 24.32 3.18 -18.83
CA LEU C 302 22.91 3.32 -18.38
C LEU C 302 22.69 4.80 -18.03
N PHE C 303 21.71 5.45 -18.67
CA PHE C 303 21.39 6.85 -18.32
C PHE C 303 20.19 6.85 -17.39
N VAL C 304 20.41 7.13 -16.11
CA VAL C 304 19.26 7.23 -15.17
C VAL C 304 18.88 8.70 -15.07
N ASP C 305 18.27 9.25 -16.11
CA ASP C 305 17.75 10.59 -16.03
C ASP C 305 16.72 10.67 -14.93
N GLU C 306 16.60 11.87 -14.35
CA GLU C 306 15.75 12.22 -13.19
C GLU C 306 16.03 11.33 -11.99
N VAL C 307 17.26 11.40 -11.49
CA VAL C 307 17.70 10.48 -10.43
C VAL C 307 17.15 10.87 -9.06
N HIS C 308 16.61 12.08 -8.91
CA HIS C 308 16.00 12.52 -7.67
C HIS C 308 14.65 11.86 -7.40
N MET C 309 14.04 11.23 -8.40
CA MET C 309 12.79 10.49 -8.23
C MET C 309 12.99 9.08 -7.73
N LEU C 310 14.23 8.60 -7.62
CA LEU C 310 14.48 7.38 -6.86
C LEU C 310 14.29 7.65 -5.38
N ASP C 311 13.82 6.64 -4.66
CA ASP C 311 13.78 6.74 -3.22
C ASP C 311 15.08 6.21 -2.63
N ILE C 312 15.18 6.27 -1.30
CA ILE C 312 16.42 6.04 -0.55
C ILE C 312 16.87 4.56 -0.59
N GLU C 313 15.93 3.64 -0.81
CA GLU C 313 16.24 2.23 -1.02
C GLU C 313 16.92 2.00 -2.36
N CYS C 314 16.54 2.79 -3.39
CA CYS C 314 17.14 2.65 -4.70
C CYS C 314 18.57 3.20 -4.73
N PHE C 315 18.84 4.26 -3.96
CA PHE C 315 20.20 4.77 -3.83
C PHE C 315 21.08 3.83 -3.02
N THR C 316 20.50 3.16 -2.03
CA THR C 316 21.29 2.28 -1.20
C THR C 316 21.54 0.93 -1.91
N TYR C 317 20.66 0.53 -2.84
CA TYR C 317 20.99 -0.62 -3.65
C TYR C 317 21.98 -0.23 -4.75
N LEU C 318 21.97 1.04 -5.18
CA LEU C 318 22.91 1.52 -6.18
C LEU C 318 24.34 1.60 -5.68
N HIS C 319 24.53 1.65 -4.36
CA HIS C 319 25.85 1.48 -3.72
C HIS C 319 26.46 0.11 -4.06
N ARG C 320 25.69 -0.96 -3.81
CA ARG C 320 26.13 -2.32 -4.15
C ARG C 320 26.16 -2.57 -5.64
N ALA C 321 25.32 -1.88 -6.40
CA ALA C 321 25.27 -2.09 -7.85
C ALA C 321 26.46 -1.45 -8.55
N LEU C 322 26.88 -0.27 -8.09
CA LEU C 322 28.06 0.36 -8.68
C LEU C 322 29.35 -0.25 -8.17
N GLU C 323 29.29 -1.11 -7.16
CA GLU C 323 30.57 -1.65 -6.59
C GLU C 323 30.94 -2.95 -7.29
N SER C 324 30.10 -3.46 -8.20
CA SER C 324 30.35 -4.76 -8.88
C SER C 324 31.33 -4.58 -10.04
N SER C 325 31.90 -5.69 -10.53
CA SER C 325 32.91 -5.63 -11.61
C SER C 325 32.24 -5.94 -12.95
N ILE C 326 30.92 -6.10 -12.93
CA ILE C 326 30.16 -6.41 -14.18
C ILE C 326 29.24 -5.23 -14.49
N ALA C 327 29.09 -4.27 -13.58
CA ALA C 327 28.13 -3.16 -13.76
C ALA C 327 28.47 -2.28 -14.97
N PRO C 328 27.48 -1.70 -15.67
CA PRO C 328 27.76 -0.78 -16.75
C PRO C 328 28.18 0.60 -16.25
N ILE C 329 28.82 1.41 -17.09
CA ILE C 329 29.12 2.82 -16.67
C ILE C 329 27.79 3.57 -16.62
N VAL C 330 27.44 4.18 -15.48
CA VAL C 330 26.10 4.81 -15.36
C VAL C 330 26.23 6.34 -15.37
N ILE C 331 25.38 7.03 -16.13
CA ILE C 331 25.38 8.51 -16.17
C ILE C 331 24.08 8.97 -15.53
N PHE C 332 24.15 9.65 -14.40
CA PHE C 332 22.93 10.10 -13.68
C PHE C 332 22.72 11.56 -14.01
N ALA C 333 21.48 12.01 -13.89
CA ALA C 333 21.16 13.41 -14.17
C ALA C 333 20.10 13.92 -13.20
N SER C 334 20.29 15.15 -12.74
CA SER C 334 19.39 15.78 -11.79
C SER C 334 19.51 17.29 -11.92
N ASN C 335 18.44 17.99 -11.56
CA ASN C 335 18.39 19.44 -11.60
C ASN C 335 17.69 19.97 -10.35
N ARG C 336 17.71 19.21 -9.27
CA ARG C 336 16.84 19.42 -8.12
C ARG C 336 17.68 19.67 -6.87
N GLY C 337 18.63 20.61 -6.96
CA GLY C 337 19.58 20.90 -5.91
C GLY C 337 19.05 21.37 -4.56
N ASN C 338 19.57 20.75 -3.50
CA ASN C 338 19.19 20.89 -2.09
C ASN C 338 17.70 20.64 -1.86
N CYS C 339 17.28 19.43 -2.17
CA CYS C 339 15.92 18.97 -1.93
C CYS C 339 15.98 17.68 -1.12
N VAL C 340 14.87 17.32 -0.48
CA VAL C 340 14.81 16.14 0.37
C VAL C 340 14.83 14.86 -0.46
N ILE C 341 15.48 13.82 0.08
CA ILE C 341 15.39 12.49 -0.50
C ILE C 341 13.97 11.97 -0.32
N ARG C 342 13.42 11.36 -1.36
CA ARG C 342 12.16 10.66 -1.23
C ARG C 342 12.36 9.38 -0.44
N GLY C 343 11.36 9.02 0.36
CA GLY C 343 11.50 7.88 1.22
C GLY C 343 12.11 8.17 2.58
N THR C 344 12.53 9.41 2.82
CA THR C 344 12.99 9.87 4.12
C THR C 344 12.06 10.99 4.58
N GLU C 345 11.94 11.12 5.90
CA GLU C 345 11.13 12.20 6.46
C GLU C 345 12.04 13.42 6.73
N ASP C 346 12.22 14.20 5.67
CA ASP C 346 12.83 15.53 5.63
C ASP C 346 14.29 15.59 6.13
N ILE C 347 15.16 14.81 5.50
CA ILE C 347 16.60 15.09 5.58
C ILE C 347 17.04 15.60 4.21
N THR C 348 17.95 16.57 4.21
CA THR C 348 18.30 17.36 3.03
C THR C 348 19.74 17.13 2.59
N SER C 349 19.92 16.85 1.31
CA SER C 349 21.21 16.62 0.70
C SER C 349 21.20 17.33 -0.65
N PRO C 350 22.38 17.73 -1.18
CA PRO C 350 22.42 18.30 -2.54
C PRO C 350 22.01 17.34 -3.64
N HIS C 351 21.36 17.90 -4.67
CA HIS C 351 20.87 17.33 -5.93
C HIS C 351 19.78 16.26 -5.77
N GLY C 352 19.23 16.07 -4.57
CA GLY C 352 18.30 14.99 -4.33
C GLY C 352 18.94 13.63 -4.10
N ILE C 353 20.26 13.59 -4.00
CA ILE C 353 21.05 12.36 -3.95
C ILE C 353 21.76 12.39 -2.61
N PRO C 354 21.80 11.29 -1.85
CA PRO C 354 22.52 11.27 -0.58
C PRO C 354 24.02 11.35 -0.74
N LEU C 355 24.66 11.80 0.35
CA LEU C 355 26.08 12.09 0.37
C LEU C 355 26.94 10.83 0.24
N ASP C 356 26.40 9.69 0.67
CA ASP C 356 27.07 8.42 0.47
C ASP C 356 27.00 7.92 -0.97
N LEU C 357 26.06 8.40 -1.79
CA LEU C 357 26.11 8.10 -3.23
C LEU C 357 26.88 9.16 -4.00
N LEU C 358 26.90 10.40 -3.49
CA LEU C 358 27.66 11.49 -4.09
C LEU C 358 29.15 11.34 -3.91
N ASP C 359 29.57 10.54 -2.92
CA ASP C 359 30.96 10.13 -2.80
C ASP C 359 31.41 9.25 -3.97
N ARG C 360 30.51 8.45 -4.52
CA ARG C 360 30.85 7.46 -5.54
C ARG C 360 30.76 7.99 -6.97
N VAL C 361 30.22 9.19 -7.19
CA VAL C 361 30.04 9.70 -8.53
C VAL C 361 31.04 10.83 -8.81
N MET C 362 31.23 11.13 -10.09
CA MET C 362 31.99 12.31 -10.49
C MET C 362 30.99 13.36 -10.97
N ILE C 363 31.17 14.61 -10.54
CA ILE C 363 30.22 15.68 -10.83
C ILE C 363 30.67 16.38 -12.10
N ILE C 364 29.75 16.61 -13.03
CA ILE C 364 29.95 17.55 -14.12
C ILE C 364 28.89 18.63 -14.00
N ARG C 365 29.31 19.83 -13.64
CA ARG C 365 28.38 20.95 -13.58
C ARG C 365 28.15 21.51 -14.98
N THR C 366 26.98 22.13 -15.17
CA THR C 366 26.61 22.75 -16.43
C THR C 366 26.19 24.20 -16.19
N MET C 367 27.09 25.13 -16.49
CA MET C 367 26.87 26.55 -16.29
C MET C 367 25.89 27.14 -17.30
N LEU C 368 25.04 28.07 -16.84
CA LEU C 368 23.96 28.63 -17.69
C LEU C 368 24.52 29.25 -18.98
N TYR C 369 23.64 29.53 -19.95
CA TYR C 369 24.10 30.03 -21.27
C TYR C 369 24.06 31.54 -21.30
N THR C 370 24.89 32.13 -22.14
CA THR C 370 24.92 33.59 -22.30
C THR C 370 23.90 33.97 -23.34
N PRO C 371 23.51 35.26 -23.46
CA PRO C 371 22.59 35.67 -24.52
C PRO C 371 23.03 35.23 -25.90
N GLN C 372 24.33 35.32 -26.20
CA GLN C 372 24.84 34.99 -27.55
C GLN C 372 24.61 33.50 -27.86
N GLU C 373 24.86 32.62 -26.91
CA GLU C 373 24.72 31.15 -27.14
C GLU C 373 23.23 30.78 -27.21
N MET C 374 22.37 31.51 -26.52
CA MET C 374 20.91 31.26 -26.64
C MET C 374 20.50 31.50 -28.10
N LYS C 375 20.99 32.58 -28.71
CA LYS C 375 20.66 32.89 -30.12
C LYS C 375 21.23 31.79 -31.03
N GLN C 376 22.41 31.26 -30.71
CA GLN C 376 22.94 30.16 -31.52
C GLN C 376 22.11 28.88 -31.39
N ILE C 377 21.47 28.65 -30.23
CA ILE C 377 20.57 27.51 -30.09
C ILE C 377 19.28 27.73 -30.88
N ILE C 378 18.78 28.98 -30.91
CA ILE C 378 17.60 29.33 -31.69
C ILE C 378 17.89 29.23 -33.19
N LYS C 379 19.12 29.57 -33.61
CA LYS C 379 19.56 29.39 -34.99
C LYS C 379 19.68 27.92 -35.40
N ILE C 380 20.17 27.06 -34.49
CA ILE C 380 20.36 25.65 -34.81
C ILE C 380 19.02 24.90 -34.81
N ARG C 381 18.11 25.26 -33.90
CA ARG C 381 16.75 24.72 -33.91
C ARG C 381 15.93 25.22 -35.10
N ALA C 382 16.25 26.41 -35.64
CA ALA C 382 15.59 26.84 -36.86
C ALA C 382 16.08 26.08 -38.09
N GLN C 383 17.38 25.78 -38.19
CA GLN C 383 17.84 24.94 -39.31
C GLN C 383 17.43 23.48 -39.18
N THR C 384 17.23 22.99 -37.95
CA THR C 384 16.85 21.60 -37.75
C THR C 384 15.39 21.36 -38.11
N GLU C 385 14.53 22.31 -37.77
CA GLU C 385 13.12 22.22 -38.08
C GLU C 385 12.79 22.75 -39.48
N GLY C 386 13.79 23.17 -40.25
CA GLY C 386 13.54 23.61 -41.61
C GLY C 386 13.03 25.01 -41.73
N ILE C 387 13.13 25.79 -40.66
CA ILE C 387 12.53 27.11 -40.57
C ILE C 387 13.53 28.18 -40.99
N ASN C 388 13.20 28.93 -42.04
CA ASN C 388 13.90 30.15 -42.37
C ASN C 388 13.51 31.27 -41.40
N ILE C 389 14.47 32.12 -41.07
CA ILE C 389 14.24 33.19 -40.09
C ILE C 389 15.07 34.40 -40.47
N SER C 390 14.46 35.58 -40.34
CA SER C 390 15.16 36.84 -40.51
C SER C 390 16.00 37.14 -39.28
N GLU C 391 17.03 37.97 -39.47
CA GLU C 391 17.95 38.31 -38.38
C GLU C 391 17.31 39.17 -37.29
N GLU C 392 16.31 39.98 -37.65
CA GLU C 392 15.64 40.81 -36.65
C GLU C 392 14.70 40.00 -35.78
N ALA C 393 14.07 38.98 -36.38
CA ALA C 393 13.28 38.04 -35.60
C ALA C 393 14.15 37.13 -34.76
N LEU C 394 15.39 36.87 -35.22
CA LEU C 394 16.37 36.15 -34.41
C LEU C 394 16.82 36.96 -33.20
N ASN C 395 16.99 38.28 -33.37
CA ASN C 395 17.32 39.15 -32.24
C ASN C 395 16.15 39.30 -31.27
N HIS C 396 14.91 39.25 -31.79
CA HIS C 396 13.75 39.34 -30.93
C HIS C 396 13.52 38.03 -30.17
N LEU C 397 13.77 36.88 -30.83
CA LEU C 397 13.68 35.60 -30.13
C LEU C 397 14.84 35.38 -29.17
N GLY C 398 15.99 36.02 -29.41
CA GLY C 398 17.05 35.99 -28.41
C GLY C 398 16.74 36.85 -27.20
N GLU C 399 16.06 37.99 -27.40
CA GLU C 399 15.63 38.79 -26.25
C GLU C 399 14.49 38.14 -25.49
N ILE C 400 13.65 37.37 -26.19
CA ILE C 400 12.59 36.60 -25.53
C ILE C 400 13.18 35.43 -24.76
N GLY C 401 14.24 34.82 -25.30
CA GLY C 401 14.86 33.69 -24.61
C GLY C 401 15.76 34.08 -23.46
N THR C 402 16.27 35.31 -23.45
CA THR C 402 16.90 35.78 -22.22
C THR C 402 15.89 36.43 -21.29
N LYS C 403 14.68 36.72 -21.78
CA LYS C 403 13.68 37.31 -20.91
C LYS C 403 13.02 36.24 -20.05
N THR C 404 12.69 35.08 -20.63
CA THR C 404 11.97 34.04 -19.90
C THR C 404 12.86 32.83 -19.63
N THR C 405 13.23 32.08 -20.68
CA THR C 405 13.99 30.83 -20.65
C THR C 405 14.34 30.45 -22.09
N LEU C 406 15.31 29.53 -22.22
CA LEU C 406 15.75 29.03 -23.52
C LEU C 406 14.69 28.18 -24.21
N ARG C 407 13.89 27.44 -23.43
CA ARG C 407 12.99 26.48 -24.03
C ARG C 407 11.73 27.12 -24.56
N TYR C 408 11.30 28.24 -23.97
CA TYR C 408 10.10 28.92 -24.45
C TYR C 408 10.37 29.58 -25.78
N SER C 409 11.59 30.08 -25.98
CA SER C 409 11.91 30.69 -27.26
C SER C 409 12.15 29.65 -28.35
N VAL C 410 12.53 28.42 -28.02
CA VAL C 410 12.66 27.44 -29.10
C VAL C 410 11.34 26.75 -29.41
N GLN C 411 10.33 26.83 -28.53
CA GLN C 411 8.98 26.45 -28.95
C GLN C 411 8.16 27.61 -29.47
N LEU C 412 8.72 28.79 -29.60
CA LEU C 412 8.06 29.84 -30.36
C LEU C 412 8.42 29.82 -31.84
N LEU C 413 9.20 28.84 -32.30
CA LEU C 413 9.66 28.83 -33.67
C LEU C 413 8.61 28.27 -34.63
N THR C 414 8.21 27.01 -34.40
CA THR C 414 7.16 26.37 -35.20
C THR C 414 5.77 27.04 -35.20
N PRO C 415 5.17 27.54 -34.06
CA PRO C 415 3.98 28.40 -34.21
C PRO C 415 4.15 29.71 -34.98
N ALA C 416 5.32 30.35 -34.92
CA ALA C 416 5.57 31.52 -35.76
C ALA C 416 5.76 31.15 -37.22
N ASN C 417 6.27 29.95 -37.48
CA ASN C 417 6.39 29.46 -38.85
C ASN C 417 5.04 29.11 -39.44
N LEU C 418 4.14 28.55 -38.63
CA LEU C 418 2.79 28.25 -39.10
C LEU C 418 1.98 29.52 -39.30
N LEU C 419 2.24 30.55 -38.49
CA LEU C 419 1.62 31.85 -38.72
C LEU C 419 2.20 32.55 -39.95
N ALA C 420 3.47 32.29 -40.29
CA ALA C 420 4.04 32.84 -41.50
C ALA C 420 3.51 32.15 -42.76
N LYS C 421 3.26 30.84 -42.70
CA LYS C 421 2.63 30.18 -43.85
C LYS C 421 1.14 30.47 -43.93
N ILE C 422 0.51 30.87 -42.81
CA ILE C 422 -0.87 31.34 -42.88
C ILE C 422 -0.90 32.70 -43.58
N ASN C 423 0.06 33.57 -43.28
CA ASN C 423 0.20 34.83 -44.00
C ASN C 423 0.86 34.67 -45.38
N GLY C 424 1.43 33.49 -45.68
CA GLY C 424 2.00 33.21 -46.98
C GLY C 424 3.45 33.58 -47.18
N LYS C 425 4.09 34.14 -46.16
CA LYS C 425 5.48 34.54 -46.26
C LYS C 425 6.36 33.36 -45.84
N ASP C 426 7.46 33.16 -46.58
CA ASP C 426 8.28 31.97 -46.37
C ASP C 426 9.21 32.09 -45.17
N SER C 427 9.41 33.29 -44.65
CA SER C 427 10.33 33.51 -43.54
C SER C 427 9.59 34.25 -42.43
N ILE C 428 10.08 34.07 -41.21
CA ILE C 428 9.50 34.72 -40.04
C ILE C 428 10.09 36.11 -39.90
N GLU C 429 9.23 37.12 -39.72
CA GLU C 429 9.63 38.47 -39.34
C GLU C 429 9.27 38.71 -37.87
N LYS C 430 9.51 39.94 -37.40
CA LYS C 430 9.31 40.30 -36.01
C LYS C 430 7.84 40.34 -35.60
N GLU C 431 6.94 40.62 -36.55
CA GLU C 431 5.51 40.69 -36.25
C GLU C 431 4.91 39.31 -35.98
N HIS C 432 5.52 38.25 -36.53
CA HIS C 432 5.06 36.90 -36.30
C HIS C 432 5.48 36.40 -34.93
N VAL C 433 6.68 36.77 -34.48
CA VAL C 433 7.14 36.43 -33.14
C VAL C 433 6.42 37.25 -32.08
N GLU C 434 6.11 38.50 -32.41
CA GLU C 434 5.38 39.38 -31.49
C GLU C 434 3.93 38.95 -31.32
N GLU C 435 3.31 38.43 -32.39
CA GLU C 435 1.92 38.00 -32.28
C GLU C 435 1.81 36.64 -31.60
N ILE C 436 2.76 35.73 -31.89
CA ILE C 436 2.73 34.39 -31.29
C ILE C 436 3.12 34.48 -29.81
N SER C 437 3.97 35.45 -29.45
CA SER C 437 4.34 35.67 -28.05
C SER C 437 3.21 36.30 -27.25
N GLU C 438 2.26 36.95 -27.93
CA GLU C 438 1.04 37.36 -27.23
C GLU C 438 0.06 36.19 -27.11
N LEU C 439 0.14 35.20 -27.99
CA LEU C 439 -0.82 34.11 -27.92
C LEU C 439 -0.46 33.07 -26.85
N PHE C 440 0.82 32.77 -26.69
CA PHE C 440 1.28 31.77 -25.74
C PHE C 440 2.09 32.42 -24.64
N TYR C 441 1.96 31.90 -23.42
CA TYR C 441 2.63 32.47 -22.27
C TYR C 441 3.75 31.57 -21.78
N ASP C 442 4.74 32.21 -21.17
CA ASP C 442 5.75 31.52 -20.40
C ASP C 442 5.23 31.25 -19.01
N ALA C 443 5.98 30.43 -18.25
CA ALA C 443 5.55 30.02 -16.92
C ALA C 443 5.64 31.15 -15.89
N LYS C 444 6.51 32.13 -16.10
CA LYS C 444 6.64 33.23 -15.15
C LYS C 444 5.51 34.24 -15.31
N SER C 445 5.11 34.51 -16.56
CA SER C 445 3.98 35.40 -16.80
C SER C 445 2.66 34.76 -16.40
N SER C 446 2.56 33.44 -16.54
CA SER C 446 1.39 32.73 -16.07
C SER C 446 1.36 32.65 -14.55
N ALA C 447 2.53 32.60 -13.89
CA ALA C 447 2.58 32.67 -12.44
C ALA C 447 2.25 34.07 -11.92
N LYS C 448 2.55 35.10 -12.72
CA LYS C 448 2.17 36.47 -12.34
C LYS C 448 0.67 36.67 -12.48
N ILE C 449 0.04 35.99 -13.45
CA ILE C 449 -1.41 35.98 -13.61
C ILE C 449 -2.06 35.20 -12.46
N LEU C 450 -1.41 34.13 -12.01
CA LEU C 450 -1.89 33.36 -10.85
C LEU C 450 -1.72 34.09 -9.53
N ALA C 451 -0.71 34.96 -9.43
CA ALA C 451 -0.53 35.70 -8.20
C ALA C 451 -1.46 36.89 -8.11
N ASP C 452 -1.75 37.54 -9.25
CA ASP C 452 -2.67 38.66 -9.27
C ASP C 452 -4.12 38.26 -9.06
N GLN C 453 -4.49 37.04 -9.46
CA GLN C 453 -5.89 36.62 -9.40
C GLN C 453 -6.02 35.32 -8.63
N GLN C 454 -5.41 35.26 -7.44
CA GLN C 454 -5.36 34.02 -6.67
C GLN C 454 -6.65 33.69 -5.95
N ASP C 455 -7.57 34.66 -5.80
CA ASP C 455 -8.85 34.38 -5.18
C ASP C 455 -9.83 33.69 -6.12
N LYS C 456 -9.60 33.77 -7.44
CA LYS C 456 -10.49 33.17 -8.41
C LYS C 456 -10.15 31.71 -8.73
N TYR C 457 -8.88 31.36 -8.73
CA TYR C 457 -8.44 30.00 -9.05
C TYR C 457 -8.67 29.07 -7.87
N MET C 458 -8.86 27.78 -8.19
CA MET C 458 -9.03 26.78 -7.14
C MET C 458 -7.72 26.46 -6.44
N LYS C 459 -7.83 26.05 -5.19
CA LYS C 459 -6.66 25.70 -4.41
C LYS C 459 -6.52 24.19 -4.22
N THR D 15 28.94 -33.40 13.83
CA THR D 15 28.44 -32.89 15.10
C THR D 15 27.38 -31.82 14.86
N GLN D 16 26.42 -31.75 15.78
CA GLN D 16 25.39 -30.73 15.74
C GLN D 16 25.98 -29.36 16.08
N ARG D 17 25.45 -28.32 15.43
CA ARG D 17 25.87 -26.95 15.71
C ARG D 17 25.35 -26.51 17.07
N ILE D 18 26.11 -25.65 17.74
CA ILE D 18 25.78 -25.17 19.07
C ILE D 18 25.33 -23.73 18.91
N ALA D 19 24.10 -23.44 19.30
CA ALA D 19 23.54 -22.13 19.11
C ALA D 19 23.32 -21.48 20.46
N SER D 20 22.66 -20.33 20.45
CA SER D 20 22.09 -19.79 21.67
C SER D 20 20.94 -20.66 22.14
N HIS D 21 20.76 -20.72 23.47
CA HIS D 21 19.86 -21.61 24.23
C HIS D 21 20.09 -23.10 23.94
N SER D 22 21.32 -23.50 23.64
CA SER D 22 21.58 -24.92 23.43
C SER D 22 21.82 -25.65 24.74
N HIS D 23 22.15 -24.92 25.80
CA HIS D 23 22.33 -25.45 27.15
C HIS D 23 21.03 -25.58 27.92
N VAL D 24 19.94 -25.06 27.40
CA VAL D 24 18.66 -25.08 28.11
C VAL D 24 18.03 -26.45 27.91
N LYS D 25 17.87 -27.22 29.00
CA LYS D 25 17.32 -28.56 28.92
C LYS D 25 16.11 -28.71 29.81
N GLY D 26 15.36 -27.63 30.03
CA GLY D 26 14.20 -27.66 30.88
C GLY D 26 14.37 -26.74 32.09
N LEU D 27 13.24 -26.52 32.76
CA LEU D 27 13.23 -25.75 34.00
C LEU D 27 13.86 -26.57 35.12
N GLY D 28 14.56 -25.91 36.01
CA GLY D 28 15.21 -26.64 37.07
C GLY D 28 14.41 -26.80 38.34
N LEU D 29 13.34 -27.58 38.31
CA LEU D 29 12.47 -27.72 39.46
C LEU D 29 12.59 -29.11 40.08
N ASP D 30 12.31 -29.21 41.39
CA ASP D 30 12.31 -30.51 42.04
C ASP D 30 10.89 -31.08 42.01
N GLU D 31 10.64 -32.08 42.85
CA GLU D 31 9.30 -32.64 43.05
C GLU D 31 8.33 -31.64 43.68
N SER D 32 8.81 -30.76 44.55
CA SER D 32 7.93 -29.80 45.20
C SER D 32 7.58 -28.60 44.33
N GLY D 33 8.23 -28.42 43.18
CA GLY D 33 7.94 -27.33 42.28
C GLY D 33 8.69 -26.04 42.54
N LEU D 34 9.53 -26.01 43.57
CA LEU D 34 10.40 -24.87 43.82
C LEU D 34 11.57 -24.90 42.84
N ALA D 35 12.14 -23.74 42.56
CA ALA D 35 13.23 -23.70 41.59
C ALA D 35 14.56 -23.93 42.29
N LYS D 36 15.40 -24.78 41.71
CA LYS D 36 16.78 -24.88 42.14
C LYS D 36 17.57 -23.67 41.66
N GLN D 37 18.66 -23.37 42.38
CA GLN D 37 19.55 -22.27 42.01
C GLN D 37 20.29 -22.55 40.70
N ALA D 38 20.65 -23.81 40.44
CA ALA D 38 21.38 -24.16 39.23
C ALA D 38 21.03 -25.58 38.86
N ALA D 39 20.08 -25.75 37.94
CA ALA D 39 19.72 -27.08 37.47
C ALA D 39 19.26 -26.98 36.03
N SER D 40 19.65 -27.99 35.24
CA SER D 40 19.28 -28.22 33.83
C SER D 40 19.64 -27.05 32.91
N GLY D 41 20.74 -26.37 33.19
CA GLY D 41 21.19 -25.26 32.38
C GLY D 41 20.59 -23.92 32.73
N LEU D 42 19.67 -23.87 33.69
CA LEU D 42 19.05 -22.63 34.12
C LEU D 42 19.66 -22.18 35.44
N VAL D 43 19.99 -20.90 35.54
CA VAL D 43 20.64 -20.35 36.72
C VAL D 43 19.87 -19.10 37.15
N GLY D 44 19.47 -19.07 38.43
CA GLY D 44 18.79 -17.93 38.97
C GLY D 44 17.35 -17.91 38.53
N GLN D 45 16.73 -16.73 38.76
CA GLN D 45 15.39 -16.34 38.31
C GLN D 45 14.30 -17.29 38.82
N GLU D 46 14.31 -17.49 40.14
CA GLU D 46 13.55 -18.57 40.74
C GLU D 46 12.04 -18.32 40.75
N ASN D 47 11.60 -17.05 40.81
CA ASN D 47 10.18 -16.72 40.81
C ASN D 47 9.58 -16.97 39.44
N ALA D 48 10.31 -16.62 38.40
CA ALA D 48 9.90 -16.88 37.03
C ALA D 48 9.94 -18.36 36.68
N ARG D 49 10.80 -19.12 37.33
CA ARG D 49 10.85 -20.55 37.02
C ARG D 49 9.77 -21.34 37.74
N GLU D 50 9.39 -20.97 38.98
CA GLU D 50 8.21 -21.60 39.60
C GLU D 50 6.91 -21.18 38.91
N ALA D 51 6.85 -19.94 38.40
CA ALA D 51 5.67 -19.51 37.65
C ALA D 51 5.58 -20.19 36.30
N CYS D 52 6.72 -20.44 35.65
CA CYS D 52 6.70 -21.21 34.41
C CYS D 52 6.45 -22.69 34.65
N GLY D 53 6.76 -23.20 35.85
CA GLY D 53 6.43 -24.59 36.13
C GLY D 53 4.96 -24.81 36.42
N VAL D 54 4.29 -23.81 36.99
CA VAL D 54 2.83 -23.82 37.14
C VAL D 54 2.16 -23.72 35.77
N ILE D 55 2.77 -23.00 34.83
CA ILE D 55 2.23 -22.94 33.43
C ILE D 55 2.43 -24.29 32.72
N VAL D 56 3.56 -24.97 32.95
CA VAL D 56 3.81 -26.31 32.31
C VAL D 56 2.73 -27.29 32.78
N GLU D 57 2.35 -27.26 34.06
CA GLU D 57 1.30 -28.15 34.59
C GLU D 57 -0.04 -27.86 33.90
N LEU D 58 -0.33 -26.60 33.59
CA LEU D 58 -1.56 -26.22 32.87
C LEU D 58 -1.54 -26.85 31.46
N ILE D 59 -0.42 -26.74 30.74
CA ILE D 59 -0.36 -27.26 29.34
C ILE D 59 -0.54 -28.79 29.36
N LYS D 60 -0.14 -29.44 30.45
CA LYS D 60 -0.25 -30.91 30.56
C LYS D 60 -1.65 -31.35 31.04
N SER D 61 -2.33 -30.52 31.83
CA SER D 61 -3.68 -30.84 32.35
C SER D 61 -4.62 -30.98 31.15
N LYS D 62 -4.21 -30.44 30.02
CA LYS D 62 -5.03 -30.45 28.77
C LYS D 62 -6.50 -30.13 29.02
N LYS D 63 -6.78 -29.29 30.00
CA LYS D 63 -8.15 -28.99 30.40
C LYS D 63 -8.58 -27.59 30.01
N MET D 64 -7.65 -26.64 29.95
CA MET D 64 -7.95 -25.25 29.68
C MET D 64 -7.59 -24.92 28.23
N ALA D 65 -8.15 -23.82 27.75
CA ALA D 65 -7.92 -23.42 26.38
C ALA D 65 -7.85 -21.92 26.32
N GLY D 66 -6.89 -21.40 25.56
CA GLY D 66 -6.83 -19.98 25.34
C GLY D 66 -6.27 -19.16 26.46
N ARG D 67 -5.63 -19.78 27.44
CA ARG D 67 -4.97 -18.98 28.46
C ARG D 67 -3.69 -18.36 27.91
N ALA D 68 -3.36 -17.18 28.41
CA ALA D 68 -2.27 -16.43 27.83
C ALA D 68 -1.31 -15.93 28.90
N VAL D 69 -0.03 -16.10 28.61
CA VAL D 69 1.07 -15.77 29.51
C VAL D 69 1.92 -14.72 28.82
N LEU D 70 2.31 -13.67 29.54
CA LEU D 70 3.29 -12.72 29.07
C LEU D 70 4.54 -12.86 29.91
N LEU D 71 5.67 -13.11 29.26
CA LEU D 71 6.98 -12.94 29.89
C LEU D 71 7.43 -11.52 29.64
N ALA D 72 7.81 -10.81 30.70
CA ALA D 72 8.18 -9.42 30.59
C ALA D 72 9.48 -9.17 31.33
N GLY D 73 10.26 -8.22 30.83
CA GLY D 73 11.49 -7.86 31.49
C GLY D 73 12.47 -7.12 30.60
N PRO D 74 13.66 -6.83 31.15
CA PRO D 74 14.74 -6.26 30.33
C PRO D 74 15.30 -7.27 29.34
N PRO D 75 15.89 -6.81 28.24
CA PRO D 75 16.61 -7.70 27.32
C PRO D 75 17.82 -8.37 27.93
N GLY D 76 17.92 -9.68 27.69
CA GLY D 76 19.03 -10.44 28.29
C GLY D 76 18.68 -10.91 29.69
N THR D 77 17.43 -11.34 29.92
CA THR D 77 17.02 -11.70 31.28
C THR D 77 16.30 -13.03 31.31
N GLY D 78 16.42 -13.81 30.23
CA GLY D 78 15.82 -15.15 30.20
C GLY D 78 14.32 -15.10 29.91
N LYS D 79 13.94 -14.65 28.71
CA LYS D 79 12.51 -14.67 28.32
C LYS D 79 12.34 -15.74 27.23
N THR D 80 13.23 -15.77 26.25
CA THR D 80 13.19 -16.80 25.20
C THR D 80 13.73 -18.09 25.78
N ALA D 81 14.58 -17.97 26.81
CA ALA D 81 15.21 -19.17 27.42
C ALA D 81 14.20 -19.86 28.31
N LEU D 82 13.31 -19.09 28.95
CA LEU D 82 12.32 -19.66 29.89
C LEU D 82 11.21 -20.35 29.10
N ALA D 83 10.89 -19.85 27.90
CA ALA D 83 9.89 -20.51 27.07
C ALA D 83 10.45 -21.72 26.33
N LEU D 84 11.75 -21.73 26.04
CA LEU D 84 12.34 -22.94 25.49
C LEU D 84 12.58 -23.98 26.57
N ALA D 85 12.70 -23.55 27.83
CA ALA D 85 12.68 -24.50 28.94
C ALA D 85 11.32 -25.11 29.15
N ILE D 86 10.25 -24.36 28.85
CA ILE D 86 8.88 -24.90 28.85
C ILE D 86 8.73 -25.92 27.72
N ALA D 87 9.33 -25.63 26.55
CA ALA D 87 9.30 -26.55 25.41
C ALA D 87 10.15 -27.79 25.64
N GLN D 88 11.21 -27.70 26.45
CA GLN D 88 11.94 -28.90 26.80
C GLN D 88 11.24 -29.70 27.89
N GLU D 89 10.49 -29.04 28.77
CA GLU D 89 9.77 -29.77 29.81
C GLU D 89 8.52 -30.45 29.28
N LEU D 90 7.98 -29.98 28.15
CA LEU D 90 6.83 -30.67 27.57
C LEU D 90 7.26 -31.82 26.67
N GLY D 91 8.42 -31.71 26.02
CA GLY D 91 8.87 -32.73 25.10
C GLY D 91 8.28 -32.57 23.71
N SER D 92 8.60 -33.54 22.86
CA SER D 92 8.16 -33.52 21.47
C SER D 92 6.75 -34.06 21.28
N LYS D 93 6.16 -34.63 22.34
CA LYS D 93 4.78 -35.09 22.28
C LYS D 93 3.78 -33.95 22.25
N VAL D 94 3.97 -32.95 23.10
CA VAL D 94 3.18 -31.73 23.03
C VAL D 94 3.69 -30.86 21.90
N PRO D 95 2.83 -30.38 21.00
CA PRO D 95 3.27 -29.41 19.97
C PRO D 95 3.68 -28.07 20.56
N PHE D 96 4.66 -27.46 19.90
CA PHE D 96 5.18 -26.15 20.25
C PHE D 96 5.37 -25.40 18.95
N CYS D 97 4.90 -24.16 18.90
CA CYS D 97 4.91 -23.40 17.66
C CYS D 97 5.56 -22.05 17.96
N PRO D 98 6.90 -21.95 17.89
CA PRO D 98 7.53 -20.63 17.96
C PRO D 98 7.17 -19.77 16.77
N MET D 99 7.04 -18.47 17.04
CA MET D 99 6.54 -17.53 16.06
C MET D 99 7.01 -16.14 16.45
N VAL D 100 7.68 -15.45 15.56
CA VAL D 100 8.04 -14.06 15.77
C VAL D 100 6.79 -13.24 15.52
N GLY D 101 6.61 -12.11 16.21
CA GLY D 101 5.42 -11.32 16.02
C GLY D 101 5.42 -10.46 14.78
N SER D 102 6.56 -10.34 14.10
CA SER D 102 6.66 -9.65 12.83
C SER D 102 6.37 -10.55 11.64
N GLU D 103 6.00 -11.82 11.87
CA GLU D 103 5.71 -12.73 10.78
C GLU D 103 4.31 -12.57 10.21
N VAL D 104 3.46 -11.73 10.81
CA VAL D 104 2.06 -11.63 10.40
C VAL D 104 1.87 -10.77 9.17
N TYR D 105 2.90 -10.03 8.73
CA TYR D 105 2.75 -9.13 7.58
C TYR D 105 3.13 -9.82 6.28
N SER D 106 2.40 -10.88 5.98
CA SER D 106 2.57 -11.62 4.75
C SER D 106 1.94 -10.86 3.59
N THR D 107 2.50 -11.03 2.40
CA THR D 107 1.95 -10.44 1.20
C THR D 107 0.82 -11.27 0.59
N GLU D 108 0.65 -12.51 1.04
CA GLU D 108 -0.32 -13.44 0.47
C GLU D 108 -1.64 -13.45 1.20
N ILE D 109 -1.65 -13.34 2.52
CA ILE D 109 -2.86 -13.44 3.32
C ILE D 109 -2.87 -12.32 4.35
N LYS D 110 -4.05 -12.08 4.91
CA LYS D 110 -4.26 -11.08 5.95
C LYS D 110 -3.65 -11.54 7.26
N LYS D 111 -3.33 -10.57 8.14
CA LYS D 111 -2.54 -10.83 9.34
C LYS D 111 -3.28 -11.64 10.40
N THR D 112 -4.62 -11.55 10.42
CA THR D 112 -5.40 -12.39 11.31
C THR D 112 -5.44 -13.83 10.82
N GLU D 113 -5.25 -14.05 9.52
CA GLU D 113 -5.15 -15.41 9.01
C GLU D 113 -3.81 -16.04 9.38
N VAL D 114 -2.75 -15.24 9.47
CA VAL D 114 -1.45 -15.75 9.92
C VAL D 114 -1.49 -16.10 11.40
N LEU D 115 -2.22 -15.30 12.19
CA LEU D 115 -2.47 -15.64 13.59
C LEU D 115 -3.37 -16.86 13.75
N MET D 116 -4.39 -17.01 12.89
CA MET D 116 -5.29 -18.15 12.98
C MET D 116 -4.64 -19.44 12.50
N GLU D 117 -3.77 -19.36 11.49
CA GLU D 117 -3.01 -20.51 11.02
C GLU D 117 -1.97 -20.94 12.03
N ASN D 118 -1.41 -19.99 12.79
CA ASN D 118 -0.51 -20.35 13.86
C ASN D 118 -1.25 -20.89 15.09
N PHE D 119 -2.48 -20.41 15.32
CA PHE D 119 -3.32 -20.95 16.40
C PHE D 119 -3.76 -22.38 16.12
N ARG D 120 -3.98 -22.72 14.85
CA ARG D 120 -4.35 -24.09 14.50
C ARG D 120 -3.15 -24.99 14.34
N ARG D 121 -1.96 -24.41 14.12
CA ARG D 121 -0.72 -25.20 14.06
C ARG D 121 -0.29 -25.70 15.42
N ALA D 122 -0.78 -25.12 16.50
CA ALA D 122 -0.30 -25.46 17.86
C ALA D 122 -1.21 -26.46 18.57
N ILE D 123 -2.28 -26.90 17.91
CA ILE D 123 -3.16 -27.95 18.49
C ILE D 123 -2.91 -29.22 17.68
N GLY D 124 -2.53 -30.31 18.34
CA GLY D 124 -2.13 -31.52 17.60
C GLY D 124 -3.14 -32.63 17.70
N LEU D 125 -3.09 -33.56 16.74
CA LEU D 125 -3.98 -34.74 16.75
C LEU D 125 -3.11 -35.96 16.42
N ARG D 126 -3.19 -37.02 17.23
CA ARG D 126 -2.43 -38.25 16.94
C ARG D 126 -3.40 -39.33 16.42
N ILE D 127 -3.50 -39.48 15.10
CA ILE D 127 -4.44 -40.47 14.48
C ILE D 127 -3.73 -41.82 14.34
N LYS D 128 -4.36 -42.91 14.79
CA LYS D 128 -3.73 -44.25 14.74
C LYS D 128 -4.52 -45.16 13.78
N ILE D 237 1.73 -47.04 12.19
CA ILE D 237 0.29 -46.83 12.25
C ILE D 237 -0.01 -45.54 12.98
N ILE D 238 0.92 -45.13 13.85
CA ILE D 238 0.82 -43.89 14.60
C ILE D 238 1.22 -42.73 13.70
N GLN D 239 0.38 -41.70 13.63
CA GLN D 239 0.78 -40.53 12.87
C GLN D 239 0.46 -39.29 13.69
N ASP D 240 1.26 -38.25 13.47
CA ASP D 240 1.18 -36.96 14.14
C ASP D 240 0.78 -35.90 13.13
N VAL D 241 -0.33 -35.22 13.41
CA VAL D 241 -0.83 -34.21 12.50
C VAL D 241 -1.31 -33.03 13.34
N THR D 242 -1.37 -31.83 12.77
CA THR D 242 -1.97 -30.70 13.47
C THR D 242 -3.35 -30.40 12.88
N LEU D 243 -4.08 -29.47 13.50
CA LEU D 243 -5.33 -29.01 12.91
C LEU D 243 -5.11 -28.18 11.65
N HIS D 244 -3.99 -27.46 11.55
CA HIS D 244 -3.67 -26.72 10.34
C HIS D 244 -3.29 -27.62 9.17
N ASP D 245 -2.71 -28.79 9.46
CA ASP D 245 -2.42 -29.78 8.42
C ASP D 245 -3.69 -30.35 7.82
N LEU D 246 -4.72 -30.56 8.65
CA LEU D 246 -6.02 -30.96 8.14
C LEU D 246 -6.75 -29.82 7.47
N ASP D 247 -6.42 -28.57 7.86
CA ASP D 247 -7.02 -27.39 7.25
C ASP D 247 -6.49 -27.20 5.83
N VAL D 248 -5.19 -27.38 5.63
CA VAL D 248 -4.66 -27.23 4.27
C VAL D 248 -4.89 -28.49 3.44
N ALA D 249 -5.15 -29.64 4.07
CA ALA D 249 -5.45 -30.84 3.31
C ALA D 249 -6.88 -30.84 2.78
N ASN D 250 -7.81 -30.28 3.52
CA ASN D 250 -9.19 -30.20 3.05
C ASN D 250 -9.54 -28.92 2.32
N ALA D 251 -8.62 -27.97 2.17
CA ALA D 251 -8.93 -26.74 1.45
C ALA D 251 -8.75 -26.95 -0.04
N MET D 267 0.23 -24.76 -11.56
CA MET D 267 -0.15 -23.53 -10.87
C MET D 267 0.82 -23.14 -9.77
N LYS D 268 0.94 -21.85 -9.50
CA LYS D 268 1.73 -21.41 -8.36
C LYS D 268 0.90 -21.65 -7.10
N PRO D 269 1.45 -22.34 -6.10
CA PRO D 269 0.78 -22.40 -4.79
C PRO D 269 0.74 -21.04 -4.12
N LYS D 270 -0.33 -20.82 -3.36
CA LYS D 270 -0.53 -19.57 -2.68
C LYS D 270 -1.24 -19.87 -1.38
N LYS D 271 -0.90 -19.13 -0.34
CA LYS D 271 -1.66 -19.20 0.90
C LYS D 271 -3.03 -18.55 0.69
N THR D 272 -4.05 -19.13 1.28
CA THR D 272 -5.41 -18.65 1.08
C THR D 272 -6.03 -18.34 2.43
N GLU D 273 -6.92 -17.35 2.44
CA GLU D 273 -7.59 -16.98 3.67
C GLU D 273 -8.70 -17.99 3.92
N ILE D 274 -8.41 -18.96 4.77
CA ILE D 274 -9.27 -20.10 5.01
C ILE D 274 -10.43 -19.67 5.90
N THR D 275 -11.65 -19.93 5.44
CA THR D 275 -12.87 -19.52 6.11
C THR D 275 -13.13 -20.34 7.36
N ASP D 276 -14.02 -19.82 8.22
CA ASP D 276 -14.47 -20.51 9.42
C ASP D 276 -15.49 -21.61 9.09
N LYS D 277 -16.06 -21.55 7.86
CA LYS D 277 -16.92 -22.61 7.32
C LYS D 277 -16.17 -23.92 7.18
N LEU D 278 -14.89 -23.87 6.82
CA LEU D 278 -14.09 -25.09 6.73
C LEU D 278 -13.67 -25.55 8.12
N ARG D 279 -13.34 -24.60 8.99
CA ARG D 279 -12.77 -24.89 10.30
C ARG D 279 -13.80 -25.50 11.25
N GLY D 280 -15.08 -25.19 11.06
CA GLY D 280 -16.10 -25.82 11.89
C GLY D 280 -16.39 -27.26 11.54
N GLU D 281 -16.34 -27.62 10.25
CA GLU D 281 -16.55 -29.01 9.91
C GLU D 281 -15.30 -29.86 10.07
N ILE D 282 -14.11 -29.25 10.01
CA ILE D 282 -12.89 -29.96 10.44
C ILE D 282 -12.90 -30.20 11.94
N ASN D 283 -13.49 -29.29 12.73
CA ASN D 283 -13.65 -29.50 14.16
C ASN D 283 -14.68 -30.59 14.47
N LYS D 284 -15.73 -30.71 13.65
CA LYS D 284 -16.66 -31.81 13.75
C LYS D 284 -16.07 -33.16 13.32
N VAL D 285 -15.17 -33.14 12.31
CA VAL D 285 -14.54 -34.37 11.84
C VAL D 285 -13.52 -34.90 12.84
N VAL D 286 -12.74 -33.99 13.47
CA VAL D 286 -11.83 -34.34 14.55
C VAL D 286 -12.58 -34.82 15.80
N ASN D 287 -13.76 -34.25 16.07
CA ASN D 287 -14.61 -34.72 17.17
C ASN D 287 -15.19 -36.11 16.93
N LYS D 288 -15.53 -36.41 15.67
CA LYS D 288 -15.96 -37.77 15.33
C LYS D 288 -14.78 -38.74 15.34
N TYR D 289 -13.57 -38.25 15.07
CA TYR D 289 -12.37 -39.10 15.10
C TYR D 289 -11.98 -39.43 16.53
N ILE D 290 -12.32 -38.55 17.47
CA ILE D 290 -12.09 -38.84 18.88
C ILE D 290 -13.14 -39.84 19.38
N ASP D 291 -14.41 -39.65 18.97
CA ASP D 291 -15.51 -40.49 19.44
C ASP D 291 -15.48 -41.94 18.93
N GLN D 292 -14.89 -42.20 17.77
CA GLN D 292 -14.64 -43.57 17.36
C GLN D 292 -13.28 -44.08 17.84
N GLY D 293 -12.48 -43.23 18.50
CA GLY D 293 -11.25 -43.70 19.10
C GLY D 293 -10.06 -43.77 18.18
N ILE D 294 -10.19 -43.31 16.94
CA ILE D 294 -9.07 -43.36 16.00
C ILE D 294 -8.03 -42.28 16.31
N ALA D 295 -8.44 -41.19 16.97
CA ALA D 295 -7.55 -40.06 17.16
C ALA D 295 -7.51 -39.66 18.62
N GLU D 296 -6.43 -38.98 19.00
CA GLU D 296 -6.32 -38.42 20.34
C GLU D 296 -5.74 -37.01 20.21
N LEU D 297 -6.40 -36.02 20.82
CA LEU D 297 -5.98 -34.60 20.70
C LEU D 297 -4.84 -34.29 21.68
N VAL D 298 -3.84 -33.53 21.23
CA VAL D 298 -2.73 -33.10 22.13
C VAL D 298 -2.61 -31.57 22.01
N PRO D 299 -3.42 -30.78 22.74
CA PRO D 299 -3.36 -29.34 22.63
C PRO D 299 -1.96 -28.90 23.01
N GLY D 300 -1.45 -27.83 22.40
CA GLY D 300 -0.04 -27.46 22.65
C GLY D 300 0.14 -26.04 23.10
N VAL D 301 1.19 -25.36 22.62
CA VAL D 301 1.50 -23.97 23.06
C VAL D 301 1.99 -23.14 21.86
N LEU D 302 1.57 -21.88 21.78
CA LEU D 302 2.06 -20.97 20.71
C LEU D 302 2.95 -19.92 21.39
N PHE D 303 4.21 -19.80 20.97
CA PHE D 303 5.10 -18.74 21.51
C PHE D 303 5.11 -17.59 20.53
N VAL D 304 4.46 -16.48 20.87
CA VAL D 304 4.52 -15.28 19.97
C VAL D 304 5.62 -14.38 20.52
N ASP D 305 6.87 -14.77 20.34
CA ASP D 305 7.97 -13.89 20.69
C ASP D 305 7.86 -12.62 19.89
N GLU D 306 8.38 -11.52 20.48
CA GLU D 306 8.35 -10.13 20.00
C GLU D 306 6.93 -9.68 19.69
N VAL D 307 6.10 -9.64 20.74
CA VAL D 307 4.67 -9.36 20.56
C VAL D 307 4.40 -7.88 20.34
N HIS D 308 5.37 -7.00 20.59
CA HIS D 308 5.23 -5.59 20.33
C HIS D 308 5.26 -5.23 18.86
N MET D 309 5.72 -6.14 18.00
CA MET D 309 5.73 -5.94 16.56
C MET D 309 4.40 -6.27 15.90
N LEU D 310 3.43 -6.82 16.63
CA LEU D 310 2.07 -6.86 16.14
C LEU D 310 1.47 -5.46 16.12
N ASP D 311 0.60 -5.21 15.16
CA ASP D 311 -0.16 -3.96 15.17
C ASP D 311 -1.46 -4.17 15.93
N ILE D 312 -2.23 -3.09 16.05
CA ILE D 312 -3.41 -3.00 16.91
C ILE D 312 -4.58 -3.89 16.43
N GLU D 313 -4.62 -4.19 15.13
CA GLU D 313 -5.58 -5.13 14.58
C GLU D 313 -5.27 -6.56 15.01
N CYS D 314 -3.99 -6.90 15.15
CA CYS D 314 -3.59 -8.23 15.57
C CYS D 314 -3.88 -8.47 17.05
N PHE D 315 -3.76 -7.43 17.88
CA PHE D 315 -4.13 -7.53 19.29
C PHE D 315 -5.64 -7.62 19.46
N THR D 316 -6.38 -6.92 18.60
CA THR D 316 -7.83 -6.94 18.72
C THR D 316 -8.42 -8.23 18.17
N TYR D 317 -7.74 -8.88 17.22
CA TYR D 317 -8.18 -10.22 16.82
C TYR D 317 -7.76 -11.25 17.85
N LEU D 318 -6.66 -10.99 18.58
CA LEU D 318 -6.21 -11.89 19.63
C LEU D 318 -7.12 -11.92 20.84
N HIS D 319 -7.94 -10.88 21.02
CA HIS D 319 -9.04 -10.89 22.00
C HIS D 319 -10.04 -12.01 21.71
N ARG D 320 -10.55 -12.07 20.47
CA ARG D 320 -11.45 -13.12 20.04
C ARG D 320 -10.77 -14.48 19.92
N ALA D 321 -9.47 -14.49 19.63
CA ALA D 321 -8.75 -15.75 19.48
C ALA D 321 -8.49 -16.41 20.83
N LEU D 322 -8.15 -15.63 21.85
CA LEU D 322 -7.96 -16.19 23.17
C LEU D 322 -9.27 -16.50 23.88
N GLU D 323 -10.40 -16.06 23.33
CA GLU D 323 -11.68 -16.27 24.05
C GLU D 323 -12.32 -17.60 23.61
N SER D 324 -11.73 -18.29 22.63
CA SER D 324 -12.32 -19.54 22.09
C SER D 324 -11.99 -20.74 22.99
N SER D 325 -12.72 -21.85 22.83
CA SER D 325 -12.53 -23.04 23.70
C SER D 325 -11.64 -24.05 22.97
N ILE D 326 -11.13 -23.68 21.80
CA ILE D 326 -10.26 -24.58 21.01
C ILE D 326 -8.86 -23.98 20.94
N ALA D 327 -8.68 -22.72 21.37
CA ALA D 327 -7.37 -22.02 21.22
C ALA D 327 -6.26 -22.71 22.01
N PRO D 328 -5.00 -22.67 21.54
CA PRO D 328 -3.89 -23.21 22.32
C PRO D 328 -3.47 -22.29 23.44
N ILE D 329 -2.74 -22.79 24.44
CA ILE D 329 -2.19 -21.88 25.49
C ILE D 329 -1.10 -21.04 24.84
N VAL D 330 -1.19 -19.71 24.90
CA VAL D 330 -0.19 -18.86 24.17
C VAL D 330 0.76 -18.18 25.16
N ILE D 331 2.06 -18.20 24.86
CA ILE D 331 3.07 -17.53 25.73
C ILE D 331 3.61 -16.36 24.91
N PHE D 332 3.38 -15.14 25.37
CA PHE D 332 3.84 -13.93 24.63
C PHE D 332 5.08 -13.43 25.30
N ALA D 333 5.91 -12.72 24.54
CA ALA D 333 7.15 -12.16 25.09
C ALA D 333 7.43 -10.78 24.52
N SER D 334 7.88 -9.88 25.39
CA SER D 334 8.18 -8.51 25.01
C SER D 334 9.19 -7.94 25.98
N ASN D 335 9.95 -6.96 25.50
CA ASN D 335 10.97 -6.28 26.29
C ASN D 335 10.93 -4.78 26.03
N ARG D 336 9.79 -4.27 25.60
CA ARG D 336 9.66 -2.94 25.02
C ARG D 336 8.72 -2.09 25.84
N GLY D 337 8.95 -2.04 27.16
CA GLY D 337 8.07 -1.34 28.09
C GLY D 337 7.87 0.15 27.93
N ASN D 338 6.59 0.54 27.99
CA ASN D 338 6.04 1.88 27.75
C ASN D 338 6.45 2.45 26.40
N CYS D 339 6.02 1.75 25.35
CA CYS D 339 6.22 2.19 23.97
C CYS D 339 4.86 2.21 23.29
N VAL D 340 4.78 2.94 22.16
CA VAL D 340 3.52 3.08 21.42
C VAL D 340 3.15 1.79 20.72
N ILE D 341 1.84 1.53 20.64
CA ILE D 341 1.35 0.44 19.80
C ILE D 341 1.55 0.82 18.34
N ARG D 342 2.01 -0.14 17.55
CA ARG D 342 2.07 0.06 16.11
C ARG D 342 0.65 0.02 15.53
N GLY D 343 0.42 0.83 14.51
CA GLY D 343 -0.89 0.95 13.95
C GLY D 343 -1.77 2.00 14.61
N THR D 344 -1.29 2.64 15.67
CA THR D 344 -1.95 3.77 16.31
C THR D 344 -1.04 4.98 16.19
N GLU D 345 -1.66 6.16 16.17
CA GLU D 345 -0.88 7.40 16.13
C GLU D 345 -0.66 7.89 17.56
N ASP D 346 0.39 7.34 18.17
CA ASP D 346 1.01 7.73 19.44
C ASP D 346 0.08 7.68 20.65
N ILE D 347 -0.49 6.51 20.93
CA ILE D 347 -1.04 6.24 22.25
C ILE D 347 -0.11 5.21 22.92
N THR D 348 0.10 5.37 24.22
CA THR D 348 1.14 4.67 24.98
C THR D 348 0.57 3.73 26.02
N SER D 349 1.05 2.49 26.01
CA SER D 349 0.63 1.45 26.94
C SER D 349 1.90 0.70 27.34
N PRO D 350 1.92 0.06 28.53
CA PRO D 350 3.06 -0.78 28.89
C PRO D 350 3.25 -2.00 28.01
N HIS D 351 4.53 -2.35 27.81
CA HIS D 351 5.11 -3.49 27.08
C HIS D 351 4.81 -3.50 25.58
N GLY D 352 4.26 -2.44 25.01
CA GLY D 352 3.84 -2.45 23.63
C GLY D 352 2.51 -3.12 23.38
N ILE D 353 1.79 -3.50 24.43
CA ILE D 353 0.58 -4.30 24.36
C ILE D 353 -0.51 -3.43 24.96
N PRO D 354 -1.70 -3.35 24.35
CA PRO D 354 -2.80 -2.56 24.91
C PRO D 354 -3.36 -3.15 26.19
N LEU D 355 -3.99 -2.27 26.96
CA LEU D 355 -4.48 -2.59 28.30
C LEU D 355 -5.64 -3.57 28.27
N ASP D 356 -6.40 -3.59 27.18
CA ASP D 356 -7.44 -4.58 26.99
C ASP D 356 -6.91 -5.96 26.65
N LEU D 357 -5.66 -6.09 26.16
CA LEU D 357 -5.06 -7.42 26.04
C LEU D 357 -4.27 -7.79 27.28
N LEU D 358 -3.75 -6.80 28.01
CA LEU D 358 -3.03 -7.03 29.25
C LEU D 358 -3.95 -7.45 30.39
N ASP D 359 -5.24 -7.16 30.27
CA ASP D 359 -6.25 -7.72 31.17
C ASP D 359 -6.36 -9.23 31.03
N ARG D 360 -6.16 -9.77 29.83
CA ARG D 360 -6.37 -11.17 29.55
C ARG D 360 -5.15 -12.06 29.77
N VAL D 361 -3.99 -11.49 30.02
CA VAL D 361 -2.77 -12.28 30.19
C VAL D 361 -2.34 -12.30 31.65
N MET D 362 -1.49 -13.28 31.99
CA MET D 362 -0.82 -13.29 33.29
C MET D 362 0.62 -12.85 33.08
N ILE D 363 1.10 -11.97 33.95
CA ILE D 363 2.44 -11.38 33.79
C ILE D 363 3.44 -12.22 34.57
N ILE D 364 4.56 -12.57 33.95
CA ILE D 364 5.72 -13.08 34.66
C ILE D 364 6.86 -12.12 34.42
N ARG D 365 7.26 -11.38 35.45
CA ARG D 365 8.41 -10.50 35.34
C ARG D 365 9.69 -11.30 35.47
N THR D 366 10.77 -10.78 34.88
CA THR D 366 12.11 -11.39 34.94
C THR D 366 13.11 -10.35 35.44
N MET D 367 13.48 -10.46 36.71
CA MET D 367 14.41 -9.54 37.35
C MET D 367 15.86 -9.76 36.89
N LEU D 368 16.59 -8.66 36.74
CA LEU D 368 17.97 -8.73 36.18
C LEU D 368 18.88 -9.67 36.99
N TYR D 369 20.03 -10.03 36.44
CA TYR D 369 20.91 -11.03 37.12
C TYR D 369 21.95 -10.32 37.95
N THR D 370 22.45 -11.00 38.98
CA THR D 370 23.50 -10.45 39.85
C THR D 370 24.84 -10.78 39.23
N PRO D 371 25.94 -10.13 39.65
CA PRO D 371 27.26 -10.49 39.15
C PRO D 371 27.56 -11.98 39.26
N GLN D 372 27.18 -12.60 40.37
CA GLN D 372 27.50 -14.03 40.60
C GLN D 372 26.80 -14.92 39.55
N GLU D 373 25.54 -14.64 39.25
CA GLU D 373 24.78 -15.48 38.29
C GLU D 373 25.27 -15.23 36.86
N MET D 374 25.77 -14.02 36.58
CA MET D 374 26.35 -13.75 35.24
C MET D 374 27.55 -14.70 35.05
N LYS D 375 28.40 -14.84 36.08
CA LYS D 375 29.58 -15.75 35.99
C LYS D 375 29.10 -17.19 35.82
N GLN D 376 28.01 -17.58 36.47
CA GLN D 376 27.49 -18.93 36.28
C GLN D 376 26.97 -19.16 34.87
N ILE D 377 26.44 -18.11 34.21
CA ILE D 377 26.01 -18.24 32.80
C ILE D 377 27.23 -18.35 31.89
N ILE D 378 28.31 -17.61 32.21
CA ILE D 378 29.56 -17.70 31.44
C ILE D 378 30.24 -19.06 31.63
N LYS D 379 30.11 -19.65 32.82
CA LYS D 379 30.59 -21.00 33.08
C LYS D 379 29.80 -22.08 32.34
N ILE D 380 28.47 -21.90 32.24
CA ILE D 380 27.63 -22.90 31.57
C ILE D 380 27.76 -22.82 30.05
N ARG D 381 27.90 -21.59 29.52
CA ARG D 381 28.18 -21.41 28.09
C ARG D 381 29.60 -21.87 27.73
N ALA D 382 30.55 -21.84 28.67
CA ALA D 382 31.86 -22.42 28.38
C ALA D 382 31.83 -23.95 28.35
N GLN D 383 31.07 -24.61 29.25
CA GLN D 383 30.96 -26.07 29.13
C GLN D 383 30.10 -26.52 27.96
N THR D 384 29.16 -25.68 27.51
CA THR D 384 28.30 -26.06 26.39
C THR D 384 29.04 -25.97 25.08
N GLU D 385 29.87 -24.97 24.91
CA GLU D 385 30.66 -24.79 23.70
C GLU D 385 31.98 -25.56 23.74
N GLY D 386 32.23 -26.33 24.80
CA GLY D 386 33.43 -27.15 24.86
C GLY D 386 34.68 -26.41 25.26
N ILE D 387 34.52 -25.20 25.78
CA ILE D 387 35.63 -24.29 26.05
C ILE D 387 36.12 -24.46 27.48
N ASN D 388 37.37 -24.85 27.65
CA ASN D 388 38.05 -24.77 28.94
C ASN D 388 38.40 -23.33 29.26
N ILE D 389 38.34 -22.96 30.53
CA ILE D 389 38.58 -21.59 30.95
C ILE D 389 39.21 -21.58 32.33
N SER D 390 40.21 -20.72 32.52
CA SER D 390 40.82 -20.49 33.81
C SER D 390 39.90 -19.63 34.67
N GLU D 391 40.08 -19.72 35.99
CA GLU D 391 39.23 -18.99 36.93
C GLU D 391 39.48 -17.49 36.91
N GLU D 392 40.70 -17.05 36.55
CA GLU D 392 40.99 -15.62 36.49
C GLU D 392 40.39 -14.99 35.25
N ALA D 393 40.35 -15.76 34.15
CA ALA D 393 39.66 -15.31 32.95
C ALA D 393 38.14 -15.34 33.14
N LEU D 394 37.66 -16.24 33.99
CA LEU D 394 36.25 -16.26 34.38
C LEU D 394 35.87 -15.04 35.21
N ASN D 395 36.77 -14.60 36.11
CA ASN D 395 36.53 -13.38 36.89
C ASN D 395 36.63 -12.13 36.01
N HIS D 396 37.47 -12.17 34.98
CA HIS D 396 37.57 -11.04 34.07
C HIS D 396 36.38 -10.97 33.12
N LEU D 397 35.88 -12.13 32.66
CA LEU D 397 34.68 -12.13 31.85
C LEU D 397 33.42 -11.84 32.67
N GLY D 398 33.44 -12.11 33.98
CA GLY D 398 32.35 -11.67 34.82
C GLY D 398 32.35 -10.17 35.06
N GLU D 399 33.54 -9.57 35.16
CA GLU D 399 33.63 -8.11 35.27
C GLU D 399 33.28 -7.42 33.96
N ILE D 400 33.57 -8.07 32.83
CA ILE D 400 33.19 -7.56 31.52
C ILE D 400 31.67 -7.67 31.34
N GLY D 401 31.08 -8.76 31.84
CA GLY D 401 29.65 -8.94 31.70
C GLY D 401 28.81 -8.12 32.65
N THR D 402 29.37 -7.69 33.77
CA THR D 402 28.68 -6.68 34.55
C THR D 402 29.05 -5.28 34.10
N LYS D 403 30.10 -5.14 33.28
CA LYS D 403 30.46 -3.81 32.80
C LYS D 403 29.56 -3.40 31.64
N THR D 404 29.28 -4.32 30.71
CA THR D 404 28.51 -3.98 29.52
C THR D 404 27.14 -4.63 29.54
N THR D 405 27.06 -5.96 29.42
CA THR D 405 25.86 -6.79 29.32
C THR D 405 26.27 -8.26 29.38
N LEU D 406 25.28 -9.12 29.65
CA LEU D 406 25.50 -10.57 29.72
C LEU D 406 25.83 -11.18 28.37
N ARG D 407 25.27 -10.62 27.29
CA ARG D 407 25.39 -11.28 26.00
C ARG D 407 26.73 -10.99 25.35
N TYR D 408 27.33 -9.83 25.64
CA TYR D 408 28.62 -9.50 25.05
C TYR D 408 29.72 -10.36 25.66
N SER D 409 29.59 -10.69 26.94
CA SER D 409 30.58 -11.55 27.56
C SER D 409 30.41 -13.01 27.16
N VAL D 410 29.22 -13.46 26.76
CA VAL D 410 29.13 -14.84 26.30
C VAL D 410 29.49 -14.98 24.82
N GLN D 411 29.50 -13.88 24.05
CA GLN D 411 30.12 -13.97 22.73
C GLN D 411 31.58 -13.57 22.73
N LEU D 412 32.18 -13.29 23.87
CA LEU D 412 33.63 -13.19 23.95
C LEU D 412 34.31 -14.53 24.23
N LEU D 413 33.55 -15.63 24.30
CA LEU D 413 34.13 -16.91 24.68
C LEU D 413 34.79 -17.60 23.50
N THR D 414 34.02 -17.88 22.44
CA THR D 414 34.56 -18.49 21.22
C THR D 414 35.66 -17.69 20.47
N PRO D 415 35.62 -16.35 20.26
CA PRO D 415 36.83 -15.66 19.79
C PRO D 415 38.07 -15.73 20.69
N ALA D 416 37.92 -15.77 22.01
CA ALA D 416 39.06 -15.96 22.89
C ALA D 416 39.56 -17.40 22.84
N ASN D 417 38.67 -18.36 22.56
CA ASN D 417 39.09 -19.74 22.39
C ASN D 417 39.84 -19.94 21.08
N LEU D 418 39.42 -19.25 20.01
CA LEU D 418 40.13 -19.33 18.75
C LEU D 418 41.47 -18.61 18.82
N LEU D 419 41.57 -17.54 19.62
CA LEU D 419 42.85 -16.91 19.87
C LEU D 419 43.76 -17.78 20.74
N ALA D 420 43.18 -18.60 21.63
CA ALA D 420 43.97 -19.52 22.43
C ALA D 420 44.50 -20.68 21.60
N LYS D 421 43.72 -21.18 20.64
CA LYS D 421 44.24 -22.23 19.76
C LYS D 421 45.17 -21.66 18.69
N ILE D 422 45.10 -20.35 18.41
CA ILE D 422 46.10 -19.72 17.57
C ILE D 422 47.43 -19.63 18.32
N ASN D 423 47.37 -19.29 19.61
CA ASN D 423 48.57 -19.33 20.45
C ASN D 423 48.94 -20.74 20.90
N GLY D 424 48.07 -21.74 20.69
CA GLY D 424 48.37 -23.12 20.99
C GLY D 424 48.05 -23.58 22.40
N LYS D 425 47.53 -22.71 23.24
CA LYS D 425 47.18 -23.06 24.61
C LYS D 425 45.75 -23.57 24.65
N ASP D 426 45.52 -24.63 25.42
CA ASP D 426 44.23 -25.29 25.41
C ASP D 426 43.17 -24.58 26.24
N SER D 427 43.56 -23.64 27.09
CA SER D 427 42.64 -22.94 27.97
C SER D 427 42.83 -21.44 27.78
N ILE D 428 41.78 -20.69 28.07
CA ILE D 428 41.80 -19.25 27.97
C ILE D 428 42.38 -18.66 29.26
N GLU D 429 43.34 -17.74 29.13
CA GLU D 429 43.83 -16.93 30.23
C GLU D 429 43.31 -15.50 30.07
N LYS D 430 43.74 -14.62 30.98
CA LYS D 430 43.26 -13.24 31.02
C LYS D 430 43.75 -12.40 29.84
N GLU D 431 44.92 -12.74 29.27
CA GLU D 431 45.45 -11.99 28.13
C GLU D 431 44.67 -12.22 26.85
N HIS D 432 44.00 -13.38 26.74
CA HIS D 432 43.17 -13.68 25.58
C HIS D 432 41.85 -12.94 25.63
N VAL D 433 41.28 -12.80 26.83
CA VAL D 433 40.05 -12.02 27.00
C VAL D 433 40.32 -10.54 26.88
N GLU D 434 41.49 -10.09 27.36
CA GLU D 434 41.88 -8.70 27.26
C GLU D 434 42.19 -8.28 25.82
N GLU D 435 42.76 -9.18 25.02
CA GLU D 435 43.07 -8.84 23.64
C GLU D 435 41.82 -8.90 22.77
N ILE D 436 40.93 -9.88 23.01
CA ILE D 436 39.72 -10.02 22.22
C ILE D 436 38.72 -8.90 22.58
N SER D 437 38.76 -8.43 23.83
CA SER D 437 37.91 -7.31 24.25
C SER D 437 38.41 -5.99 23.69
N GLU D 438 39.68 -5.91 23.29
CA GLU D 438 40.12 -4.75 22.54
C GLU D 438 39.74 -4.87 21.06
N LEU D 439 39.55 -6.09 20.55
CA LEU D 439 39.24 -6.23 19.14
C LEU D 439 37.77 -5.98 18.83
N PHE D 440 36.86 -6.41 19.70
CA PHE D 440 35.43 -6.27 19.50
C PHE D 440 34.84 -5.32 20.53
N TYR D 441 33.85 -4.54 20.11
CA TYR D 441 33.25 -3.54 20.98
C TYR D 441 31.84 -3.95 21.38
N ASP D 442 31.44 -3.48 22.55
CA ASP D 442 30.06 -3.52 22.98
C ASP D 442 29.32 -2.34 22.40
N ALA D 443 27.99 -2.36 22.54
CA ALA D 443 27.15 -1.33 21.94
C ALA D 443 27.25 0.02 22.66
N LYS D 444 27.62 0.02 23.94
CA LYS D 444 27.74 1.28 24.68
C LYS D 444 29.03 2.00 24.33
N SER D 445 30.12 1.25 24.16
CA SER D 445 31.39 1.84 23.77
C SER D 445 31.35 2.31 22.31
N SER D 446 30.59 1.60 21.47
CA SER D 446 30.40 2.04 20.10
C SER D 446 29.49 3.25 20.02
N ALA D 447 28.54 3.37 20.95
CA ALA D 447 27.71 4.57 21.03
C ALA D 447 28.49 5.76 21.57
N LYS D 448 29.50 5.51 22.41
CA LYS D 448 30.36 6.58 22.89
C LYS D 448 31.29 7.08 21.78
N ILE D 449 31.70 6.17 20.88
CA ILE D 449 32.47 6.52 19.68
C ILE D 449 31.59 7.30 18.70
N LEU D 450 30.31 6.93 18.60
CA LEU D 450 29.36 7.66 17.77
C LEU D 450 29.00 9.04 18.33
N ALA D 451 29.03 9.20 19.65
CA ALA D 451 28.72 10.50 20.22
C ALA D 451 29.91 11.44 20.15
N ASP D 452 31.13 10.92 20.29
CA ASP D 452 32.33 11.74 20.19
C ASP D 452 32.62 12.20 18.76
N GLN D 453 32.22 11.43 17.76
CA GLN D 453 32.56 11.73 16.38
C GLN D 453 31.31 11.79 15.51
N GLN D 454 30.29 12.52 15.97
CA GLN D 454 29.00 12.54 15.30
C GLN D 454 28.99 13.40 14.05
N ASP D 455 29.97 14.29 13.86
CA ASP D 455 30.02 15.08 12.65
C ASP D 455 30.58 14.32 11.46
N LYS D 456 31.29 13.21 11.70
CA LYS D 456 31.86 12.43 10.62
C LYS D 456 30.92 11.37 10.06
N TYR D 457 30.09 10.77 10.91
CA TYR D 457 29.17 9.72 10.46
C TYR D 457 27.98 10.31 9.74
N MET D 458 27.39 9.50 8.85
CA MET D 458 26.21 9.94 8.13
C MET D 458 24.98 9.93 9.01
N LYS D 459 24.02 10.79 8.67
CA LYS D 459 22.77 10.85 9.42
C LYS D 459 21.61 10.26 8.67
N THR E 35 -9.64 -33.69 25.87
CA THR E 35 -10.06 -34.92 25.16
C THR E 35 -10.66 -34.54 23.84
N ARG E 36 -11.66 -33.65 23.87
CA ARG E 36 -12.35 -33.24 22.63
C ARG E 36 -11.74 -31.93 22.12
N ILE E 37 -12.14 -31.51 20.94
CA ILE E 37 -11.66 -30.20 20.39
C ILE E 37 -12.07 -29.06 21.34
N GLU E 38 -13.16 -29.20 22.10
CA GLU E 38 -13.61 -28.05 22.93
C GLU E 38 -13.12 -28.24 24.38
N ARG E 39 -12.89 -27.15 25.11
CA ARG E 39 -12.34 -27.19 26.44
C ARG E 39 -12.88 -25.96 27.18
N ILE E 40 -12.35 -25.71 28.37
CA ILE E 40 -12.87 -24.64 29.20
C ILE E 40 -12.28 -23.31 28.71
N GLY E 41 -13.07 -22.57 27.94
CA GLY E 41 -12.68 -21.27 27.47
C GLY E 41 -13.15 -20.19 28.43
N ALA E 42 -13.11 -18.95 27.95
CA ALA E 42 -13.54 -17.83 28.78
C ALA E 42 -15.05 -17.69 28.88
N HIS E 43 -15.79 -18.30 27.96
CA HIS E 43 -17.25 -18.20 27.94
C HIS E 43 -17.91 -19.56 27.91
N SER E 44 -17.23 -20.60 28.38
CA SER E 44 -17.77 -21.95 28.27
C SER E 44 -18.76 -22.28 29.37
N HIS E 45 -18.85 -21.45 30.41
CA HIS E 45 -19.81 -21.63 31.48
C HIS E 45 -21.17 -21.06 31.16
N ILE E 46 -21.30 -20.30 30.08
CA ILE E 46 -22.51 -19.55 29.78
C ILE E 46 -23.38 -20.41 28.88
N ARG E 47 -24.46 -20.94 29.43
CA ARG E 47 -25.40 -21.73 28.64
C ARG E 47 -26.48 -20.87 27.99
N GLY E 48 -26.55 -19.60 28.31
CA GLY E 48 -27.56 -18.74 27.74
C GLY E 48 -27.91 -17.62 28.70
N LEU E 49 -28.78 -16.71 28.26
CA LEU E 49 -29.21 -15.60 29.13
C LEU E 49 -30.24 -16.16 30.12
N GLY E 50 -30.11 -15.87 31.41
CA GLY E 50 -31.03 -16.51 32.38
C GLY E 50 -32.34 -15.78 32.46
N LEU E 51 -33.11 -15.75 31.38
CA LEU E 51 -34.36 -14.96 31.35
C LEU E 51 -35.57 -15.88 31.49
N ASP E 52 -36.63 -15.41 32.15
CA ASP E 52 -37.86 -16.22 32.35
C ASP E 52 -38.81 -16.01 31.17
N ASP E 53 -40.07 -16.40 31.33
CA ASP E 53 -41.10 -16.23 30.25
C ASP E 53 -41.32 -14.75 29.93
N ALA E 54 -41.29 -13.88 30.95
CA ALA E 54 -41.53 -12.43 30.73
C ALA E 54 -40.21 -11.71 30.47
N LEU E 55 -39.20 -12.41 29.94
CA LEU E 55 -37.91 -11.78 29.58
C LEU E 55 -37.20 -11.23 30.83
N GLU E 56 -37.83 -11.27 32.01
CA GLU E 56 -37.22 -10.73 33.24
C GLU E 56 -36.01 -11.58 33.62
N PRO E 57 -34.82 -10.99 33.87
CA PRO E 57 -33.64 -11.79 34.17
C PRO E 57 -33.56 -12.35 35.57
N ARG E 58 -33.11 -13.60 35.70
CA ARG E 58 -32.95 -14.25 37.03
C ARG E 58 -31.56 -13.87 37.58
N GLN E 59 -31.42 -13.77 38.90
CA GLN E 59 -30.16 -13.28 39.47
C GLN E 59 -28.98 -14.17 39.11
N ALA E 60 -29.18 -15.48 39.05
CA ALA E 60 -28.11 -16.39 38.64
C ALA E 60 -28.75 -17.59 37.95
N SER E 61 -28.74 -17.60 36.63
CA SER E 61 -29.30 -18.71 35.87
C SER E 61 -28.58 -18.81 34.53
N GLN E 62 -28.38 -20.07 34.09
CA GLN E 62 -27.77 -20.47 32.81
C GLN E 62 -26.36 -19.91 32.63
N GLY E 63 -25.60 -19.86 33.71
CA GLY E 63 -24.23 -19.40 33.67
C GLY E 63 -24.05 -17.90 33.63
N MET E 64 -25.11 -17.13 33.82
CA MET E 64 -25.05 -15.68 33.77
C MET E 64 -25.53 -15.13 35.10
N VAL E 65 -24.90 -14.04 35.53
CA VAL E 65 -25.20 -13.43 36.82
C VAL E 65 -24.94 -11.93 36.73
N GLY E 66 -25.87 -11.13 37.28
CA GLY E 66 -25.78 -9.70 37.16
C GLY E 66 -26.32 -9.25 35.82
N GLN E 67 -26.17 -7.94 35.58
CA GLN E 67 -26.49 -7.21 34.34
C GLN E 67 -27.95 -7.36 33.92
N LEU E 68 -28.84 -6.94 34.82
CA LEU E 68 -30.25 -7.26 34.67
C LEU E 68 -30.95 -6.45 33.59
N ALA E 69 -30.62 -5.15 33.47
CA ALA E 69 -31.18 -4.37 32.38
C ALA E 69 -30.54 -4.73 31.04
N ALA E 70 -29.27 -5.14 31.06
CA ALA E 70 -28.59 -5.52 29.82
C ALA E 70 -29.04 -6.87 29.31
N ARG E 71 -29.31 -7.83 30.20
CA ARG E 71 -29.84 -9.12 29.77
C ARG E 71 -31.31 -9.04 29.38
N ARG E 72 -32.07 -8.11 29.97
CA ARG E 72 -33.46 -7.93 29.56
C ARG E 72 -33.56 -7.27 28.19
N ALA E 73 -32.68 -6.28 27.92
CA ALA E 73 -32.59 -5.68 26.59
C ALA E 73 -32.02 -6.65 25.56
N ALA E 74 -31.14 -7.56 25.99
CA ALA E 74 -30.65 -8.63 25.13
C ALA E 74 -31.73 -9.66 24.81
N GLY E 75 -32.66 -9.86 25.73
CA GLY E 75 -33.75 -10.78 25.46
C GLY E 75 -34.85 -10.21 24.59
N VAL E 76 -35.04 -8.89 24.65
CA VAL E 76 -35.96 -8.21 23.74
C VAL E 76 -35.41 -8.25 22.32
N VAL E 77 -34.08 -8.08 22.19
CA VAL E 77 -33.39 -8.26 20.91
C VAL E 77 -33.42 -9.72 20.46
N LEU E 78 -33.42 -10.67 21.40
CA LEU E 78 -33.56 -12.09 21.09
C LEU E 78 -34.93 -12.47 20.57
N GLU E 79 -35.99 -11.84 21.08
CA GLU E 79 -37.31 -12.05 20.49
C GLU E 79 -37.46 -11.34 19.15
N MET E 80 -36.70 -10.26 18.93
CA MET E 80 -36.69 -9.60 17.63
C MET E 80 -35.97 -10.43 16.58
N ILE E 81 -34.93 -11.15 16.98
CA ILE E 81 -34.22 -12.04 16.06
C ILE E 81 -35.05 -13.29 15.76
N ARG E 82 -35.73 -13.84 16.78
CA ARG E 82 -36.54 -15.04 16.56
C ARG E 82 -37.83 -14.76 15.79
N GLU E 83 -38.34 -13.53 15.81
CA GLU E 83 -39.54 -13.28 15.01
C GLU E 83 -39.19 -13.08 13.53
N GLY E 84 -38.00 -12.53 13.24
CA GLY E 84 -37.45 -12.50 11.89
C GLY E 84 -38.09 -11.51 10.93
N LYS E 85 -38.94 -10.63 11.42
CA LYS E 85 -39.75 -9.81 10.54
C LYS E 85 -39.04 -8.54 10.09
N ILE E 86 -38.38 -7.84 11.00
CA ILE E 86 -37.81 -6.53 10.71
C ILE E 86 -36.35 -6.69 10.26
N ALA E 87 -36.03 -6.16 9.09
CA ALA E 87 -34.69 -6.27 8.54
C ALA E 87 -33.80 -5.12 8.97
N GLY E 88 -32.52 -5.45 9.18
CA GLY E 88 -31.51 -4.43 9.35
C GLY E 88 -31.48 -3.70 10.67
N ARG E 89 -32.01 -4.29 11.73
CA ARG E 89 -31.89 -3.68 13.04
C ARG E 89 -30.48 -3.82 13.58
N ALA E 90 -30.08 -2.88 14.43
CA ALA E 90 -28.72 -2.87 14.93
C ALA E 90 -28.69 -2.40 16.39
N VAL E 91 -27.88 -3.08 17.19
CA VAL E 91 -27.79 -2.85 18.62
C VAL E 91 -26.31 -2.84 18.99
N LEU E 92 -25.87 -1.79 19.66
CA LEU E 92 -24.53 -1.73 20.22
C LEU E 92 -24.57 -2.15 21.68
N ILE E 93 -23.65 -3.01 22.10
CA ILE E 93 -23.43 -3.30 23.51
C ILE E 93 -22.22 -2.49 23.97
N ALA E 94 -22.46 -1.41 24.68
CA ALA E 94 -21.37 -0.57 25.19
C ALA E 94 -21.17 -0.78 26.69
N GLY E 95 -19.98 -0.47 27.16
CA GLY E 95 -19.70 -0.50 28.57
C GLY E 95 -18.23 -0.71 28.85
N GLN E 96 -17.90 -0.78 30.14
CA GLN E 96 -16.53 -0.91 30.59
C GLN E 96 -15.98 -2.31 30.30
N PRO E 97 -14.65 -2.46 30.12
CA PRO E 97 -14.06 -3.80 30.01
C PRO E 97 -14.24 -4.65 31.26
N GLY E 98 -14.47 -5.95 31.03
CA GLY E 98 -14.74 -6.89 32.08
C GLY E 98 -16.18 -6.93 32.55
N THR E 99 -17.07 -6.13 31.97
CA THR E 99 -18.46 -6.09 32.37
C THR E 99 -19.35 -7.09 31.64
N GLY E 100 -18.82 -7.81 30.65
CA GLY E 100 -19.58 -8.86 30.02
C GLY E 100 -20.42 -8.49 28.82
N LYS E 101 -19.85 -7.72 27.91
CA LYS E 101 -20.51 -7.44 26.63
C LYS E 101 -20.47 -8.67 25.74
N THR E 102 -19.29 -9.28 25.64
CA THR E 102 -19.10 -10.49 24.86
C THR E 102 -19.80 -11.67 25.50
N ALA E 103 -19.87 -11.70 26.84
CA ALA E 103 -20.56 -12.78 27.55
C ALA E 103 -22.07 -12.76 27.34
N ILE E 104 -22.65 -11.57 27.18
CA ILE E 104 -24.05 -11.44 26.78
C ILE E 104 -24.24 -11.89 25.33
N ALA E 105 -23.24 -11.64 24.48
CA ALA E 105 -23.36 -12.06 23.09
C ALA E 105 -23.17 -13.57 22.89
N MET E 106 -22.31 -14.25 23.65
CA MET E 106 -22.32 -15.71 23.58
C MET E 106 -23.46 -16.32 24.36
N GLY E 107 -24.09 -15.58 25.29
CA GLY E 107 -25.32 -16.05 25.88
C GLY E 107 -26.48 -16.05 24.91
N MET E 108 -26.55 -15.03 24.06
CA MET E 108 -27.59 -15.00 23.05
C MET E 108 -27.24 -15.92 21.87
N ALA E 109 -25.95 -16.23 21.69
CA ALA E 109 -25.52 -17.16 20.66
C ALA E 109 -25.90 -18.60 21.02
N GLN E 110 -25.77 -18.99 22.29
CA GLN E 110 -26.28 -20.31 22.66
C GLN E 110 -27.78 -20.29 22.91
N ALA E 111 -28.40 -19.12 23.07
CA ALA E 111 -29.85 -19.12 23.22
C ALA E 111 -30.57 -19.18 21.89
N LEU E 112 -29.89 -18.89 20.77
CA LEU E 112 -30.56 -19.04 19.48
C LEU E 112 -30.63 -20.49 19.02
N GLY E 113 -29.58 -21.27 19.28
CA GLY E 113 -29.52 -22.62 18.77
C GLY E 113 -28.89 -22.67 17.40
N PRO E 114 -28.68 -23.88 16.86
CA PRO E 114 -28.05 -24.00 15.53
C PRO E 114 -28.99 -23.79 14.36
N ASP E 115 -30.29 -23.58 14.60
CA ASP E 115 -31.23 -23.39 13.50
C ASP E 115 -31.08 -22.01 12.87
N THR E 116 -30.99 -20.98 13.71
CA THR E 116 -30.77 -19.60 13.30
C THR E 116 -29.27 -19.34 13.17
N PRO E 117 -28.78 -18.85 12.02
CA PRO E 117 -27.36 -18.53 11.88
C PRO E 117 -26.88 -17.39 12.77
N PHE E 118 -25.62 -17.50 13.19
CA PHE E 118 -24.96 -16.52 14.05
C PHE E 118 -23.53 -16.40 13.55
N THR E 119 -23.26 -15.42 12.69
CA THR E 119 -21.90 -15.17 12.25
C THR E 119 -21.25 -14.29 13.29
N ALA E 120 -20.17 -14.77 13.89
CA ALA E 120 -19.45 -14.03 14.93
C ALA E 120 -18.06 -13.72 14.40
N ILE E 121 -17.83 -12.45 14.04
CA ILE E 121 -16.56 -12.00 13.51
C ILE E 121 -15.94 -10.97 14.46
N ALA E 122 -14.64 -10.81 14.31
CA ALA E 122 -13.91 -9.71 14.92
C ALA E 122 -13.96 -8.49 13.99
N GLY E 123 -13.64 -7.33 14.57
CA GLY E 123 -13.61 -6.14 13.76
C GLY E 123 -12.39 -5.96 12.90
N SER E 124 -11.33 -6.71 13.19
CA SER E 124 -10.11 -6.69 12.40
C SER E 124 -10.12 -7.67 11.25
N GLU E 125 -11.14 -8.49 11.13
CA GLU E 125 -11.21 -9.53 10.12
C GLU E 125 -11.63 -9.01 8.75
N ILE E 126 -12.10 -7.76 8.67
CA ILE E 126 -12.52 -7.20 7.39
C ILE E 126 -11.34 -6.71 6.56
N PHE E 127 -10.16 -6.58 7.17
CA PHE E 127 -8.96 -6.10 6.47
C PHE E 127 -8.30 -7.26 5.74
N SER E 128 -8.88 -7.63 4.60
CA SER E 128 -8.42 -8.76 3.81
C SER E 128 -7.55 -8.31 2.65
N LEU E 129 -6.58 -9.16 2.30
CA LEU E 129 -5.71 -8.90 1.15
C LEU E 129 -6.31 -9.36 -0.18
N GLU E 130 -7.34 -10.20 -0.15
CA GLU E 130 -7.92 -10.75 -1.38
C GLU E 130 -9.24 -10.11 -1.74
N MET E 131 -9.82 -9.30 -0.87
CA MET E 131 -11.08 -8.66 -1.14
C MET E 131 -11.11 -7.33 -0.39
N SER E 132 -12.00 -6.45 -0.84
CA SER E 132 -12.15 -5.14 -0.23
C SER E 132 -12.93 -5.26 1.07
N LYS E 133 -12.87 -4.19 1.88
CA LYS E 133 -13.59 -4.15 3.15
C LYS E 133 -15.11 -4.12 2.96
N THR E 134 -15.56 -3.54 1.85
CA THR E 134 -16.96 -3.56 1.45
C THR E 134 -17.40 -4.98 1.08
N GLU E 135 -16.54 -5.69 0.34
CA GLU E 135 -16.83 -7.06 -0.07
C GLU E 135 -16.77 -8.04 1.10
N ALA E 136 -15.86 -7.81 2.06
CA ALA E 136 -15.77 -8.63 3.26
C ALA E 136 -16.95 -8.41 4.20
N LEU E 137 -17.46 -7.17 4.27
CA LEU E 137 -18.66 -6.93 5.05
C LEU E 137 -19.91 -7.45 4.36
N THR E 138 -19.94 -7.44 3.02
CA THR E 138 -21.07 -7.99 2.28
C THR E 138 -21.14 -9.52 2.41
N GLN E 139 -19.97 -10.18 2.45
CA GLN E 139 -19.95 -11.62 2.67
C GLN E 139 -20.31 -11.97 4.11
N ALA E 140 -19.90 -11.15 5.08
CA ALA E 140 -20.32 -11.34 6.46
C ALA E 140 -21.80 -11.01 6.67
N PHE E 141 -22.36 -10.13 5.85
CA PHE E 141 -23.79 -9.86 5.91
C PHE E 141 -24.59 -11.01 5.33
N ARG E 142 -24.15 -11.55 4.20
CA ARG E 142 -24.92 -12.57 3.51
C ARG E 142 -24.67 -13.97 4.03
N ARG E 143 -23.67 -14.16 4.90
CA ARG E 143 -23.51 -15.44 5.58
C ARG E 143 -24.59 -15.69 6.64
N SER E 144 -25.22 -14.64 7.14
CA SER E 144 -26.19 -14.72 8.23
C SER E 144 -27.63 -14.78 7.75
N ILE E 145 -27.88 -14.96 6.45
CA ILE E 145 -29.24 -15.14 5.97
C ILE E 145 -29.36 -16.55 5.44
N GLY E 146 -29.99 -17.42 6.24
CA GLY E 146 -30.18 -18.79 5.85
C GLY E 146 -31.37 -18.93 4.91
N VAL E 147 -31.19 -19.75 3.88
CA VAL E 147 -32.19 -20.13 2.91
C VAL E 147 -32.38 -21.64 3.09
N ARG E 148 -33.49 -22.03 3.72
CA ARG E 148 -33.80 -23.45 3.88
C ARG E 148 -34.50 -23.93 2.63
N ILE E 149 -33.83 -24.76 1.81
CA ILE E 149 -34.49 -25.31 0.64
C ILE E 149 -34.90 -26.74 0.95
N LYS E 150 -36.13 -27.11 0.59
CA LYS E 150 -36.58 -28.49 0.71
C LYS E 150 -36.75 -29.09 -0.67
N GLU E 151 -36.63 -30.41 -0.75
CA GLU E 151 -36.78 -31.10 -2.02
C GLU E 151 -37.40 -32.46 -1.78
N GLU E 152 -38.52 -32.73 -2.46
CA GLU E 152 -39.31 -33.95 -2.25
C GLU E 152 -38.71 -35.18 -2.94
N THR E 153 -37.75 -34.99 -3.87
CA THR E 153 -37.01 -36.00 -4.65
C THR E 153 -37.89 -37.01 -5.41
N LYS E 252 -40.20 -43.99 -1.37
CA LYS E 252 -40.60 -43.50 -2.68
C LYS E 252 -40.61 -41.97 -2.71
N ARG E 253 -40.87 -41.36 -1.56
CA ARG E 253 -40.89 -39.90 -1.46
C ARG E 253 -40.26 -39.50 -0.13
N LYS E 254 -39.19 -38.72 -0.20
CA LYS E 254 -38.47 -38.29 0.99
C LYS E 254 -38.04 -36.85 0.82
N GLU E 255 -38.35 -36.00 1.81
CA GLU E 255 -38.06 -34.57 1.75
C GLU E 255 -36.66 -34.32 2.31
N VAL E 256 -35.67 -34.29 1.40
CA VAL E 256 -34.32 -33.90 1.78
C VAL E 256 -34.30 -32.38 2.03
N VAL E 257 -33.53 -31.96 3.04
CA VAL E 257 -33.48 -30.58 3.48
C VAL E 257 -32.05 -30.08 3.29
N HIS E 258 -31.90 -29.02 2.50
CA HIS E 258 -30.63 -28.38 2.24
C HIS E 258 -30.70 -26.93 2.72
N THR E 259 -30.52 -26.76 4.02
CA THR E 259 -30.34 -25.42 4.57
C THR E 259 -28.98 -24.92 4.10
N VAL E 260 -28.94 -23.66 3.66
CA VAL E 260 -27.75 -23.10 3.02
C VAL E 260 -27.86 -21.61 3.25
N SER E 261 -26.76 -20.89 3.20
CA SER E 261 -26.86 -19.45 3.38
C SER E 261 -26.75 -18.77 2.02
N LEU E 262 -27.05 -17.47 2.00
CA LEU E 262 -27.05 -16.70 0.76
C LEU E 262 -25.65 -16.51 0.18
N HIS E 263 -24.64 -16.52 1.06
CA HIS E 263 -23.25 -16.41 0.63
C HIS E 263 -22.80 -17.65 -0.12
N GLU E 264 -23.23 -18.82 0.31
CA GLU E 264 -22.82 -20.08 -0.36
C GLU E 264 -23.44 -20.11 -1.76
N ILE E 265 -24.67 -19.63 -1.90
CA ILE E 265 -25.35 -19.60 -3.23
C ILE E 265 -24.58 -18.65 -4.15
N ASP E 266 -24.07 -17.53 -3.61
CA ASP E 266 -23.34 -16.53 -4.41
C ASP E 266 -21.94 -17.03 -4.77
N VAL E 267 -21.40 -17.97 -3.98
CA VAL E 267 -20.04 -18.53 -4.27
C VAL E 267 -20.19 -19.68 -5.28
N ILE E 268 -21.24 -20.50 -5.14
CA ILE E 268 -21.49 -21.63 -6.08
C ILE E 268 -21.77 -21.07 -7.49
N ASN E 269 -22.55 -19.99 -7.61
CA ASN E 269 -22.95 -19.45 -8.94
C ASN E 269 -21.94 -18.42 -9.44
N SER E 270 -20.85 -18.19 -8.72
CA SER E 270 -19.85 -17.16 -9.11
C SER E 270 -18.94 -17.71 -10.21
N ARG E 271 -18.75 -19.02 -10.24
CA ARG E 271 -17.86 -19.65 -11.21
C ARG E 271 -18.07 -21.15 -11.17
N THR E 272 -17.62 -21.82 -12.23
CA THR E 272 -17.51 -23.27 -12.20
C THR E 272 -16.41 -23.67 -11.22
N GLN E 273 -16.65 -24.79 -10.52
CA GLN E 273 -15.89 -25.28 -9.34
C GLN E 273 -15.74 -24.21 -8.25
N GLY E 274 -16.81 -23.44 -8.04
CA GLY E 274 -16.82 -22.43 -7.01
C GLY E 274 -17.24 -22.91 -5.66
N PHE E 275 -17.63 -24.17 -5.55
CA PHE E 275 -18.05 -24.71 -4.26
C PHE E 275 -16.87 -25.09 -3.39
N LEU E 276 -15.67 -25.20 -3.95
CA LEU E 276 -14.49 -25.38 -3.12
C LEU E 276 -13.93 -24.06 -2.62
N ALA E 277 -14.43 -22.94 -3.13
CA ALA E 277 -14.01 -21.63 -2.67
C ALA E 277 -14.74 -21.16 -1.42
N LEU E 278 -15.77 -21.89 -0.98
CA LEU E 278 -16.24 -21.76 0.39
C LEU E 278 -15.27 -22.39 1.36
N PHE E 279 -14.56 -23.41 0.92
CA PHE E 279 -13.72 -24.24 1.77
C PHE E 279 -12.33 -23.60 1.90
N SER E 280 -11.65 -23.42 0.76
CA SER E 280 -10.34 -22.77 0.74
C SER E 280 -10.41 -21.27 0.97
N GLY E 281 -11.55 -20.66 0.70
CA GLY E 281 -11.71 -19.24 0.93
C GLY E 281 -11.08 -18.34 -0.12
N ASP E 282 -10.82 -18.86 -1.32
CA ASP E 282 -10.14 -18.10 -2.36
C ASP E 282 -11.11 -17.43 -3.33
N THR E 283 -12.31 -17.10 -2.87
CA THR E 283 -13.18 -16.23 -3.65
C THR E 283 -12.62 -14.82 -3.65
N GLY E 284 -12.79 -14.14 -4.78
CA GLY E 284 -12.33 -12.77 -4.87
C GLY E 284 -13.42 -11.82 -4.46
N GLU E 285 -13.76 -10.90 -5.34
CA GLU E 285 -14.95 -10.09 -5.19
C GLU E 285 -16.01 -10.69 -6.11
N ILE E 286 -17.09 -11.18 -5.50
CA ILE E 286 -18.27 -11.60 -6.26
C ILE E 286 -18.92 -10.35 -6.85
N LYS E 287 -19.37 -10.46 -8.10
CA LYS E 287 -19.96 -9.33 -8.80
C LYS E 287 -21.32 -9.01 -8.19
N SER E 288 -21.66 -7.72 -8.19
CA SER E 288 -22.93 -7.27 -7.64
C SER E 288 -24.11 -7.68 -8.50
N GLU E 289 -23.88 -7.84 -9.81
CA GLU E 289 -24.86 -8.31 -10.78
C GLU E 289 -25.28 -9.75 -10.51
N VAL E 290 -24.33 -10.56 -10.03
CA VAL E 290 -24.57 -11.95 -9.67
C VAL E 290 -25.44 -12.01 -8.41
N ARG E 291 -25.21 -11.10 -7.46
CA ARG E 291 -25.97 -11.04 -6.22
C ARG E 291 -27.41 -10.57 -6.43
N GLU E 292 -27.66 -9.75 -7.47
CA GLU E 292 -29.05 -9.43 -7.79
C GLU E 292 -29.75 -10.61 -8.46
N GLN E 293 -29.02 -11.42 -9.23
CA GLN E 293 -29.66 -12.64 -9.79
C GLN E 293 -29.94 -13.71 -8.73
N ILE E 294 -29.11 -13.81 -7.68
CA ILE E 294 -29.45 -14.69 -6.56
C ILE E 294 -30.57 -14.11 -5.70
N ASN E 295 -30.59 -12.80 -5.47
CA ASN E 295 -31.64 -12.25 -4.57
C ASN E 295 -33.01 -12.40 -5.24
N ALA E 296 -33.06 -12.22 -6.57
CA ALA E 296 -34.34 -12.34 -7.32
C ALA E 296 -34.82 -13.79 -7.35
N LYS E 297 -33.91 -14.72 -7.61
CA LYS E 297 -34.27 -16.17 -7.62
C LYS E 297 -34.78 -16.58 -6.23
N VAL E 298 -34.14 -16.10 -5.18
CA VAL E 298 -34.54 -16.49 -3.79
C VAL E 298 -35.92 -15.87 -3.50
N ALA E 299 -36.16 -14.64 -3.95
CA ALA E 299 -37.50 -14.02 -3.79
C ALA E 299 -38.53 -14.87 -4.54
N GLU E 300 -38.20 -15.28 -5.75
CA GLU E 300 -39.12 -16.12 -6.55
C GLU E 300 -39.40 -17.42 -5.80
N TRP E 301 -38.35 -18.16 -5.44
CA TRP E 301 -38.56 -19.39 -4.64
C TRP E 301 -39.41 -19.08 -3.40
N ARG E 302 -39.11 -18.01 -2.67
CA ARG E 302 -39.82 -17.79 -1.42
C ARG E 302 -41.31 -17.61 -1.70
N GLU E 303 -41.66 -16.93 -2.80
CA GLU E 303 -43.08 -16.79 -3.12
C GLU E 303 -43.66 -18.07 -3.70
N GLU E 304 -42.84 -18.93 -4.29
CA GLU E 304 -43.35 -20.23 -4.73
C GLU E 304 -43.34 -21.28 -3.62
N GLY E 305 -42.77 -20.97 -2.46
CA GLY E 305 -42.77 -21.88 -1.34
C GLY E 305 -41.67 -22.92 -1.33
N LYS E 306 -40.73 -22.85 -2.28
CA LYS E 306 -39.64 -23.81 -2.31
C LYS E 306 -38.57 -23.50 -1.26
N ALA E 307 -38.52 -22.28 -0.75
CA ALA E 307 -37.48 -21.87 0.18
C ALA E 307 -38.09 -21.10 1.35
N GLU E 308 -37.46 -21.24 2.50
CA GLU E 308 -37.86 -20.51 3.71
C GLU E 308 -36.68 -19.68 4.21
N ILE E 309 -36.86 -18.38 4.30
CA ILE E 309 -35.81 -17.48 4.75
C ILE E 309 -35.76 -17.45 6.26
N ILE E 310 -34.58 -17.73 6.79
CA ILE E 310 -34.37 -17.69 8.27
C ILE E 310 -33.30 -16.61 8.51
N PRO E 311 -33.69 -15.34 8.76
CA PRO E 311 -32.72 -14.28 8.94
C PRO E 311 -31.97 -14.54 10.22
N GLY E 312 -30.74 -14.03 10.34
CA GLY E 312 -29.94 -14.37 11.52
C GLY E 312 -29.22 -13.19 12.10
N VAL E 313 -28.13 -13.42 12.83
CA VAL E 313 -27.41 -12.30 13.50
C VAL E 313 -26.00 -12.18 12.95
N LEU E 314 -25.39 -10.99 13.09
CA LEU E 314 -23.98 -10.78 12.72
C LEU E 314 -23.37 -10.09 13.94
N PHE E 315 -22.49 -10.77 14.66
CA PHE E 315 -21.83 -10.15 15.83
C PHE E 315 -20.49 -9.60 15.39
N ILE E 316 -20.37 -8.28 15.35
CA ILE E 316 -19.05 -7.65 15.03
C ILE E 316 -18.50 -7.18 16.38
N ASP E 317 -17.62 -7.96 16.99
CA ASP E 317 -17.01 -7.60 18.29
C ASP E 317 -15.89 -6.59 18.05
N GLU E 318 -15.49 -5.83 19.06
CA GLU E 318 -14.45 -4.81 18.81
C GLU E 318 -14.76 -4.14 17.48
N VAL E 319 -15.93 -3.53 17.36
CA VAL E 319 -16.34 -2.86 16.09
C VAL E 319 -15.49 -1.59 15.93
N HIS E 320 -14.98 -1.05 17.02
CA HIS E 320 -14.16 0.19 16.96
C HIS E 320 -12.99 0.02 15.99
N MET E 321 -12.66 -1.21 15.60
CA MET E 321 -11.49 -1.47 14.73
C MET E 321 -11.87 -1.33 13.25
N LEU E 322 -13.06 -0.82 12.95
CA LEU E 322 -13.47 -0.57 11.54
C LEU E 322 -13.13 0.88 11.21
N ASP E 323 -12.93 1.21 9.93
CA ASP E 323 -12.58 2.59 9.51
C ASP E 323 -13.83 3.33 9.02
N ILE E 324 -13.69 4.59 8.65
CA ILE E 324 -14.87 5.43 8.27
C ILE E 324 -15.58 4.89 7.01
N GLU E 325 -14.85 4.32 6.06
CA GLU E 325 -15.45 3.83 4.82
C GLU E 325 -16.29 2.59 5.05
N SER E 326 -15.83 1.76 5.98
CA SER E 326 -16.56 0.57 6.35
C SER E 326 -17.77 0.89 7.24
N PHE E 327 -17.65 1.95 8.04
CA PHE E 327 -18.79 2.44 8.81
C PHE E 327 -19.83 3.06 7.91
N SER E 328 -19.39 3.72 6.84
CA SER E 328 -20.33 4.30 5.90
C SER E 328 -20.95 3.25 5.00
N PHE E 329 -20.27 2.11 4.82
CA PHE E 329 -20.92 0.99 4.15
C PHE E 329 -21.97 0.36 5.06
N LEU E 330 -21.76 0.38 6.38
CA LEU E 330 -22.78 -0.09 7.32
C LEU E 330 -23.99 0.83 7.38
N ASN E 331 -23.81 2.12 7.05
CA ASN E 331 -24.92 3.07 6.99
C ASN E 331 -25.94 2.72 5.89
N ARG E 332 -25.50 2.13 4.79
CA ARG E 332 -26.40 1.72 3.73
C ARG E 332 -26.66 0.22 3.64
N ALA E 333 -25.81 -0.61 4.22
CA ALA E 333 -26.07 -2.05 4.21
C ALA E 333 -27.18 -2.45 5.18
N LEU E 334 -27.41 -1.67 6.21
CA LEU E 334 -28.46 -1.94 7.17
C LEU E 334 -29.83 -1.53 6.67
N GLU E 335 -29.91 -0.74 5.61
CA GLU E 335 -31.19 -0.33 5.06
C GLU E 335 -31.71 -1.29 4.00
N SER E 336 -30.96 -2.33 3.68
CA SER E 336 -31.35 -3.32 2.68
C SER E 336 -32.41 -4.26 3.24
N ASP E 337 -33.19 -4.83 2.33
CA ASP E 337 -34.27 -5.75 2.70
C ASP E 337 -33.76 -7.10 3.20
N MET E 338 -32.54 -7.48 2.85
CA MET E 338 -31.97 -8.76 3.23
C MET E 338 -30.91 -8.65 4.31
N ALA E 339 -30.89 -7.56 5.07
CA ALA E 339 -29.85 -7.40 6.08
C ALA E 339 -30.17 -8.21 7.34
N PRO E 340 -29.20 -8.91 7.91
CA PRO E 340 -29.39 -9.51 9.23
C PRO E 340 -29.36 -8.49 10.34
N VAL E 341 -29.86 -8.90 11.51
CA VAL E 341 -29.69 -8.13 12.74
C VAL E 341 -28.22 -8.10 13.10
N LEU E 342 -27.73 -6.91 13.46
CA LEU E 342 -26.30 -6.65 13.61
C LEU E 342 -26.01 -6.25 15.04
N ILE E 343 -25.46 -7.16 15.81
CA ILE E 343 -25.02 -6.85 17.17
C ILE E 343 -23.53 -6.50 17.11
N MET E 344 -23.12 -5.57 17.97
CA MET E 344 -21.78 -5.00 18.00
C MET E 344 -21.42 -4.71 19.44
N ALA E 345 -20.12 -4.78 19.75
CA ALA E 345 -19.67 -4.56 21.11
C ALA E 345 -18.46 -3.63 21.10
N THR E 346 -18.44 -2.68 22.02
CA THR E 346 -17.36 -1.71 22.10
C THR E 346 -17.09 -1.35 23.55
N ASN E 347 -15.83 -1.42 23.96
CA ASN E 347 -15.40 -0.88 25.25
C ASN E 347 -14.81 0.51 25.17
N ARG E 348 -14.76 1.11 24.00
CA ARG E 348 -14.08 2.37 23.77
C ARG E 348 -14.92 3.55 24.25
N GLY E 349 -14.23 4.65 24.61
CA GLY E 349 -14.87 5.90 24.99
C GLY E 349 -15.01 6.87 23.84
N ILE E 350 -14.98 8.17 24.16
CA ILE E 350 -15.08 9.19 23.11
C ILE E 350 -13.70 9.30 22.46
N THR E 351 -13.50 8.54 21.39
CA THR E 351 -12.21 8.39 20.75
C THR E 351 -12.28 8.74 19.28
N ARG E 352 -11.10 8.69 18.67
CA ARG E 352 -10.96 8.98 17.25
C ARG E 352 -11.37 7.76 16.42
N ILE E 353 -12.04 8.00 15.29
CA ILE E 353 -12.34 6.96 14.30
C ILE E 353 -11.05 6.56 13.58
N ARG E 354 -10.94 5.28 13.20
CA ARG E 354 -9.72 4.70 12.66
C ARG E 354 -9.31 5.24 11.29
N GLY E 355 -10.26 5.68 10.47
CA GLY E 355 -9.91 6.25 9.19
C GLY E 355 -9.74 7.76 9.16
N THR E 356 -10.18 8.46 10.20
CA THR E 356 -10.19 9.92 10.23
C THR E 356 -9.54 10.43 11.52
N SER E 357 -9.76 11.72 11.80
CA SER E 357 -9.18 12.36 12.97
C SER E 357 -10.22 12.93 13.93
N TYR E 358 -11.51 12.86 13.59
CA TYR E 358 -12.56 13.39 14.44
C TYR E 358 -12.81 12.48 15.63
N GLN E 359 -13.24 13.06 16.75
CA GLN E 359 -13.58 12.31 17.94
C GLN E 359 -15.09 12.16 18.05
N SER E 360 -15.53 10.94 18.30
CA SER E 360 -16.93 10.59 18.40
C SER E 360 -17.07 9.56 19.51
N PRO E 361 -18.26 9.43 20.12
CA PRO E 361 -18.48 8.36 21.10
C PRO E 361 -18.38 6.94 20.54
N HIS E 362 -17.78 6.05 21.34
CA HIS E 362 -17.46 4.63 21.10
C HIS E 362 -16.53 4.37 19.90
N GLY E 363 -15.87 5.37 19.32
CA GLY E 363 -15.12 5.15 18.10
C GLY E 363 -15.97 5.00 16.85
N ILE E 364 -17.25 5.35 16.93
CA ILE E 364 -18.24 5.10 15.90
C ILE E 364 -18.84 6.46 15.58
N PRO E 365 -18.99 6.83 14.30
CA PRO E 365 -19.61 8.12 13.96
C PRO E 365 -21.08 8.20 14.32
N ILE E 366 -21.54 9.45 14.52
CA ILE E 366 -22.90 9.75 14.95
C ILE E 366 -23.92 9.48 13.83
N ASP E 367 -23.45 9.44 12.57
CA ASP E 367 -24.23 8.98 11.44
C ASP E 367 -24.59 7.50 11.53
N LEU E 368 -23.72 6.67 12.11
CA LEU E 368 -24.09 5.28 12.35
C LEU E 368 -24.76 5.09 13.71
N LEU E 369 -24.39 5.90 14.71
CA LEU E 369 -24.97 5.84 16.05
C LEU E 369 -26.42 6.32 16.10
N ASP E 370 -26.86 7.06 15.08
CA ASP E 370 -28.27 7.32 14.85
C ASP E 370 -29.07 6.06 14.53
N ARG E 371 -28.45 5.05 13.92
CA ARG E 371 -29.13 3.84 13.49
C ARG E 371 -29.17 2.71 14.53
N LEU E 372 -28.61 2.90 15.72
CA LEU E 372 -28.47 1.79 16.65
C LEU E 372 -29.35 1.94 17.88
N LEU E 373 -29.34 0.90 18.71
CA LEU E 373 -29.93 0.93 20.06
C LEU E 373 -28.88 0.49 21.08
N ILE E 374 -28.33 1.46 21.82
CA ILE E 374 -27.23 1.20 22.74
C ILE E 374 -27.75 0.44 23.96
N VAL E 375 -27.01 -0.57 24.39
CA VAL E 375 -27.27 -1.33 25.61
C VAL E 375 -26.05 -1.13 26.49
N SER E 376 -26.19 -0.37 27.56
CA SER E 376 -25.11 -0.13 28.50
C SER E 376 -24.92 -1.32 29.41
N THR E 377 -23.68 -1.53 29.87
CA THR E 377 -23.41 -2.58 30.85
C THR E 377 -22.72 -1.99 32.07
N THR E 378 -23.35 -2.18 33.22
CA THR E 378 -22.91 -1.68 34.53
C THR E 378 -21.69 -2.46 35.04
N PRO E 379 -20.74 -1.80 35.71
CA PRO E 379 -19.73 -2.52 36.50
C PRO E 379 -20.31 -3.27 37.69
N TYR E 380 -19.68 -4.40 38.01
CA TYR E 380 -20.14 -5.32 39.03
C TYR E 380 -19.86 -4.86 40.45
N SER E 381 -20.68 -5.35 41.37
CA SER E 381 -20.52 -5.14 42.80
C SER E 381 -19.69 -6.28 43.40
N GLU E 382 -19.67 -6.38 44.73
CA GLU E 382 -18.89 -7.42 45.41
C GLU E 382 -19.53 -8.79 45.30
N LYS E 383 -20.85 -8.86 45.50
CA LYS E 383 -21.56 -10.13 45.45
C LYS E 383 -21.68 -10.67 44.03
N ASP E 384 -21.71 -9.78 43.03
CA ASP E 384 -21.74 -10.22 41.64
C ASP E 384 -20.39 -10.75 41.19
N THR E 385 -19.30 -10.15 41.68
CA THR E 385 -17.94 -10.62 41.40
C THR E 385 -17.68 -11.95 42.08
N LYS E 386 -18.23 -12.12 43.30
CA LYS E 386 -18.11 -13.39 44.01
C LYS E 386 -18.91 -14.50 43.34
N GLN E 387 -20.07 -14.17 42.75
CA GLN E 387 -20.87 -15.20 42.09
C GLN E 387 -20.35 -15.55 40.71
N ILE E 388 -19.63 -14.63 40.04
CA ILE E 388 -18.89 -14.98 38.82
C ILE E 388 -17.77 -15.97 39.15
N LEU E 389 -17.13 -15.81 40.32
CA LEU E 389 -16.11 -16.77 40.76
C LEU E 389 -16.70 -18.15 41.13
N ARG E 390 -17.93 -18.22 41.64
CA ARG E 390 -18.49 -19.55 41.96
C ARG E 390 -18.95 -20.29 40.71
N ILE E 391 -19.55 -19.59 39.73
CA ILE E 391 -19.90 -20.23 38.45
C ILE E 391 -18.65 -20.63 37.67
N ARG E 392 -17.57 -19.83 37.76
CA ARG E 392 -16.34 -20.24 37.10
C ARG E 392 -15.61 -21.35 37.84
N CYS E 393 -15.56 -21.33 39.17
CA CYS E 393 -14.84 -22.44 39.85
C CYS E 393 -15.53 -23.77 39.53
N GLU E 394 -16.82 -23.73 39.18
CA GLU E 394 -17.55 -24.97 38.78
C GLU E 394 -17.13 -25.41 37.38
N GLU E 395 -17.07 -24.50 36.41
CA GLU E 395 -16.72 -24.87 35.01
C GLU E 395 -15.29 -25.44 34.98
N GLU E 396 -14.38 -24.87 35.75
CA GLU E 396 -12.98 -25.36 35.80
C GLU E 396 -12.91 -26.54 36.78
N ASP E 397 -14.00 -26.85 37.46
CA ASP E 397 -14.06 -28.00 38.41
C ASP E 397 -12.99 -27.84 39.49
N VAL E 398 -13.04 -26.75 40.26
CA VAL E 398 -12.09 -26.55 41.40
C VAL E 398 -12.94 -26.30 42.65
N GLU E 399 -12.60 -26.97 43.75
CA GLU E 399 -13.34 -26.77 45.01
C GLU E 399 -12.54 -25.78 45.86
N MET E 400 -13.13 -24.61 46.16
CA MET E 400 -12.40 -23.61 46.92
C MET E 400 -13.05 -23.37 48.27
N SER E 401 -12.22 -23.02 49.25
CA SER E 401 -12.71 -22.64 50.58
C SER E 401 -13.33 -21.25 50.54
N GLU E 402 -14.25 -21.01 51.49
CA GLU E 402 -14.99 -19.75 51.56
C GLU E 402 -14.12 -18.55 51.93
N ASP E 403 -13.06 -18.77 52.71
CA ASP E 403 -12.11 -17.70 53.01
C ASP E 403 -11.29 -17.32 51.79
N ALA E 404 -10.99 -18.31 50.95
CA ALA E 404 -10.31 -18.06 49.69
C ALA E 404 -11.23 -17.39 48.69
N TYR E 405 -12.55 -17.62 48.81
CA TYR E 405 -13.52 -16.91 47.98
C TYR E 405 -13.60 -15.44 48.35
N THR E 406 -13.46 -15.13 49.64
CA THR E 406 -13.51 -13.74 50.08
C THR E 406 -12.24 -12.98 49.71
N VAL E 407 -11.10 -13.67 49.80
CA VAL E 407 -9.81 -13.07 49.43
C VAL E 407 -9.71 -12.91 47.91
N LEU E 408 -10.23 -13.88 47.15
CA LEU E 408 -10.25 -13.77 45.69
C LEU E 408 -11.27 -12.75 45.19
N THR E 409 -12.37 -12.52 45.92
CA THR E 409 -13.26 -11.42 45.58
C THR E 409 -12.65 -10.06 45.89
N ARG E 410 -11.84 -9.98 46.95
CA ARG E 410 -11.12 -8.75 47.27
C ARG E 410 -10.02 -8.45 46.25
N ILE E 411 -9.36 -9.49 45.73
CA ILE E 411 -8.40 -9.36 44.64
C ILE E 411 -9.12 -9.00 43.33
N GLY E 412 -10.32 -9.55 43.12
CA GLY E 412 -11.05 -9.27 41.91
C GLY E 412 -11.75 -7.94 41.89
N LEU E 413 -11.95 -7.34 43.07
CA LEU E 413 -12.44 -5.97 43.14
C LEU E 413 -11.31 -4.96 43.12
N GLU E 414 -10.12 -5.36 43.58
CA GLU E 414 -9.03 -4.40 43.68
C GLU E 414 -8.39 -4.16 42.32
N THR E 415 -8.18 -5.23 41.54
CA THR E 415 -7.44 -5.10 40.30
C THR E 415 -8.31 -5.26 39.06
N SER E 416 -8.92 -6.43 38.86
CA SER E 416 -9.64 -6.78 37.64
C SER E 416 -10.42 -8.05 37.90
N LEU E 417 -11.49 -8.26 37.13
CA LEU E 417 -12.24 -9.51 37.22
C LEU E 417 -11.50 -10.65 36.56
N ARG E 418 -10.95 -10.41 35.36
CA ARG E 418 -10.31 -11.45 34.57
C ARG E 418 -9.00 -11.94 35.16
N TYR E 419 -8.30 -11.11 35.94
CA TYR E 419 -7.13 -11.57 36.68
C TYR E 419 -7.52 -12.55 37.78
N ALA E 420 -8.65 -12.31 38.43
CA ALA E 420 -9.14 -13.25 39.43
C ALA E 420 -9.75 -14.50 38.80
N ILE E 421 -10.15 -14.43 37.53
CA ILE E 421 -10.58 -15.63 36.83
C ILE E 421 -9.37 -16.53 36.53
N GLN E 422 -8.27 -15.94 36.07
CA GLN E 422 -7.11 -16.78 35.77
C GLN E 422 -6.30 -17.18 36.99
N LEU E 423 -6.54 -16.59 38.17
CA LEU E 423 -5.91 -17.11 39.37
C LEU E 423 -6.52 -18.42 39.87
N ILE E 424 -7.74 -18.78 39.44
CA ILE E 424 -8.45 -19.94 39.96
C ILE E 424 -7.80 -21.25 39.51
N THR E 425 -7.44 -21.35 38.23
CA THR E 425 -6.89 -22.57 37.68
C THR E 425 -5.44 -22.80 38.12
N ALA E 426 -4.64 -21.73 38.14
CA ALA E 426 -3.27 -21.82 38.62
C ALA E 426 -3.21 -22.02 40.14
N ALA E 427 -4.22 -21.55 40.88
CA ALA E 427 -4.33 -21.87 42.30
C ALA E 427 -4.72 -23.32 42.52
N SER E 428 -5.48 -23.89 41.58
CA SER E 428 -5.83 -25.31 41.63
C SER E 428 -4.61 -26.18 41.35
N LEU E 429 -3.67 -25.71 40.52
CA LEU E 429 -2.48 -26.49 40.27
C LEU E 429 -1.44 -26.36 41.38
N VAL E 430 -1.45 -25.25 42.11
CA VAL E 430 -0.62 -25.12 43.31
C VAL E 430 -1.18 -26.03 44.41
N CYS E 431 -2.51 -26.15 44.48
CA CYS E 431 -3.15 -27.11 45.39
C CYS E 431 -2.93 -28.57 44.96
N ARG E 432 -2.77 -28.82 43.66
CA ARG E 432 -2.46 -30.19 43.24
C ARG E 432 -1.01 -30.57 43.50
N LYS E 433 -0.07 -29.62 43.44
CA LYS E 433 1.32 -29.95 43.70
C LYS E 433 1.65 -30.13 45.18
N ARG E 434 0.83 -29.58 46.09
CA ARG E 434 0.97 -29.87 47.50
C ARG E 434 0.23 -31.12 47.93
N LYS E 435 -0.49 -31.77 46.98
CA LYS E 435 -1.34 -32.96 47.17
C LYS E 435 -2.45 -32.73 48.18
N GLY E 436 -3.02 -31.52 48.18
CA GLY E 436 -4.27 -31.27 48.85
C GLY E 436 -5.47 -31.46 47.95
N THR E 437 -6.64 -31.17 48.52
CA THR E 437 -7.93 -31.21 47.85
C THR E 437 -8.61 -29.86 47.84
N GLU E 438 -8.71 -29.22 49.00
CA GLU E 438 -9.31 -27.90 49.12
C GLU E 438 -8.27 -26.82 48.88
N VAL E 439 -8.64 -25.82 48.08
CA VAL E 439 -7.76 -24.71 47.78
C VAL E 439 -7.83 -23.72 48.94
N GLN E 440 -6.70 -23.44 49.57
CA GLN E 440 -6.68 -22.55 50.71
C GLN E 440 -6.30 -21.14 50.29
N VAL E 441 -6.25 -20.26 51.28
CA VAL E 441 -5.89 -18.85 51.07
C VAL E 441 -4.41 -18.72 50.76
N ASP E 442 -3.58 -19.65 51.25
CA ASP E 442 -2.14 -19.65 50.99
C ASP E 442 -1.80 -20.00 49.56
N ASP E 443 -2.62 -20.84 48.90
CA ASP E 443 -2.46 -21.09 47.47
C ASP E 443 -2.81 -19.88 46.63
N ILE E 444 -3.77 -19.08 47.11
CA ILE E 444 -4.16 -17.84 46.43
C ILE E 444 -3.07 -16.79 46.59
N LYS E 445 -2.49 -16.69 47.79
CA LYS E 445 -1.42 -15.72 48.06
C LYS E 445 -0.11 -16.11 47.39
N ARG E 446 0.15 -17.41 47.22
CA ARG E 446 1.34 -17.88 46.52
C ARG E 446 1.23 -17.63 45.02
N VAL E 447 0.04 -17.86 44.45
CA VAL E 447 -0.15 -17.61 43.02
C VAL E 447 -0.30 -16.12 42.74
N TYR E 448 -0.76 -15.34 43.73
CA TYR E 448 -0.79 -13.88 43.64
C TYR E 448 0.61 -13.30 43.67
N SER E 449 1.56 -13.98 44.32
CA SER E 449 2.94 -13.57 44.24
C SER E 449 3.62 -14.12 43.00
N LEU E 450 3.10 -15.19 42.41
CA LEU E 450 3.74 -15.80 41.25
C LEU E 450 3.44 -15.02 39.97
N PHE E 451 2.17 -14.69 39.75
CA PHE E 451 1.76 -14.03 38.47
C PHE E 451 1.28 -12.63 38.78
N LEU E 452 1.76 -11.64 38.02
CA LEU E 452 1.41 -10.22 38.33
C LEU E 452 0.22 -9.78 37.47
N ASP E 453 -0.22 -8.54 37.68
CA ASP E 453 -1.33 -7.96 36.88
C ASP E 453 -0.80 -6.64 36.32
N GLU E 454 -1.49 -6.05 35.34
CA GLU E 454 -0.94 -4.83 34.71
C GLU E 454 -0.52 -3.83 35.80
N SER E 455 -1.42 -3.55 36.75
CA SER E 455 -1.12 -2.51 37.76
C SER E 455 0.25 -2.75 38.40
N ARG E 456 0.48 -3.93 38.94
CA ARG E 456 1.77 -4.24 39.61
C ARG E 456 2.86 -4.35 38.54
N SER E 457 2.55 -4.94 37.39
CA SER E 457 3.54 -5.04 36.29
C SER E 457 4.01 -3.65 35.89
N THR E 458 3.10 -2.69 35.75
CA THR E 458 3.49 -1.35 35.29
C THR E 458 4.38 -0.69 36.33
N GLN E 459 4.08 -0.89 37.62
CA GLN E 459 4.91 -0.31 38.69
C GLN E 459 6.36 -0.82 38.54
N TYR E 460 6.55 -2.13 38.41
CA TYR E 460 7.93 -2.69 38.35
C TYR E 460 8.64 -2.15 37.12
N MET E 461 7.90 -1.85 36.06
CA MET E 461 8.49 -1.35 34.79
C MET E 461 8.94 0.10 34.99
N LYS E 462 8.39 0.79 36.00
CA LYS E 462 8.74 2.21 36.22
C LYS E 462 10.25 2.31 36.53
N GLU E 463 10.77 1.36 37.30
CA GLU E 463 12.20 1.39 37.71
C GLU E 463 13.10 1.02 36.52
N TYR E 464 12.75 -0.02 35.76
CA TYR E 464 13.62 -0.49 34.65
C TYR E 464 13.19 0.16 33.34
N GLN E 465 12.51 1.31 33.43
CA GLN E 465 12.06 2.05 32.22
C GLN E 465 13.32 2.50 31.47
N ASP E 466 14.44 2.60 32.17
CA ASP E 466 15.73 2.91 31.49
C ASP E 466 16.40 1.60 31.10
N ALA E 467 15.86 0.45 31.54
CA ALA E 467 16.39 -0.87 31.15
C ALA E 467 15.51 -1.45 30.05
N PHE E 468 14.22 -1.12 30.09
CA PHE E 468 13.25 -1.61 29.07
C PHE E 468 13.40 -0.75 27.84
N LEU E 469 13.17 -1.33 26.67
CA LEU E 469 13.29 -0.61 25.40
C LEU E 469 11.98 0.15 25.12
N THR F 35 36.80 -7.48 -21.98
CA THR F 35 36.83 -8.74 -22.74
C THR F 35 35.91 -9.73 -22.07
N ARG F 36 36.11 -9.97 -20.77
CA ARG F 36 35.29 -10.94 -20.03
C ARG F 36 34.16 -10.20 -19.32
N ILE F 37 33.24 -10.95 -18.72
CA ILE F 37 32.13 -10.33 -17.95
C ILE F 37 32.72 -9.52 -16.77
N GLU F 38 33.90 -9.87 -16.26
CA GLU F 38 34.42 -9.13 -15.07
C GLU F 38 35.43 -8.08 -15.52
N ARG F 39 35.55 -6.98 -14.76
CA ARG F 39 36.40 -5.85 -15.11
C ARG F 39 36.85 -5.22 -13.82
N ILE F 40 37.49 -4.06 -13.91
CA ILE F 40 38.07 -3.42 -12.74
C ILE F 40 36.95 -2.68 -12.01
N GLY F 41 36.45 -3.30 -10.93
CA GLY F 41 35.46 -2.69 -10.09
C GLY F 41 36.10 -1.94 -8.95
N ALA F 42 35.28 -1.59 -7.96
CA ALA F 42 35.79 -0.87 -6.80
C ALA F 42 36.54 -1.76 -5.82
N HIS F 43 36.34 -3.07 -5.87
CA HIS F 43 36.98 -4.01 -4.95
C HIS F 43 37.72 -5.11 -5.68
N SER F 44 38.12 -4.88 -6.93
CA SER F 44 38.74 -5.93 -7.72
C SER F 44 40.21 -6.11 -7.41
N HIS F 45 40.82 -5.19 -6.69
CA HIS F 45 42.22 -5.28 -6.29
C HIS F 45 42.41 -6.11 -5.04
N ILE F 46 41.33 -6.45 -4.33
CA ILE F 46 41.41 -7.09 -3.02
C ILE F 46 41.38 -8.58 -3.22
N ARG F 47 42.51 -9.24 -3.03
CA ARG F 47 42.58 -10.69 -3.12
C ARG F 47 42.27 -11.38 -1.80
N GLY F 48 42.14 -10.64 -0.72
CA GLY F 48 41.87 -11.23 0.56
C GLY F 48 42.44 -10.38 1.67
N LEU F 49 42.20 -10.78 2.92
CA LEU F 49 42.77 -10.04 4.08
C LEU F 49 44.23 -10.42 4.20
N GLY F 50 45.14 -9.46 4.36
CA GLY F 50 46.57 -9.80 4.37
C GLY F 50 47.01 -10.28 5.72
N LEU F 51 46.49 -11.41 6.19
CA LEU F 51 46.79 -11.89 7.56
C LEU F 51 47.79 -13.04 7.51
N ASP F 52 48.67 -13.14 8.50
CA ASP F 52 49.68 -14.23 8.55
C ASP F 52 49.10 -15.44 9.29
N ASP F 53 49.96 -16.38 9.69
CA ASP F 53 49.50 -17.60 10.42
C ASP F 53 48.84 -17.22 11.76
N ALA F 54 49.38 -16.21 12.46
CA ALA F 54 48.84 -15.81 13.77
C ALA F 54 47.78 -14.73 13.60
N LEU F 55 47.10 -14.70 12.44
CA LEU F 55 45.98 -13.74 12.22
C LEU F 55 46.48 -12.30 12.25
N GLU F 56 47.76 -12.06 12.58
CA GLU F 56 48.30 -10.68 12.66
C GLU F 56 48.31 -10.06 11.26
N PRO F 57 47.77 -8.85 11.05
CA PRO F 57 47.70 -8.27 9.72
C PRO F 57 49.00 -7.67 9.21
N ARG F 58 49.31 -7.89 7.92
CA ARG F 58 50.53 -7.32 7.29
C ARG F 58 50.20 -5.91 6.81
N GLN F 59 51.18 -5.00 6.80
CA GLN F 59 50.89 -3.60 6.47
C GLN F 59 50.33 -3.46 5.07
N ALA F 60 50.80 -4.24 4.11
CA ALA F 60 50.27 -4.19 2.74
C ALA F 60 50.40 -5.59 2.14
N SER F 61 49.32 -6.35 2.14
CA SER F 61 49.32 -7.68 1.55
C SER F 61 47.93 -8.03 1.06
N GLN F 62 47.88 -8.74 -0.07
CA GLN F 62 46.69 -9.26 -0.75
C GLN F 62 45.69 -8.17 -1.12
N GLY F 63 46.19 -7.00 -1.51
CA GLY F 63 45.36 -5.91 -1.93
C GLY F 63 44.75 -5.09 -0.81
N MET F 64 45.15 -5.33 0.43
CA MET F 64 44.60 -4.64 1.59
C MET F 64 45.73 -3.93 2.31
N VAL F 65 45.43 -2.74 2.83
CA VAL F 65 46.43 -1.91 3.48
C VAL F 65 45.74 -1.07 4.56
N GLY F 66 46.36 -0.99 5.75
CA GLY F 66 45.75 -0.33 6.88
C GLY F 66 44.76 -1.25 7.55
N GLN F 67 44.06 -0.67 8.55
CA GLN F 67 42.95 -1.25 9.32
C GLN F 67 43.35 -2.53 10.05
N LEU F 68 44.37 -2.40 10.90
CA LEU F 68 45.03 -3.58 11.45
C LEU F 68 44.20 -4.28 12.53
N ALA F 69 43.52 -3.52 13.39
CA ALA F 69 42.63 -4.15 14.36
C ALA F 69 41.36 -4.66 13.71
N ALA F 70 40.90 -4.01 12.64
CA ALA F 70 39.70 -4.44 11.94
C ALA F 70 39.94 -5.69 11.10
N ARG F 71 41.11 -5.80 10.47
CA ARG F 71 41.43 -7.02 9.72
C ARG F 71 41.78 -8.18 10.64
N ARG F 72 42.32 -7.91 11.84
CA ARG F 72 42.58 -8.97 12.79
C ARG F 72 41.29 -9.51 13.39
N ALA F 73 40.34 -8.63 13.69
CA ALA F 73 39.01 -9.04 14.14
C ALA F 73 38.22 -9.72 13.02
N ALA F 74 38.45 -9.32 11.77
CA ALA F 74 37.87 -9.99 10.62
C ALA F 74 38.45 -11.38 10.41
N GLY F 75 39.72 -11.58 10.77
CA GLY F 75 40.31 -12.90 10.65
C GLY F 75 39.93 -13.85 11.75
N VAL F 76 39.65 -13.31 12.94
CA VAL F 76 39.12 -14.13 14.03
C VAL F 76 37.70 -14.60 13.69
N VAL F 77 36.91 -13.71 13.06
CA VAL F 77 35.59 -14.07 12.52
C VAL F 77 35.73 -15.05 11.35
N LEU F 78 36.81 -14.96 10.58
CA LEU F 78 37.08 -15.91 9.48
C LEU F 78 37.43 -17.31 9.98
N GLU F 79 38.14 -17.41 11.10
CA GLU F 79 38.36 -18.72 11.70
C GLU F 79 37.10 -19.26 12.37
N MET F 80 36.21 -18.37 12.81
CA MET F 80 34.92 -18.80 13.36
C MET F 80 33.99 -19.33 12.26
N ILE F 81 34.06 -18.74 11.07
CA ILE F 81 33.27 -19.21 9.93
C ILE F 81 33.83 -20.54 9.40
N ARG F 82 35.17 -20.66 9.34
CA ARG F 82 35.77 -21.90 8.84
C ARG F 82 35.65 -23.07 9.80
N GLU F 83 35.51 -22.82 11.10
CA GLU F 83 35.34 -23.95 12.00
C GLU F 83 33.90 -24.47 11.97
N GLY F 84 32.91 -23.60 11.74
CA GLY F 84 31.54 -23.99 11.45
C GLY F 84 30.73 -24.48 12.63
N LYS F 85 31.26 -24.37 13.85
CA LYS F 85 30.65 -25.02 14.99
C LYS F 85 29.52 -24.21 15.61
N ILE F 86 29.71 -22.91 15.80
CA ILE F 86 28.77 -22.07 16.54
C ILE F 86 27.79 -21.45 15.57
N ALA F 87 26.49 -21.65 15.82
CA ALA F 87 25.44 -21.14 14.96
C ALA F 87 25.00 -19.74 15.37
N GLY F 88 24.68 -18.92 14.37
CA GLY F 88 24.00 -17.67 14.61
C GLY F 88 24.82 -16.55 15.18
N ARG F 89 26.14 -16.56 15.01
CA ARG F 89 26.95 -15.44 15.43
C ARG F 89 26.77 -14.26 14.49
N ALA F 90 26.95 -13.06 15.04
CA ALA F 90 26.73 -11.86 14.26
C ALA F 90 27.74 -10.78 14.62
N VAL F 91 28.24 -10.10 13.58
CA VAL F 91 29.29 -9.11 13.71
C VAL F 91 28.89 -7.91 12.87
N LEU F 92 28.87 -6.72 13.47
CA LEU F 92 28.68 -5.47 12.74
C LEU F 92 30.04 -4.87 12.41
N ILE F 93 30.23 -4.43 11.17
CA ILE F 93 31.38 -3.61 10.81
C ILE F 93 30.91 -2.15 10.77
N ALA F 94 31.25 -1.38 11.79
CA ALA F 94 30.87 0.03 11.84
C ALA F 94 32.07 0.93 11.54
N GLY F 95 31.79 2.14 11.11
CA GLY F 95 32.82 3.13 10.90
C GLY F 95 32.42 4.17 9.89
N GLN F 96 33.33 5.09 9.64
CA GLN F 96 33.10 6.21 8.73
C GLN F 96 33.06 5.73 7.27
N PRO F 97 32.34 6.45 6.39
CA PRO F 97 32.41 6.15 4.95
C PRO F 97 33.80 6.34 4.35
N GLY F 98 34.15 5.44 3.43
CA GLY F 98 35.45 5.43 2.81
C GLY F 98 36.53 4.72 3.60
N THR F 99 36.21 4.17 4.77
CA THR F 99 37.18 3.49 5.61
C THR F 99 37.33 2.00 5.31
N GLY F 100 36.52 1.46 4.42
CA GLY F 100 36.70 0.08 4.01
C GLY F 100 36.00 -1.00 4.80
N LYS F 101 34.73 -0.77 5.11
CA LYS F 101 33.90 -1.82 5.72
C LYS F 101 33.55 -2.89 4.70
N THR F 102 33.13 -2.46 3.52
CA THR F 102 32.80 -3.35 2.41
C THR F 102 34.04 -4.01 1.86
N ALA F 103 35.18 -3.30 1.88
CA ALA F 103 36.44 -3.85 1.38
C ALA F 103 36.98 -4.97 2.27
N ILE F 104 36.73 -4.89 3.58
CA ILE F 104 37.02 -5.99 4.50
C ILE F 104 36.08 -7.16 4.26
N ALA F 105 34.83 -6.87 3.88
CA ALA F 105 33.88 -7.95 3.61
C ALA F 105 34.13 -8.66 2.28
N MET F 106 34.56 -7.96 1.22
CA MET F 106 35.00 -8.70 0.03
C MET F 106 36.38 -9.30 0.19
N GLY F 107 37.19 -8.84 1.15
CA GLY F 107 38.41 -9.54 1.48
C GLY F 107 38.17 -10.86 2.15
N MET F 108 37.17 -10.91 3.03
CA MET F 108 36.82 -12.18 3.66
C MET F 108 36.00 -13.07 2.72
N ALA F 109 35.34 -12.46 1.72
CA ALA F 109 34.61 -13.21 0.71
C ALA F 109 35.55 -13.94 -0.25
N GLN F 110 36.66 -13.30 -0.64
CA GLN F 110 37.64 -14.05 -1.42
C GLN F 110 38.54 -14.90 -0.55
N ALA F 111 38.59 -14.66 0.77
CA ALA F 111 39.40 -15.54 1.60
C ALA F 111 38.66 -16.82 1.97
N LEU F 112 37.34 -16.88 1.81
CA LEU F 112 36.64 -18.13 2.09
C LEU F 112 36.79 -19.13 0.96
N GLY F 113 36.75 -18.65 -0.29
CA GLY F 113 36.76 -19.55 -1.42
C GLY F 113 35.35 -19.95 -1.82
N PRO F 114 35.20 -20.69 -2.93
CA PRO F 114 33.88 -21.09 -3.39
C PRO F 114 33.29 -22.29 -2.66
N ASP F 115 34.02 -22.92 -1.74
CA ASP F 115 33.52 -24.09 -1.04
C ASP F 115 32.48 -23.69 0.01
N THR F 116 32.77 -22.67 0.78
CA THR F 116 31.87 -22.11 1.79
C THR F 116 30.97 -21.06 1.13
N PRO F 117 29.65 -21.16 1.26
CA PRO F 117 28.75 -20.14 0.70
C PRO F 117 28.88 -18.77 1.35
N PHE F 118 28.66 -17.74 0.53
CA PHE F 118 28.73 -16.34 0.94
C PHE F 118 27.61 -15.63 0.21
N THR F 119 26.46 -15.48 0.86
CA THR F 119 25.37 -14.70 0.28
C THR F 119 25.61 -13.25 0.62
N ALA F 120 25.75 -12.41 -0.40
CA ALA F 120 26.02 -10.99 -0.21
C ALA F 120 24.82 -10.23 -0.76
N ILE F 121 24.01 -9.67 0.15
CA ILE F 121 22.83 -8.92 -0.22
C ILE F 121 22.96 -7.48 0.25
N ALA F 122 22.18 -6.62 -0.37
CA ALA F 122 21.96 -5.26 0.11
C ALA F 122 20.83 -5.25 1.13
N GLY F 123 20.76 -4.16 1.89
CA GLY F 123 19.71 -4.03 2.87
C GLY F 123 18.36 -3.64 2.30
N SER F 124 18.34 -3.11 1.08
CA SER F 124 17.12 -2.75 0.39
C SER F 124 16.50 -3.88 -0.40
N GLU F 125 17.16 -5.03 -0.47
CA GLU F 125 16.71 -6.14 -1.29
C GLU F 125 15.61 -6.97 -0.61
N ILE F 126 15.36 -6.75 0.68
CA ILE F 126 14.33 -7.48 1.40
C ILE F 126 12.93 -6.95 1.11
N PHE F 127 12.82 -5.76 0.54
CA PHE F 127 11.53 -5.13 0.25
C PHE F 127 11.01 -5.66 -1.08
N SER F 128 10.48 -6.88 -1.04
CA SER F 128 9.98 -7.56 -2.23
C SER F 128 8.47 -7.44 -2.36
N LEU F 129 8.00 -7.41 -3.61
CA LEU F 129 6.57 -7.37 -3.90
C LEU F 129 5.92 -8.75 -3.92
N GLU F 130 6.71 -9.82 -4.01
CA GLU F 130 6.16 -11.17 -4.12
C GLU F 130 6.28 -11.96 -2.83
N MET F 131 7.01 -11.44 -1.85
CA MET F 131 7.16 -12.14 -0.58
C MET F 131 7.35 -11.11 0.51
N SER F 132 7.11 -11.53 1.74
CA SER F 132 7.24 -10.66 2.89
C SER F 132 8.72 -10.49 3.24
N LYS F 133 9.00 -9.47 4.08
CA LYS F 133 10.36 -9.21 4.53
C LYS F 133 10.92 -10.30 5.42
N THR F 134 10.04 -10.97 6.18
CA THR F 134 10.38 -12.14 6.96
C THR F 134 10.74 -13.31 6.06
N GLU F 135 9.97 -13.52 4.99
CA GLU F 135 10.23 -14.59 4.03
C GLU F 135 11.48 -14.34 3.19
N ALA F 136 11.76 -13.07 2.87
CA ALA F 136 12.97 -12.72 2.12
C ALA F 136 14.22 -12.84 2.98
N LEU F 137 14.10 -12.56 4.28
CA LEU F 137 15.23 -12.79 5.17
C LEU F 137 15.43 -14.26 5.48
N THR F 138 14.35 -15.06 5.50
CA THR F 138 14.46 -16.50 5.71
C THR F 138 15.11 -17.20 4.51
N GLN F 139 14.81 -16.70 3.30
CA GLN F 139 15.45 -17.25 2.10
C GLN F 139 16.91 -16.83 2.01
N ALA F 140 17.24 -15.59 2.44
CA ALA F 140 18.63 -15.18 2.52
C ALA F 140 19.39 -15.88 3.65
N PHE F 141 18.69 -16.32 4.69
CA PHE F 141 19.32 -17.11 5.74
C PHE F 141 19.61 -18.52 5.27
N ARG F 142 18.66 -19.13 4.57
CA ARG F 142 18.79 -20.52 4.19
C ARG F 142 19.57 -20.72 2.90
N ARG F 143 19.87 -19.64 2.17
CA ARG F 143 20.78 -19.76 1.03
C ARG F 143 22.22 -19.98 1.44
N SER F 144 22.59 -19.61 2.66
CA SER F 144 23.96 -19.67 3.15
C SER F 144 24.27 -20.93 3.94
N ILE F 145 23.39 -21.92 3.94
CA ILE F 145 23.69 -23.20 4.59
C ILE F 145 23.79 -24.25 3.50
N GLY F 146 25.02 -24.62 3.16
CA GLY F 146 25.25 -25.62 2.15
C GLY F 146 25.08 -27.03 2.72
N VAL F 147 24.43 -27.88 1.95
CA VAL F 147 24.24 -29.29 2.23
C VAL F 147 24.97 -30.03 1.11
N ARG F 148 26.14 -30.59 1.41
CA ARG F 148 26.90 -31.37 0.44
C ARG F 148 26.36 -32.79 0.46
N ILE F 149 25.65 -33.21 -0.59
CA ILE F 149 25.18 -34.59 -0.65
C ILE F 149 26.10 -35.36 -1.60
N LYS F 150 26.51 -36.56 -1.18
CA LYS F 150 27.27 -37.44 -2.05
C LYS F 150 26.43 -38.64 -2.43
N GLU F 151 26.75 -39.23 -3.58
CA GLU F 151 25.99 -40.39 -4.06
C GLU F 151 26.93 -41.32 -4.81
N GLU F 152 27.01 -42.57 -4.37
CA GLU F 152 27.94 -43.56 -4.90
C GLU F 152 27.50 -44.14 -6.26
N THR F 153 26.24 -43.94 -6.65
CA THR F 153 25.58 -44.39 -7.90
C THR F 153 25.70 -45.88 -8.21
N LYS F 252 32.40 -48.41 -12.60
CA LYS F 252 31.36 -49.20 -11.95
C LYS F 252 30.84 -48.49 -10.71
N ARG F 253 31.69 -47.71 -10.06
CA ARG F 253 31.30 -46.97 -8.86
C ARG F 253 31.96 -45.60 -8.90
N LYS F 254 31.14 -44.55 -8.88
CA LYS F 254 31.64 -43.18 -8.96
C LYS F 254 30.81 -42.31 -8.02
N GLU F 255 31.49 -41.55 -7.16
CA GLU F 255 30.84 -40.70 -6.16
C GLU F 255 30.53 -39.34 -6.76
N VAL F 256 29.32 -39.20 -7.31
CA VAL F 256 28.87 -37.88 -7.77
C VAL F 256 28.56 -37.01 -6.55
N VAL F 257 28.88 -35.72 -6.65
CA VAL F 257 28.76 -34.76 -5.55
C VAL F 257 27.77 -33.70 -5.97
N HIS F 258 26.70 -33.55 -5.19
CA HIS F 258 25.68 -32.54 -5.40
C HIS F 258 25.63 -31.64 -4.18
N THR F 259 26.54 -30.69 -4.15
CA THR F 259 26.46 -29.62 -3.17
C THR F 259 25.26 -28.74 -3.54
N VAL F 260 24.48 -28.36 -2.53
CA VAL F 260 23.21 -27.68 -2.76
C VAL F 260 22.97 -26.92 -1.48
N SER F 261 22.16 -25.86 -1.53
CA SER F 261 21.88 -25.14 -0.30
C SER F 261 20.50 -25.54 0.20
N LEU F 262 20.19 -25.13 1.44
CA LEU F 262 18.92 -25.48 2.07
C LEU F 262 17.73 -24.80 1.41
N HIS F 263 17.97 -23.62 0.82
CA HIS F 263 16.92 -22.89 0.12
C HIS F 263 16.50 -23.60 -1.16
N GLU F 264 17.45 -24.21 -1.87
CA GLU F 264 17.13 -24.91 -3.13
C GLU F 264 16.28 -26.15 -2.79
N ILE F 265 16.59 -26.83 -1.68
CA ILE F 265 15.81 -28.03 -1.26
C ILE F 265 14.39 -27.60 -0.93
N ASP F 266 14.22 -26.42 -0.31
CA ASP F 266 12.88 -25.93 0.09
C ASP F 266 12.10 -25.43 -1.13
N VAL F 267 12.79 -25.05 -2.20
CA VAL F 267 12.10 -24.59 -3.45
C VAL F 267 11.73 -25.81 -4.30
N ILE F 268 12.60 -26.82 -4.36
CA ILE F 268 12.32 -28.08 -5.13
C ILE F 268 11.13 -28.80 -4.51
N ASN F 269 11.04 -28.87 -3.17
CA ASN F 269 9.97 -29.65 -2.50
C ASN F 269 8.73 -28.78 -2.23
N SER F 270 8.74 -27.53 -2.69
CA SER F 270 7.60 -26.61 -2.42
C SER F 270 6.45 -26.89 -3.38
N ARG F 271 6.77 -27.42 -4.57
CA ARG F 271 5.78 -27.67 -5.59
C ARG F 271 6.40 -28.51 -6.70
N THR F 272 5.54 -29.12 -7.50
CA THR F 272 5.99 -29.73 -8.74
C THR F 272 6.39 -28.62 -9.71
N GLN F 273 7.46 -28.90 -10.48
CA GLN F 273 8.22 -27.95 -11.33
C GLN F 273 8.68 -26.73 -10.55
N GLY F 274 9.11 -26.94 -9.31
CA GLY F 274 9.62 -25.87 -8.48
C GLY F 274 11.09 -25.60 -8.64
N PHE F 275 11.77 -26.40 -9.44
CA PHE F 275 13.20 -26.19 -9.65
C PHE F 275 13.48 -25.09 -10.65
N LEU F 276 12.50 -24.66 -11.42
CA LEU F 276 12.66 -23.48 -12.27
C LEU F 276 12.39 -22.19 -11.50
N ALA F 277 11.83 -22.29 -10.30
CA ALA F 277 11.57 -21.12 -9.47
C ALA F 277 12.79 -20.68 -8.68
N LEU F 278 13.86 -21.45 -8.67
CA LEU F 278 15.17 -20.91 -8.31
C LEU F 278 15.72 -19.99 -9.38
N PHE F 279 15.36 -20.27 -10.63
CA PHE F 279 15.93 -19.61 -11.80
C PHE F 279 15.17 -18.31 -12.07
N SER F 280 13.86 -18.42 -12.31
CA SER F 280 13.00 -17.27 -12.54
C SER F 280 12.73 -16.47 -11.28
N GLY F 281 12.85 -17.08 -10.11
CA GLY F 281 12.64 -16.38 -8.86
C GLY F 281 11.19 -16.15 -8.49
N ASP F 282 10.25 -16.91 -9.06
CA ASP F 282 8.83 -16.71 -8.83
C ASP F 282 8.28 -17.59 -7.72
N THR F 283 9.11 -17.96 -6.75
CA THR F 283 8.60 -18.57 -5.53
C THR F 283 7.86 -17.54 -4.71
N GLY F 284 6.80 -17.98 -4.05
CA GLY F 284 6.05 -17.08 -3.20
C GLY F 284 6.60 -17.11 -1.80
N GLU F 285 5.74 -17.41 -0.84
CA GLU F 285 6.16 -17.74 0.50
C GLU F 285 6.11 -19.25 0.63
N ILE F 286 7.27 -19.86 0.86
CA ILE F 286 7.35 -21.27 1.20
C ILE F 286 6.76 -21.45 2.58
N LYS F 287 5.98 -22.52 2.77
CA LYS F 287 5.32 -22.79 4.03
C LYS F 287 6.36 -23.19 5.07
N SER F 288 6.09 -22.80 6.33
CA SER F 288 7.00 -23.12 7.43
C SER F 288 6.99 -24.60 7.78
N GLU F 289 5.86 -25.26 7.51
CA GLU F 289 5.70 -26.70 7.71
C GLU F 289 6.58 -27.50 6.77
N VAL F 290 6.79 -26.97 5.56
CA VAL F 290 7.65 -27.60 4.57
C VAL F 290 9.12 -27.48 5.00
N ARG F 291 9.48 -26.34 5.61
CA ARG F 291 10.84 -26.11 6.10
C ARG F 291 11.18 -26.96 7.31
N GLU F 292 10.19 -27.33 8.14
CA GLU F 292 10.48 -28.29 9.20
C GLU F 292 10.66 -29.70 8.65
N GLN F 293 9.95 -30.06 7.56
CA GLN F 293 10.20 -31.37 6.95
C GLN F 293 11.55 -31.46 6.22
N ILE F 294 12.05 -30.35 5.67
CA ILE F 294 13.41 -30.35 5.13
C ILE F 294 14.45 -30.32 6.25
N ASN F 295 14.22 -29.58 7.33
CA ASN F 295 15.27 -29.49 8.37
C ASN F 295 15.42 -30.86 9.05
N ALA F 296 14.31 -31.58 9.23
CA ALA F 296 14.33 -32.91 9.88
C ALA F 296 15.01 -33.94 8.98
N LYS F 297 14.68 -33.94 7.69
CA LYS F 297 15.31 -34.86 6.72
C LYS F 297 16.83 -34.61 6.67
N VAL F 298 17.23 -33.33 6.68
CA VAL F 298 18.68 -32.99 6.60
C VAL F 298 19.36 -33.44 7.89
N ALA F 299 18.70 -33.28 9.04
CA ALA F 299 19.27 -33.78 10.31
C ALA F 299 19.42 -35.30 10.23
N GLU F 300 18.40 -35.98 9.70
CA GLU F 300 18.47 -37.45 9.55
C GLU F 300 19.64 -37.83 8.65
N TRP F 301 19.69 -37.27 7.45
CA TRP F 301 20.85 -37.53 6.54
C TRP F 301 22.15 -37.24 7.28
N ARG F 302 22.26 -36.10 7.98
CA ARG F 302 23.54 -35.76 8.57
C ARG F 302 23.96 -36.82 9.57
N GLU F 303 23.00 -37.36 10.34
CA GLU F 303 23.36 -38.42 11.28
C GLU F 303 23.59 -39.75 10.57
N GLU F 304 22.99 -39.96 9.39
CA GLU F 304 23.31 -41.16 8.64
C GLU F 304 24.55 -41.02 7.77
N GLY F 305 25.12 -39.82 7.67
CA GLY F 305 26.35 -39.60 6.93
C GLY F 305 26.18 -39.38 5.45
N LYS F 306 24.94 -39.25 4.97
CA LYS F 306 24.72 -39.00 3.55
C LYS F 306 24.96 -37.54 3.18
N ALA F 307 24.96 -36.63 4.15
CA ALA F 307 25.08 -35.21 3.87
C ALA F 307 26.07 -34.58 4.85
N GLU F 308 26.76 -33.55 4.37
CA GLU F 308 27.69 -32.78 5.18
C GLU F 308 27.28 -31.31 5.18
N ILE F 309 27.01 -30.77 6.36
CA ILE F 309 26.58 -29.38 6.47
C ILE F 309 27.78 -28.46 6.47
N ILE F 310 27.75 -27.50 5.54
CA ILE F 310 28.84 -26.49 5.46
C ILE F 310 28.18 -25.13 5.71
N PRO F 311 28.15 -24.64 6.97
CA PRO F 311 27.48 -23.38 7.28
C PRO F 311 28.26 -22.28 6.63
N GLY F 312 27.61 -21.15 6.33
CA GLY F 312 28.31 -20.09 5.59
C GLY F 312 28.05 -18.72 6.13
N VAL F 313 28.21 -17.68 5.31
CA VAL F 313 28.06 -16.28 5.81
C VAL F 313 26.89 -15.60 5.09
N LEU F 314 26.32 -14.56 5.71
CA LEU F 314 25.27 -13.74 5.07
C LEU F 314 25.75 -12.30 5.27
N PHE F 315 26.16 -11.63 4.20
CA PHE F 315 26.59 -10.21 4.33
C PHE F 315 25.43 -9.32 4.00
N ILE F 316 24.89 -8.63 5.01
CA ILE F 316 23.82 -7.65 4.76
C ILE F 316 24.49 -6.27 4.82
N ASP F 317 24.83 -5.71 3.67
CA ASP F 317 25.49 -4.38 3.61
C ASP F 317 24.43 -3.29 3.79
N GLU F 318 24.81 -2.08 4.17
CA GLU F 318 23.78 -1.05 4.40
C GLU F 318 22.62 -1.71 5.14
N VAL F 319 22.87 -2.27 6.31
CA VAL F 319 21.81 -2.95 7.10
C VAL F 319 20.86 -1.88 7.65
N HIS F 320 21.33 -0.65 7.79
CA HIS F 320 20.49 0.45 8.33
C HIS F 320 19.19 0.58 7.52
N MET F 321 19.13 -0.01 6.33
CA MET F 321 17.95 0.15 5.45
C MET F 321 16.87 -0.89 5.79
N LEU F 322 17.02 -1.62 6.89
CA LEU F 322 15.98 -2.58 7.33
C LEU F 322 15.07 -1.86 8.33
N ASP F 323 13.83 -2.31 8.48
CA ASP F 323 12.86 -1.67 9.41
C ASP F 323 12.81 -2.43 10.74
N ILE F 324 12.02 -1.95 11.69
CA ILE F 324 12.00 -2.55 13.05
C ILE F 324 11.48 -4.00 13.03
N GLU F 325 10.54 -4.34 12.15
CA GLU F 325 9.97 -5.69 12.11
C GLU F 325 10.98 -6.69 11.57
N SER F 326 11.79 -6.26 10.62
CA SER F 326 12.82 -7.10 10.07
C SER F 326 14.01 -7.22 11.02
N PHE F 327 14.27 -6.19 11.83
CA PHE F 327 15.29 -6.27 12.87
C PHE F 327 14.82 -7.19 14.00
N SER F 328 13.53 -7.20 14.29
CA SER F 328 13.01 -8.08 15.30
C SER F 328 12.92 -9.51 14.81
N PHE F 329 12.83 -9.70 13.49
CA PHE F 329 12.96 -11.06 12.95
C PHE F 329 14.40 -11.54 13.04
N LEU F 330 15.37 -10.62 12.93
CA LEU F 330 16.77 -10.97 13.13
C LEU F 330 17.09 -11.32 14.57
N ASN F 331 16.31 -10.77 15.52
CA ASN F 331 16.47 -11.10 16.94
C ASN F 331 16.17 -12.57 17.25
N ARG F 332 15.26 -13.19 16.52
CA ARG F 332 14.96 -14.60 16.71
C ARG F 332 15.51 -15.53 15.65
N ALA F 333 15.87 -15.03 14.47
CA ALA F 333 16.45 -15.89 13.44
C ALA F 333 17.89 -16.26 13.75
N LEU F 334 18.58 -15.44 14.52
CA LEU F 334 19.96 -15.73 14.89
C LEU F 334 20.06 -16.73 16.03
N GLU F 335 18.98 -17.02 16.72
CA GLU F 335 18.99 -17.99 17.80
C GLU F 335 18.68 -19.41 17.32
N SER F 336 18.41 -19.58 16.03
CA SER F 336 18.11 -20.88 15.47
C SER F 336 19.38 -21.71 15.31
N ASP F 337 19.20 -23.03 15.30
CA ASP F 337 20.31 -23.98 15.17
C ASP F 337 20.92 -23.99 13.78
N MET F 338 20.18 -23.55 12.76
CA MET F 338 20.64 -23.57 11.37
C MET F 338 20.99 -22.18 10.85
N ALA F 339 21.24 -21.23 11.73
CA ALA F 339 21.52 -19.87 11.25
C ALA F 339 22.97 -19.75 10.78
N PRO F 340 23.21 -19.10 9.64
CA PRO F 340 24.58 -18.74 9.24
C PRO F 340 25.13 -17.60 10.06
N VAL F 341 26.46 -17.46 10.01
CA VAL F 341 27.13 -16.27 10.53
C VAL F 341 26.71 -15.06 9.70
N LEU F 342 26.39 -13.96 10.38
CA LEU F 342 25.74 -12.81 9.77
C LEU F 342 26.65 -11.59 9.92
N ILE F 343 27.32 -11.23 8.86
CA ILE F 343 28.11 -9.99 8.85
C ILE F 343 27.24 -8.88 8.28
N MET F 344 27.45 -7.66 8.79
CA MET F 344 26.65 -6.49 8.49
C MET F 344 27.57 -5.27 8.51
N ALA F 345 27.23 -4.27 7.71
CA ALA F 345 28.05 -3.07 7.61
C ALA F 345 27.17 -1.84 7.68
N THR F 346 27.60 -0.84 8.44
CA THR F 346 26.82 0.38 8.61
C THR F 346 27.77 1.57 8.74
N ASN F 347 27.53 2.61 7.95
CA ASN F 347 28.21 3.89 8.12
C ASN F 347 27.40 4.91 8.93
N ARG F 348 26.21 4.54 9.39
CA ARG F 348 25.29 5.46 10.02
C ARG F 348 25.69 5.75 11.48
N GLY F 349 25.30 6.92 11.97
CA GLY F 349 25.49 7.31 13.36
C GLY F 349 24.30 7.03 14.24
N ILE F 350 24.12 7.83 15.28
CA ILE F 350 22.97 7.66 16.18
C ILE F 350 21.76 8.25 15.47
N THR F 351 21.04 7.39 14.73
CA THR F 351 19.96 7.81 13.87
C THR F 351 18.67 7.09 14.20
N ARG F 352 17.62 7.50 13.49
CA ARG F 352 16.31 6.93 13.64
C ARG F 352 16.23 5.58 12.88
N ILE F 353 15.54 4.59 13.48
CA ILE F 353 15.22 3.34 12.81
C ILE F 353 14.16 3.59 11.75
N ARG F 354 14.20 2.82 10.64
CA ARG F 354 13.38 3.06 9.45
C ARG F 354 11.89 2.80 9.68
N GLY F 355 11.53 1.90 10.58
CA GLY F 355 10.13 1.68 10.85
C GLY F 355 9.53 2.48 11.99
N THR F 356 10.35 3.11 12.81
CA THR F 356 9.90 3.82 14.01
C THR F 356 10.47 5.24 14.04
N SER F 357 10.38 5.87 15.21
CA SER F 357 10.86 7.23 15.41
C SER F 357 11.94 7.36 16.46
N TYR F 358 12.29 6.28 17.15
CA TYR F 358 13.31 6.32 18.19
C TYR F 358 14.70 6.40 17.57
N GLN F 359 15.62 7.04 18.30
CA GLN F 359 17.01 7.15 17.88
C GLN F 359 17.86 6.13 18.63
N SER F 360 18.68 5.40 17.89
CA SER F 360 19.54 4.36 18.41
C SER F 360 20.85 4.42 17.64
N PRO F 361 21.96 3.93 18.23
CA PRO F 361 23.22 3.84 17.46
C PRO F 361 23.17 2.90 16.25
N HIS F 362 23.85 3.34 15.18
CA HIS F 362 23.96 2.75 13.84
C HIS F 362 22.63 2.54 13.10
N GLY F 363 21.51 3.12 13.53
CA GLY F 363 20.24 2.81 12.92
C GLY F 363 19.66 1.45 13.29
N ILE F 364 20.22 0.81 14.32
CA ILE F 364 19.92 -0.56 14.69
C ILE F 364 19.50 -0.49 16.15
N PRO F 365 18.41 -1.15 16.56
CA PRO F 365 18.00 -1.14 17.96
C PRO F 365 18.96 -1.88 18.88
N ILE F 366 18.93 -1.48 20.16
CA ILE F 366 19.82 -2.00 21.19
C ILE F 366 19.48 -3.45 21.56
N ASP F 367 18.25 -3.88 21.27
CA ASP F 367 17.83 -5.27 21.35
C ASP F 367 18.57 -6.16 20.34
N LEU F 368 18.90 -5.64 19.16
CA LEU F 368 19.74 -6.41 18.23
C LEU F 368 21.22 -6.16 18.47
N LEU F 369 21.60 -4.95 18.91
CA LEU F 369 23.00 -4.59 19.19
C LEU F 369 23.56 -5.30 20.41
N ASP F 370 22.69 -5.83 21.28
CA ASP F 370 23.08 -6.78 22.32
C ASP F 370 23.62 -8.09 21.74
N ARG F 371 23.15 -8.51 20.57
CA ARG F 371 23.52 -9.78 19.97
C ARG F 371 24.76 -9.74 19.07
N LEU F 372 25.42 -8.60 18.90
CA LEU F 372 26.47 -8.49 17.89
C LEU F 372 27.85 -8.30 18.52
N LEU F 373 28.86 -8.30 17.66
CA LEU F 373 30.23 -7.90 18.02
C LEU F 373 30.71 -6.82 17.05
N ILE F 374 30.74 -5.58 17.53
CA ILE F 374 31.06 -4.44 16.68
C ILE F 374 32.55 -4.44 16.35
N VAL F 375 32.89 -4.19 15.09
CA VAL F 375 34.25 -4.01 14.62
C VAL F 375 34.33 -2.59 14.07
N SER F 376 35.02 -1.71 14.78
CA SER F 376 35.19 -0.34 14.34
C SER F 376 36.25 -0.25 13.25
N THR F 377 36.11 0.74 12.37
CA THR F 377 37.12 0.99 11.35
C THR F 377 37.59 2.43 11.43
N THR F 378 38.90 2.59 11.61
CA THR F 378 39.59 3.87 11.77
C THR F 378 39.70 4.60 10.43
N PRO F 379 39.57 5.94 10.41
CA PRO F 379 39.97 6.72 9.25
C PRO F 379 41.47 6.66 8.95
N TYR F 380 41.81 6.74 7.67
CA TYR F 380 43.16 6.58 7.17
C TYR F 380 44.03 7.81 7.38
N SER F 381 45.34 7.56 7.45
CA SER F 381 46.37 8.60 7.52
C SER F 381 46.83 8.95 6.11
N GLU F 382 47.95 9.68 6.01
CA GLU F 382 48.48 10.10 4.71
C GLU F 382 49.14 8.96 3.96
N LYS F 383 49.95 8.16 4.67
CA LYS F 383 50.67 7.06 4.04
C LYS F 383 49.74 5.90 3.68
N ASP F 384 48.65 5.73 4.43
CA ASP F 384 47.67 4.70 4.08
C ASP F 384 46.83 5.09 2.88
N THR F 385 46.52 6.38 2.74
CA THR F 385 45.81 6.89 1.57
C THR F 385 46.68 6.83 0.32
N LYS F 386 47.98 7.08 0.50
CA LYS F 386 48.93 6.97 -0.61
C LYS F 386 49.13 5.52 -1.05
N GLN F 387 49.08 4.57 -0.11
CA GLN F 387 49.27 3.18 -0.48
C GLN F 387 48.00 2.56 -1.06
N ILE F 388 46.82 3.09 -0.72
CA ILE F 388 45.59 2.71 -1.43
C ILE F 388 45.66 3.17 -2.88
N LEU F 389 46.26 4.36 -3.13
CA LEU F 389 46.44 4.83 -4.50
C LEU F 389 47.47 4.00 -5.30
N ARG F 390 48.51 3.43 -4.64
CA ARG F 390 49.47 2.62 -5.41
C ARG F 390 48.92 1.23 -5.74
N ILE F 391 48.16 0.61 -4.81
CA ILE F 391 47.50 -0.67 -5.13
C ILE F 391 46.39 -0.47 -6.17
N ARG F 392 45.70 0.68 -6.14
CA ARG F 392 44.71 0.92 -7.19
C ARG F 392 45.33 1.32 -8.52
N CYS F 393 46.40 2.12 -8.54
CA CYS F 393 46.96 2.46 -9.87
C CYS F 393 47.47 1.19 -10.54
N GLU F 394 47.78 0.14 -9.77
CA GLU F 394 48.22 -1.15 -10.36
C GLU F 394 47.02 -1.90 -10.96
N GLU F 395 45.90 -1.98 -10.24
CA GLU F 395 44.72 -2.73 -10.73
C GLU F 395 44.20 -2.08 -12.02
N GLU F 396 44.22 -0.76 -12.09
CA GLU F 396 43.75 -0.02 -13.30
C GLU F 396 44.90 0.03 -14.31
N ASP F 397 46.08 -0.45 -13.93
CA ASP F 397 47.26 -0.49 -14.84
C ASP F 397 47.60 0.92 -15.33
N VAL F 398 47.87 1.84 -14.42
CA VAL F 398 48.29 3.23 -14.81
C VAL F 398 49.63 3.51 -14.12
N GLU F 399 50.60 4.04 -14.87
CA GLU F 399 51.91 4.38 -14.29
C GLU F 399 51.90 5.87 -13.94
N MET F 400 52.04 6.20 -12.66
CA MET F 400 51.98 7.61 -12.26
C MET F 400 53.32 8.07 -11.69
N SER F 401 53.61 9.35 -11.90
CA SER F 401 54.79 9.97 -11.31
C SER F 401 54.60 10.18 -9.82
N GLU F 402 55.73 10.24 -9.09
CA GLU F 402 55.72 10.38 -7.64
C GLU F 402 55.22 11.74 -7.16
N ASP F 403 55.42 12.79 -7.96
CA ASP F 403 54.88 14.11 -7.63
C ASP F 403 53.36 14.14 -7.80
N ALA F 404 52.86 13.38 -8.77
CA ALA F 404 51.43 13.23 -8.95
C ALA F 404 50.82 12.35 -7.87
N TYR F 405 51.61 11.44 -7.29
CA TYR F 405 51.17 10.64 -6.16
C TYR F 405 51.03 11.50 -4.91
N THR F 406 51.92 12.49 -4.74
CA THR F 406 51.84 13.37 -3.57
C THR F 406 50.68 14.35 -3.70
N VAL F 407 50.44 14.84 -4.92
CA VAL F 407 49.33 15.77 -5.16
C VAL F 407 47.98 15.04 -5.09
N LEU F 408 47.93 13.79 -5.58
CA LEU F 408 46.72 12.99 -5.46
C LEU F 408 46.44 12.51 -4.04
N THR F 409 47.49 12.31 -3.23
CA THR F 409 47.27 12.03 -1.81
C THR F 409 46.79 13.27 -1.06
N ARG F 410 47.25 14.46 -1.46
CA ARG F 410 46.76 15.71 -0.87
C ARG F 410 45.30 15.99 -1.25
N ILE F 411 44.92 15.65 -2.49
CA ILE F 411 43.53 15.70 -2.94
C ILE F 411 42.68 14.65 -2.21
N GLY F 412 43.25 13.47 -1.98
CA GLY F 412 42.52 12.41 -1.32
C GLY F 412 42.39 12.57 0.18
N LEU F 413 43.25 13.40 0.77
CA LEU F 413 43.08 13.76 2.17
C LEU F 413 42.22 14.98 2.36
N GLU F 414 42.15 15.85 1.34
CA GLU F 414 41.40 17.09 1.48
C GLU F 414 39.91 16.85 1.31
N THR F 415 39.52 16.03 0.33
CA THR F 415 38.11 15.86 0.00
C THR F 415 37.56 14.49 0.39
N SER F 416 38.08 13.42 -0.21
CA SER F 416 37.55 12.07 -0.07
C SER F 416 38.55 11.10 -0.66
N LEU F 417 38.49 9.85 -0.21
CA LEU F 417 39.33 8.81 -0.79
C LEU F 417 38.82 8.37 -2.16
N ARG F 418 37.50 8.16 -2.27
CA ARG F 418 36.89 7.64 -3.48
C ARG F 418 36.91 8.61 -4.65
N TYR F 419 36.95 9.93 -4.37
CA TYR F 419 37.16 10.92 -5.43
C TYR F 419 38.55 10.82 -6.01
N ALA F 420 39.55 10.56 -5.16
CA ALA F 420 40.90 10.36 -5.65
C ALA F 420 41.09 9.01 -6.32
N ILE F 421 40.22 8.04 -6.02
CA ILE F 421 40.24 6.78 -6.75
C ILE F 421 39.72 6.98 -8.17
N GLN F 422 38.62 7.74 -8.34
CA GLN F 422 38.11 7.94 -9.69
C GLN F 422 38.87 8.99 -10.49
N LEU F 423 39.74 9.78 -9.86
CA LEU F 423 40.60 10.65 -10.67
C LEU F 423 41.73 9.92 -11.38
N ILE F 424 42.06 8.69 -10.97
CA ILE F 424 43.22 7.96 -11.51
C ILE F 424 42.98 7.50 -12.95
N THR F 425 41.79 6.97 -13.24
CA THR F 425 41.48 6.43 -14.56
C THR F 425 41.23 7.55 -15.58
N ALA F 426 40.52 8.59 -15.17
CA ALA F 426 40.29 9.73 -16.04
C ALA F 426 41.56 10.56 -16.24
N ALA F 427 42.49 10.54 -15.28
CA ALA F 427 43.81 11.14 -15.49
C ALA F 427 44.65 10.31 -16.45
N SER F 428 44.44 8.99 -16.46
CA SER F 428 45.11 8.12 -17.42
C SER F 428 44.60 8.36 -18.84
N LEU F 429 43.32 8.72 -18.98
CA LEU F 429 42.81 9.00 -20.32
C LEU F 429 43.18 10.39 -20.82
N VAL F 430 43.41 11.34 -19.90
CA VAL F 430 43.96 12.64 -20.29
C VAL F 430 45.43 12.48 -20.71
N CYS F 431 46.15 11.57 -20.03
CA CYS F 431 47.51 11.21 -20.46
C CYS F 431 47.53 10.42 -21.77
N ARG F 432 46.49 9.66 -22.07
CA ARG F 432 46.45 8.97 -23.36
C ARG F 432 46.09 9.91 -24.52
N LYS F 433 45.29 10.95 -24.26
CA LYS F 433 44.96 11.87 -25.36
C LYS F 433 46.07 12.85 -25.69
N ARG F 434 47.01 13.09 -24.78
CA ARG F 434 48.20 13.88 -25.10
C ARG F 434 49.32 13.02 -25.69
N LYS F 435 49.09 11.69 -25.80
CA LYS F 435 50.03 10.66 -26.28
C LYS F 435 51.32 10.62 -25.45
N GLY F 436 51.19 10.81 -24.15
CA GLY F 436 52.23 10.49 -23.22
C GLY F 436 52.13 9.08 -22.68
N THR F 437 53.06 8.77 -21.78
CA THR F 437 53.14 7.50 -21.06
C THR F 437 52.99 7.69 -19.55
N GLU F 438 53.78 8.60 -18.98
CA GLU F 438 53.73 8.90 -17.56
C GLU F 438 52.69 9.96 -17.27
N VAL F 439 51.88 9.73 -16.24
CA VAL F 439 50.85 10.68 -15.85
C VAL F 439 51.51 11.75 -15.00
N GLN F 440 51.39 13.00 -15.43
CA GLN F 440 52.03 14.10 -14.72
C GLN F 440 51.03 14.77 -13.80
N VAL F 441 51.52 15.80 -13.10
CA VAL F 441 50.72 16.58 -12.17
C VAL F 441 49.71 17.46 -12.91
N ASP F 442 50.04 17.85 -14.14
CA ASP F 442 49.15 18.66 -14.97
C ASP F 442 47.93 17.89 -15.45
N ASP F 443 48.06 16.57 -15.66
CA ASP F 443 46.90 15.74 -15.96
C ASP F 443 45.98 15.59 -14.75
N ILE F 444 46.55 15.60 -13.54
CA ILE F 444 45.78 15.54 -12.31
C ILE F 444 45.05 16.85 -12.09
N LYS F 445 45.72 17.99 -12.34
CA LYS F 445 45.11 19.30 -12.17
C LYS F 445 44.07 19.61 -13.25
N ARG F 446 44.24 19.06 -14.45
CA ARG F 446 43.26 19.22 -15.52
C ARG F 446 42.00 18.41 -15.24
N VAL F 447 42.18 17.18 -14.75
CA VAL F 447 41.03 16.35 -14.42
C VAL F 447 40.36 16.80 -13.12
N TYR F 448 41.14 17.43 -12.22
CA TYR F 448 40.60 18.05 -11.01
C TYR F 448 39.77 19.28 -11.35
N SER F 449 40.08 19.96 -12.45
CA SER F 449 39.22 21.03 -12.91
C SER F 449 38.06 20.50 -13.75
N LEU F 450 38.19 19.31 -14.32
CA LEU F 450 37.13 18.77 -15.17
C LEU F 450 35.97 18.20 -14.37
N PHE F 451 36.29 17.39 -13.36
CA PHE F 451 35.22 16.70 -12.58
C PHE F 451 35.23 17.22 -11.16
N LEU F 452 34.07 17.57 -10.62
CA LEU F 452 34.01 18.18 -9.27
C LEU F 452 33.72 17.11 -8.22
N ASP F 453 33.69 17.51 -6.95
CA ASP F 453 33.38 16.60 -5.84
C ASP F 453 32.23 17.25 -5.06
N GLU F 454 31.56 16.51 -4.18
CA GLU F 454 30.38 17.10 -3.50
C GLU F 454 30.76 18.46 -2.93
N SER F 455 31.86 18.57 -2.18
CA SER F 455 32.21 19.83 -1.51
C SER F 455 32.15 21.00 -2.50
N ARG F 456 32.89 20.91 -3.60
CA ARG F 456 32.92 22.00 -4.60
C ARG F 456 31.56 22.07 -5.32
N SER F 457 30.97 20.91 -5.61
CA SER F 457 29.63 20.87 -6.27
C SER F 457 28.62 21.63 -5.39
N THR F 458 28.62 21.38 -4.09
CA THR F 458 27.61 22.03 -3.22
C THR F 458 27.82 23.53 -3.20
N GLN F 459 29.08 23.98 -3.19
CA GLN F 459 29.38 25.43 -3.21
C GLN F 459 28.74 26.06 -4.45
N TYR F 460 28.99 25.49 -5.64
CA TYR F 460 28.46 26.11 -6.89
C TYR F 460 26.94 26.13 -6.85
N MET F 461 26.33 25.15 -6.18
CA MET F 461 24.84 25.06 -6.10
C MET F 461 24.33 26.17 -5.18
N LYS F 462 25.18 26.71 -4.31
CA LYS F 462 24.72 27.75 -3.35
C LYS F 462 24.24 28.97 -4.14
N GLU F 463 24.93 29.32 -5.23
CA GLU F 463 24.56 30.51 -6.03
C GLU F 463 23.29 30.25 -6.84
N TYR F 464 23.18 29.08 -7.48
CA TYR F 464 22.02 28.80 -8.37
C TYR F 464 20.94 28.08 -7.57
N GLN F 465 20.96 28.20 -6.25
CA GLN F 465 19.94 27.57 -5.38
C GLN F 465 18.58 28.18 -5.74
N ASP F 466 18.59 29.39 -6.31
CA ASP F 466 17.32 29.99 -6.80
C ASP F 466 17.11 29.59 -8.25
N ALA F 467 18.11 28.94 -8.87
CA ALA F 467 17.97 28.45 -10.26
C ALA F 467 17.68 26.95 -10.22
N PHE F 468 18.22 26.28 -9.21
CA PHE F 468 18.01 24.82 -9.04
C PHE F 468 16.65 24.61 -8.42
N LEU F 469 16.00 23.49 -8.76
CA LEU F 469 14.65 23.20 -8.22
C LEU F 469 14.81 22.52 -6.84
#